data_5TZX
#
_entry.id   5TZX
#
_cell.length_a   55.669
_cell.length_b   72.703
_cell.length_c   90.360
_cell.angle_alpha   109.280
_cell.angle_beta   90.960
_cell.angle_gamma   90.970
#
_symmetry.space_group_name_H-M   'P 1'
#
loop_
_entity.id
_entity.type
_entity.pdbx_description
1 polymer "cGMP-dependent 3',5'-cyclic phosphodiesterase"
2 non-polymer (3-chloro-4-fluorophenyl)[(5S)-3,3-difluoro-5-(5-methyl[1,2,4]triazolo[1,5-a]pyrimidin-7-yl)piperidin-1-yl]methanone
3 non-polymer 'ZINC ION'
4 non-polymer 'MAGNESIUM ION'
5 water water
#
_entity_poly.entity_id   1
_entity_poly.type   'polypeptide(L)'
_entity_poly.pdbx_seq_one_letter_code
;SAMDDEYTKLLHDGIQPVAAIDSNFASFTYTPRSLPEDDTSMAILSMLQDMNFINNYKIDCPTLARFCLMVKKGYRDPPY
HNWMHAFSVSHFCYLLYKNLELTNYLEDIEIFALFISCMCHDLDHRGTNNSFQVASKSVLAALYSSEGSVMERHHFAQAI
AILNTHGCNIFDHFSRKDYQRMLDLMRDIILATDLAHHLRIFKDLQKMAEVGYDRNNKQHHRLLLCLLMTSCDLSDQTKG
WKTTRKIAELIYKEFFSQGDLEKAMGNRPMEMMDREKAYIPELQISFMEHIAMPIYKLLQDLFPKAAELYERVASNREHW
TKVSHKFTIRGLPSNNSLDFLDEE
;
_entity_poly.pdbx_strand_id   A,B,C,D
#
# COMPACT_ATOMS: atom_id res chain seq x y z
N SER A 1 8.78 22.14 -5.24
CA SER A 1 8.07 21.83 -4.01
C SER A 1 7.59 23.09 -3.30
N ALA A 2 6.35 23.04 -2.83
CA ALA A 2 5.74 24.26 -2.33
C ALA A 2 6.26 24.60 -0.94
N MET A 3 6.24 23.63 0.00
CA MET A 3 6.76 23.94 1.32
C MET A 3 8.22 24.37 1.28
N ASP A 4 8.96 23.92 0.27
CA ASP A 4 10.38 24.27 0.15
C ASP A 4 10.57 25.78 0.05
N ASP A 5 9.88 26.42 -0.90
CA ASP A 5 10.11 27.85 -1.09
C ASP A 5 9.41 28.67 -0.03
N GLU A 6 8.32 28.16 0.53
CA GLU A 6 7.71 28.84 1.67
C GLU A 6 8.62 28.77 2.87
N TYR A 7 9.30 27.65 3.07
CA TYR A 7 10.28 27.55 4.16
C TYR A 7 11.45 28.49 3.93
N THR A 8 11.91 28.56 2.67
CA THR A 8 13.07 29.40 2.36
C THR A 8 12.80 30.87 2.71
N LYS A 9 11.62 31.39 2.32
CA LYS A 9 11.30 32.78 2.62
C LYS A 9 11.07 32.98 4.10
N LEU A 10 10.33 32.07 4.73
CA LEU A 10 10.03 32.17 6.15
C LEU A 10 11.30 32.10 7.00
N LEU A 11 12.38 31.55 6.46
CA LEU A 11 13.61 31.39 7.23
C LEU A 11 14.58 32.54 6.96
N HIS A 12 14.78 32.92 5.69
CA HIS A 12 15.84 33.83 5.30
C HIS A 12 15.38 35.28 5.21
N ASP A 13 14.08 35.56 5.11
CA ASP A 13 13.59 36.92 5.00
C ASP A 13 13.57 37.63 6.34
N GLY A 14 13.36 36.89 7.42
CA GLY A 14 13.28 37.48 8.74
C GLY A 14 11.86 37.51 9.26
N ILE A 15 11.74 37.76 10.55
CA ILE A 15 10.43 37.75 11.21
C ILE A 15 9.84 39.15 11.20
N GLN A 16 8.67 39.28 10.57
CA GLN A 16 8.00 40.57 10.51
C GLN A 16 7.57 41.00 11.91
N PRO A 17 7.69 42.29 12.25
CA PRO A 17 7.24 42.74 13.58
C PRO A 17 5.75 42.56 13.72
N VAL A 18 5.28 42.21 14.93
CA VAL A 18 3.86 41.91 15.10
C VAL A 18 2.99 43.08 14.68
N ALA A 19 3.41 44.31 14.99
CA ALA A 19 2.64 45.48 14.58
C ALA A 19 2.56 45.62 13.06
N ALA A 20 3.50 45.07 12.32
CA ALA A 20 3.44 45.10 10.87
C ALA A 20 2.58 43.97 10.30
N ILE A 21 1.84 43.27 11.16
CA ILE A 21 0.78 42.36 10.71
C ILE A 21 -0.55 43.08 10.68
N ASP A 22 -0.91 43.72 11.79
CA ASP A 22 -2.08 44.58 11.88
C ASP A 22 -1.88 45.50 13.08
N SER A 23 -2.31 46.75 12.95
CA SER A 23 -2.03 47.68 14.04
C SER A 23 -2.90 47.43 15.27
N ASN A 24 -3.83 46.48 15.23
CA ASN A 24 -4.57 46.05 16.41
C ASN A 24 -4.36 44.57 16.69
N PHE A 25 -3.24 44.02 16.22
CA PHE A 25 -3.03 42.58 16.29
C PHE A 25 -3.09 42.05 17.72
N ALA A 26 -2.65 42.85 18.69
CA ALA A 26 -2.56 42.45 20.08
C ALA A 26 -3.81 42.77 20.88
N SER A 27 -4.88 43.17 20.21
CA SER A 27 -6.10 43.60 20.88
C SER A 27 -7.13 42.49 20.88
N PHE A 28 -7.92 42.44 21.97
CA PHE A 28 -9.01 41.50 22.07
C PHE A 28 -10.08 41.70 20.99
N THR A 29 -10.14 42.88 20.36
CA THR A 29 -11.10 43.13 19.30
C THR A 29 -10.61 42.66 17.95
N TYR A 30 -9.40 42.12 17.85
CA TYR A 30 -8.90 41.71 16.56
C TYR A 30 -9.48 40.36 16.16
N THR A 31 -9.72 40.18 14.86
CA THR A 31 -10.25 38.92 14.34
C THR A 31 -9.16 38.29 13.49
N PRO A 32 -8.40 37.31 14.02
CA PRO A 32 -7.26 36.80 13.23
C PRO A 32 -7.68 36.04 12.00
N ARG A 33 -8.91 35.53 11.92
CA ARG A 33 -9.40 35.02 10.65
C ARG A 33 -9.34 36.06 9.53
N SER A 34 -9.17 37.34 9.84
CA SER A 34 -8.99 38.35 8.79
C SER A 34 -7.65 38.21 8.09
N LEU A 35 -6.68 37.58 8.73
CA LEU A 35 -5.36 37.47 8.14
C LEU A 35 -5.41 36.46 6.99
N PRO A 36 -4.95 36.83 5.79
CA PRO A 36 -4.81 35.82 4.74
C PRO A 36 -4.01 34.64 5.23
N GLU A 37 -4.49 33.44 4.88
CA GLU A 37 -3.86 32.20 5.31
C GLU A 37 -2.40 32.14 4.89
N ASP A 38 -2.07 32.71 3.73
CA ASP A 38 -0.67 32.79 3.31
C ASP A 38 0.21 33.59 4.26
N ASP A 39 -0.37 34.41 5.15
CA ASP A 39 0.37 35.24 6.10
C ASP A 39 0.46 34.63 7.49
N THR A 40 -0.12 33.45 7.71
CA THR A 40 -0.29 33.01 9.09
C THR A 40 0.97 32.35 9.67
N SER A 41 1.70 31.59 8.85
CA SER A 41 2.94 31.01 9.38
C SER A 41 3.92 32.11 9.79
N MET A 42 3.92 33.23 9.08
CA MET A 42 4.78 34.33 9.49
C MET A 42 4.26 34.99 10.77
N ALA A 43 2.94 35.15 10.88
CA ALA A 43 2.35 35.66 12.11
C ALA A 43 2.68 34.77 13.31
N ILE A 44 2.62 33.44 13.12
CA ILE A 44 3.05 32.50 14.16
C ILE A 44 4.47 32.82 14.63
N LEU A 45 5.38 33.03 13.68
CA LEU A 45 6.75 33.39 14.05
C LEU A 45 6.81 34.74 14.78
N SER A 46 6.05 35.73 14.30
CA SER A 46 6.03 37.03 14.95
C SER A 46 5.58 36.92 16.40
N MET A 47 4.50 36.18 16.68
CA MET A 47 4.01 36.05 18.05
C MET A 47 5.02 35.34 18.94
N LEU A 48 5.58 34.23 18.46
CA LEU A 48 6.62 33.51 19.21
C LEU A 48 7.79 34.41 19.53
N GLN A 49 8.18 35.28 18.60
CA GLN A 49 9.25 36.25 18.84
C GLN A 49 8.79 37.33 19.81
N ASP A 50 7.54 37.79 19.67
CA ASP A 50 7.06 38.90 20.50
C ASP A 50 6.88 38.48 21.96
N MET A 51 6.63 37.20 22.20
CA MET A 51 6.59 36.68 23.56
C MET A 51 7.97 36.22 24.05
N ASN A 52 9.00 36.41 23.24
CA ASN A 52 10.40 36.17 23.58
C ASN A 52 10.72 34.69 23.71
N PHE A 53 9.81 33.82 23.25
CA PHE A 53 10.03 32.38 23.37
C PHE A 53 11.19 31.91 22.50
N ILE A 54 11.37 32.54 21.33
CA ILE A 54 12.50 32.18 20.47
C ILE A 54 13.82 32.42 21.19
N ASN A 55 13.99 33.62 21.76
CA ASN A 55 15.20 33.97 22.47
C ASN A 55 15.32 33.21 23.79
N ASN A 56 14.26 33.20 24.59
CA ASN A 56 14.35 32.62 25.92
C ASN A 56 14.69 31.15 25.86
N TYR A 57 14.16 30.43 24.86
CA TYR A 57 14.37 29.01 24.73
C TYR A 57 15.35 28.68 23.60
N LYS A 58 15.97 29.69 23.02
CA LYS A 58 17.01 29.51 22.02
C LYS A 58 16.55 28.56 20.92
N ILE A 59 15.38 28.85 20.36
CA ILE A 59 14.84 27.98 19.33
C ILE A 59 15.68 28.16 18.09
N ASP A 60 16.00 27.05 17.42
CA ASP A 60 16.69 27.09 16.14
C ASP A 60 15.72 27.60 15.07
N CYS A 61 16.11 28.64 14.37
CA CYS A 61 15.20 29.27 13.41
C CYS A 61 14.93 28.37 12.21
N PRO A 62 15.93 27.67 11.66
CA PRO A 62 15.60 26.65 10.64
C PRO A 62 14.62 25.59 11.14
N THR A 63 14.84 25.05 12.34
CA THR A 63 13.94 24.05 12.91
C THR A 63 12.53 24.62 13.12
N LEU A 64 12.43 25.87 13.57
CA LEU A 64 11.13 26.46 13.90
C LEU A 64 10.33 26.77 12.64
N ALA A 65 10.99 27.27 11.59
CA ALA A 65 10.31 27.45 10.32
C ALA A 65 9.74 26.15 9.82
N ARG A 66 10.55 25.08 9.87
CA ARG A 66 10.08 23.79 9.40
C ARG A 66 8.95 23.30 10.29
N PHE A 67 9.04 23.58 11.60
CA PHE A 67 8.00 23.14 12.51
C PHE A 67 6.65 23.77 12.17
N CYS A 68 6.63 25.11 12.10
CA CYS A 68 5.41 25.87 11.86
C CYS A 68 4.76 25.49 10.53
N LEU A 69 5.56 25.15 9.53
CA LEU A 69 4.99 24.76 8.24
C LEU A 69 4.44 23.34 8.28
N MET A 70 5.19 22.44 8.93
CA MET A 70 4.70 21.08 9.14
C MET A 70 3.37 21.08 9.89
N VAL A 71 3.27 21.95 10.91
CA VAL A 71 2.04 22.04 11.70
C VAL A 71 0.89 22.57 10.84
N LYS A 72 1.13 23.61 10.04
CA LYS A 72 0.14 24.10 9.11
C LYS A 72 -0.30 23.02 8.13
N LYS A 73 0.65 22.26 7.61
CA LYS A 73 0.28 21.28 6.61
C LYS A 73 -0.27 20.00 7.22
N GLY A 74 -0.26 19.91 8.55
CA GLY A 74 -0.83 18.79 9.27
C GLY A 74 -2.32 18.91 9.48
N TYR A 75 -2.90 20.03 9.05
CA TYR A 75 -4.34 20.23 9.12
C TYR A 75 -4.97 19.97 7.77
N ARG A 76 -6.14 19.34 7.80
CA ARG A 76 -6.94 19.14 6.61
C ARG A 76 -7.85 20.35 6.40
N ASP A 77 -8.83 20.21 5.50
CA ASP A 77 -9.64 21.37 5.21
C ASP A 77 -11.13 21.17 5.45
N PRO A 78 -11.57 20.66 6.61
CA PRO A 78 -13.02 20.63 6.90
C PRO A 78 -13.51 22.05 7.10
N PRO A 79 -14.82 22.26 7.24
CA PRO A 79 -15.29 23.66 7.34
C PRO A 79 -14.71 24.41 8.52
N TYR A 80 -14.69 23.80 9.71
CA TYR A 80 -14.23 24.50 10.91
C TYR A 80 -12.86 24.05 11.39
N HIS A 81 -12.63 22.74 11.50
CA HIS A 81 -11.43 22.22 12.16
C HIS A 81 -10.23 22.15 11.21
N ASN A 82 -9.78 23.32 10.76
CA ASN A 82 -8.72 23.48 9.78
C ASN A 82 -7.62 24.37 10.35
N TRP A 83 -6.63 24.70 9.50
CA TRP A 83 -5.47 25.42 10.03
C TRP A 83 -5.83 26.82 10.49
N MET A 84 -6.86 27.46 9.89
CA MET A 84 -7.26 28.79 10.35
C MET A 84 -7.94 28.75 11.72
N HIS A 85 -8.56 27.64 12.09
CA HIS A 85 -8.99 27.49 13.48
C HIS A 85 -7.80 27.45 14.43
N ALA A 86 -6.87 26.54 14.18
CA ALA A 86 -5.68 26.43 15.03
C ALA A 86 -4.90 27.74 15.06
N PHE A 87 -4.87 28.48 13.95
CA PHE A 87 -4.15 29.75 13.94
C PHE A 87 -4.83 30.79 14.82
N SER A 88 -6.16 30.84 14.78
CA SER A 88 -6.91 31.81 15.58
C SER A 88 -7.01 31.38 17.03
N VAL A 89 -6.93 30.07 17.30
CA VAL A 89 -6.81 29.63 18.68
C VAL A 89 -5.44 30.04 19.23
N SER A 90 -4.39 29.91 18.40
CA SER A 90 -3.04 30.32 18.81
C SER A 90 -2.98 31.82 19.02
N HIS A 91 -3.71 32.56 18.19
CA HIS A 91 -3.70 34.02 18.31
C HIS A 91 -4.36 34.47 19.61
N PHE A 92 -5.47 33.85 19.99
CA PHE A 92 -6.07 34.19 21.26
C PHE A 92 -5.09 33.92 22.41
N CYS A 93 -4.36 32.80 22.35
CA CYS A 93 -3.38 32.52 23.39
C CYS A 93 -2.39 33.67 23.52
N TYR A 94 -1.82 34.11 22.40
CA TYR A 94 -0.99 35.32 22.36
C TYR A 94 -1.70 36.51 23.02
N LEU A 95 -2.98 36.74 22.70
CA LEU A 95 -3.74 37.83 23.30
C LEU A 95 -3.80 37.71 24.82
N LEU A 96 -4.09 36.52 25.32
CA LEU A 96 -4.08 36.29 26.77
C LEU A 96 -2.75 36.70 27.36
N TYR A 97 -1.65 36.30 26.70
CA TYR A 97 -0.30 36.71 27.11
C TYR A 97 -0.15 38.24 27.05
N LYS A 98 -0.61 38.88 25.98
CA LYS A 98 -0.42 40.33 25.86
C LYS A 98 -1.36 41.14 26.75
N ASN A 99 -2.44 40.55 27.25
CA ASN A 99 -3.47 41.30 27.94
C ASN A 99 -3.71 40.87 29.38
N LEU A 100 -3.30 39.66 29.76
CA LEU A 100 -3.71 39.14 31.06
C LEU A 100 -2.55 38.88 32.02
N GLU A 101 -1.32 39.20 31.67
CA GLU A 101 -0.17 39.09 32.59
C GLU A 101 -0.04 37.65 33.11
N LEU A 102 0.09 36.73 32.16
CA LEU A 102 0.08 35.30 32.48
C LEU A 102 1.27 34.88 33.32
N THR A 103 2.35 35.65 33.25
CA THR A 103 3.56 35.32 33.98
C THR A 103 3.43 35.49 35.50
N ASN A 104 2.32 36.00 36.02
CA ASN A 104 2.09 35.97 37.47
C ASN A 104 1.33 34.73 37.90
N TYR A 105 0.86 33.94 36.96
CA TYR A 105 0.10 32.71 37.18
C TYR A 105 0.84 31.48 36.70
N LEU A 106 1.55 31.56 35.60
CA LEU A 106 2.12 30.37 34.99
C LEU A 106 3.63 30.50 34.84
N GLU A 107 4.31 29.36 34.90
CA GLU A 107 5.71 29.33 34.56
C GLU A 107 5.91 29.65 33.08
N ASP A 108 7.14 30.06 32.73
CA ASP A 108 7.44 30.35 31.33
C ASP A 108 7.18 29.13 30.45
N ILE A 109 7.57 27.95 30.91
CA ILE A 109 7.46 26.76 30.07
C ILE A 109 6.01 26.41 29.82
N GLU A 110 5.12 26.63 30.80
CA GLU A 110 3.72 26.27 30.65
C GLU A 110 3.04 27.18 29.66
N ILE A 111 3.40 28.48 29.68
CA ILE A 111 2.87 29.45 28.71
C ILE A 111 3.34 29.09 27.31
N PHE A 112 4.60 28.66 27.17
CA PHE A 112 5.14 28.18 25.91
C PHE A 112 4.40 26.94 25.43
N ALA A 113 4.13 26.00 26.35
CA ALA A 113 3.42 24.77 26.01
C ALA A 113 2.00 25.04 25.55
N LEU A 114 1.30 25.95 26.23
CA LEU A 114 -0.04 26.34 25.79
C LEU A 114 -0.06 26.81 24.34
N PHE A 115 0.82 27.74 24.01
CA PHE A 115 0.84 28.26 22.65
C PHE A 115 1.13 27.16 21.64
N ILE A 116 2.22 26.42 21.86
CA ILE A 116 2.53 25.31 20.98
C ILE A 116 1.36 24.33 20.93
N SER A 117 0.75 24.04 22.08
CA SER A 117 -0.40 23.14 22.09
C SER A 117 -1.53 23.68 21.23
N CYS A 118 -1.79 24.99 21.29
CA CYS A 118 -2.84 25.61 20.47
C CYS A 118 -2.58 25.40 18.98
N MET A 119 -1.35 25.58 18.54
CA MET A 119 -1.03 25.34 17.13
C MET A 119 -1.32 23.90 16.72
N CYS A 120 -1.21 22.97 17.66
CA CYS A 120 -1.20 21.54 17.41
C CYS A 120 -2.50 20.84 17.78
N HIS A 121 -3.48 21.58 18.32
CA HIS A 121 -4.48 20.88 19.13
C HIS A 121 -5.59 20.22 18.31
N ASP A 122 -5.64 20.43 16.98
CA ASP A 122 -6.62 19.73 16.15
C ASP A 122 -5.94 19.13 14.92
N LEU A 123 -4.62 18.96 14.97
CA LEU A 123 -3.85 18.37 13.88
C LEU A 123 -4.59 17.17 13.33
N ASP A 124 -4.78 17.16 12.00
CA ASP A 124 -5.35 16.03 11.26
C ASP A 124 -6.81 15.72 11.62
N HIS A 125 -7.56 16.70 12.13
CA HIS A 125 -9.00 16.58 12.31
C HIS A 125 -9.66 16.20 10.97
N ARG A 126 -10.55 15.19 11.01
CA ARG A 126 -11.29 14.74 9.82
C ARG A 126 -12.72 15.28 9.77
N GLY A 127 -13.01 16.32 10.54
CA GLY A 127 -14.36 16.85 10.58
C GLY A 127 -15.37 16.03 11.34
N THR A 128 -14.95 14.97 12.03
CA THR A 128 -15.88 14.17 12.81
C THR A 128 -15.50 14.17 14.28
N ASN A 129 -16.49 13.88 15.15
CA ASN A 129 -16.26 13.93 16.58
C ASN A 129 -15.79 12.56 17.10
N ASN A 130 -15.67 12.45 18.42
CA ASN A 130 -15.16 11.22 19.03
C ASN A 130 -16.18 10.10 18.91
N SER A 131 -17.46 10.39 19.13
CA SER A 131 -18.47 9.36 19.01
C SER A 131 -18.42 8.70 17.63
N PHE A 132 -18.20 9.51 16.58
CA PHE A 132 -18.18 8.98 15.21
C PHE A 132 -17.00 8.04 14.98
N GLN A 133 -15.84 8.37 15.53
CA GLN A 133 -14.70 7.47 15.44
C GLN A 133 -15.05 6.07 15.95
N VAL A 134 -15.70 6.01 17.10
CA VAL A 134 -16.11 4.73 17.65
C VAL A 134 -17.23 4.14 16.80
N ALA A 135 -18.24 4.94 16.47
CA ALA A 135 -19.37 4.43 15.70
C ALA A 135 -18.90 3.86 14.36
N SER A 136 -17.98 4.55 13.70
CA SER A 136 -17.51 4.10 12.40
C SER A 136 -16.35 3.11 12.50
N LYS A 137 -15.95 2.71 13.71
CA LYS A 137 -14.84 1.77 13.92
C LYS A 137 -13.61 2.21 13.13
N SER A 138 -13.28 3.48 13.29
CA SER A 138 -12.16 4.07 12.58
C SER A 138 -10.83 3.62 13.19
N VAL A 139 -9.75 3.84 12.44
CA VAL A 139 -8.43 3.44 12.90
C VAL A 139 -8.08 4.16 14.19
N LEU A 140 -8.43 5.46 14.28
CA LEU A 140 -8.20 6.20 15.52
C LEU A 140 -8.91 5.55 16.70
N ALA A 141 -10.17 5.15 16.53
CA ALA A 141 -10.87 4.46 17.62
C ALA A 141 -10.17 3.16 17.99
N ALA A 142 -9.64 2.45 17.01
CA ALA A 142 -8.95 1.20 17.29
C ALA A 142 -7.69 1.45 18.11
N LEU A 143 -7.12 2.66 17.98
CA LEU A 143 -5.94 3.05 18.74
C LEU A 143 -6.31 3.50 20.15
N TYR A 144 -7.35 4.35 20.28
CA TYR A 144 -7.56 5.16 21.47
C TYR A 144 -8.93 5.04 22.12
N SER A 145 -9.89 4.31 21.54
CA SER A 145 -11.24 4.32 22.07
C SER A 145 -11.31 3.85 23.52
N SER A 146 -10.38 2.98 23.94
CA SER A 146 -10.43 2.46 25.30
C SER A 146 -9.93 3.49 26.30
N GLU A 147 -9.11 4.43 25.85
CA GLU A 147 -8.64 5.53 26.67
C GLU A 147 -9.58 6.74 26.63
N GLY A 148 -10.38 6.90 25.58
CA GLY A 148 -11.21 8.09 25.44
C GLY A 148 -10.46 9.28 24.84
N SER A 149 -11.21 10.33 24.53
CA SER A 149 -10.66 11.50 23.86
C SER A 149 -9.87 11.09 22.63
N VAL A 150 -10.52 10.31 21.78
CA VAL A 150 -9.91 9.72 20.60
C VAL A 150 -9.21 10.77 19.75
N MET A 151 -9.98 11.73 19.21
CA MET A 151 -9.37 12.73 18.32
C MET A 151 -8.28 13.53 19.03
N GLU A 152 -8.48 13.88 20.29
CA GLU A 152 -7.47 14.68 21.00
C GLU A 152 -6.21 13.88 21.27
N ARG A 153 -6.33 12.58 21.52
CA ARG A 153 -5.14 11.73 21.56
C ARG A 153 -4.45 11.68 20.20
N HIS A 154 -5.23 11.62 19.11
CA HIS A 154 -4.65 11.63 17.77
C HIS A 154 -3.96 12.96 17.48
N HIS A 155 -4.56 14.08 17.90
CA HIS A 155 -3.93 15.38 17.74
C HIS A 155 -2.57 15.40 18.45
N PHE A 156 -2.55 15.05 19.74
CA PHE A 156 -1.30 14.95 20.48
C PHE A 156 -0.28 14.11 19.73
N ALA A 157 -0.65 12.87 19.37
CA ALA A 157 0.28 11.98 18.68
C ALA A 157 0.77 12.58 17.36
N GLN A 158 -0.10 13.31 16.65
CA GLN A 158 0.38 13.99 15.44
C GLN A 158 1.44 15.05 15.77
N ALA A 159 1.24 15.79 16.85
CA ALA A 159 2.22 16.80 17.25
C ALA A 159 3.55 16.14 17.58
N ILE A 160 3.50 14.96 18.20
CA ILE A 160 4.74 14.23 18.50
C ILE A 160 5.41 13.76 17.22
N ALA A 161 4.63 13.26 16.26
CA ALA A 161 5.21 12.83 14.99
C ALA A 161 5.91 13.98 14.27
N ILE A 162 5.34 15.18 14.35
CA ILE A 162 6.00 16.34 13.75
C ILE A 162 7.30 16.61 14.48
N LEU A 163 7.25 16.58 15.81
CA LEU A 163 8.48 16.73 16.59
C LEU A 163 9.50 15.66 16.26
N ASN A 164 9.06 14.45 15.88
CA ASN A 164 9.99 13.36 15.59
C ASN A 164 10.35 13.28 14.10
N THR A 165 9.89 14.23 13.29
CA THR A 165 10.39 14.35 11.93
C THR A 165 11.69 15.14 11.95
N HIS A 166 12.73 14.58 11.32
CA HIS A 166 14.04 15.22 11.34
C HIS A 166 13.94 16.67 10.89
N GLY A 167 14.62 17.54 11.60
CA GLY A 167 14.61 18.95 11.31
C GLY A 167 13.45 19.73 11.89
N CYS A 168 12.57 19.10 12.68
CA CYS A 168 11.37 19.77 13.17
C CYS A 168 11.25 19.82 14.68
N ASN A 169 12.16 19.20 15.43
CA ASN A 169 12.07 19.15 16.88
C ASN A 169 12.64 20.44 17.46
N ILE A 170 11.78 21.45 17.56
CA ILE A 170 12.13 22.70 18.20
C ILE A 170 12.54 22.53 19.65
N PHE A 171 12.32 21.35 20.23
CA PHE A 171 12.66 21.09 21.63
C PHE A 171 13.91 20.24 21.81
N ASP A 172 14.58 19.85 20.73
CA ASP A 172 15.53 18.75 20.88
C ASP A 172 16.85 19.19 21.50
N HIS A 173 16.99 20.46 21.86
CA HIS A 173 18.13 20.93 22.63
C HIS A 173 17.80 21.08 24.11
N PHE A 174 16.52 21.03 24.47
CA PHE A 174 16.10 21.16 25.87
C PHE A 174 16.80 20.12 26.74
N SER A 175 16.95 20.47 28.01
CA SER A 175 17.36 19.49 29.01
C SER A 175 16.39 18.33 29.01
N ARG A 176 16.90 17.15 29.40
CA ARG A 176 16.07 15.95 29.40
C ARG A 176 14.80 16.16 30.22
N LYS A 177 14.92 16.85 31.35
CA LYS A 177 13.75 17.07 32.19
C LYS A 177 12.83 18.12 31.59
N ASP A 178 13.39 19.17 30.99
CA ASP A 178 12.53 20.19 30.37
C ASP A 178 11.81 19.62 29.15
N TYR A 179 12.47 18.73 28.41
CA TYR A 179 11.83 18.08 27.27
C TYR A 179 10.65 17.22 27.71
N GLN A 180 10.89 16.35 28.69
CA GLN A 180 9.81 15.54 29.24
C GLN A 180 8.69 16.42 29.76
N ARG A 181 9.05 17.54 30.40
CA ARG A 181 8.04 18.44 30.96
C ARG A 181 7.15 19.04 29.86
N MET A 182 7.76 19.49 28.77
CA MET A 182 7.03 20.12 27.68
C MET A 182 6.11 19.13 26.98
N LEU A 183 6.57 17.90 26.75
CA LEU A 183 5.67 16.96 26.10
C LEU A 183 4.56 16.56 27.04
N ASP A 184 4.86 16.47 28.33
CA ASP A 184 3.82 16.21 29.32
C ASP A 184 2.79 17.32 29.35
N LEU A 185 3.25 18.57 29.30
CA LEU A 185 2.34 19.70 29.23
C LEU A 185 1.46 19.59 27.99
N MET A 186 2.09 19.32 26.83
CA MET A 186 1.34 19.27 25.58
C MET A 186 0.27 18.19 25.61
N ARG A 187 0.59 17.03 26.19
CA ARG A 187 -0.42 16.01 26.40
C ARG A 187 -1.60 16.56 27.18
N ASP A 188 -1.30 17.17 28.34
CA ASP A 188 -2.36 17.66 29.23
C ASP A 188 -3.18 18.74 28.56
N ILE A 189 -2.54 19.62 27.81
CA ILE A 189 -3.26 20.75 27.23
C ILE A 189 -4.12 20.31 26.05
N ILE A 190 -3.56 19.53 25.11
CA ILE A 190 -4.39 19.07 24.01
C ILE A 190 -5.57 18.25 24.54
N LEU A 191 -5.31 17.35 25.49
CA LEU A 191 -6.40 16.51 25.98
C LEU A 191 -7.50 17.33 26.64
N ALA A 192 -7.18 18.50 27.17
CA ALA A 192 -8.20 19.36 27.74
C ALA A 192 -9.14 19.96 26.69
N THR A 193 -8.74 19.98 25.41
CA THR A 193 -9.65 20.45 24.37
C THR A 193 -10.87 19.54 24.18
N ASP A 194 -10.80 18.30 24.67
CA ASP A 194 -12.02 17.51 24.77
C ASP A 194 -13.00 18.21 25.70
N LEU A 195 -14.11 18.74 25.17
CA LEU A 195 -15.09 19.38 26.05
C LEU A 195 -15.62 18.42 27.12
N ALA A 196 -15.62 17.11 26.86
CA ALA A 196 -16.01 16.17 27.90
C ALA A 196 -15.06 16.25 29.08
N HIS A 197 -13.81 16.62 28.83
CA HIS A 197 -12.88 16.81 29.92
C HIS A 197 -13.14 18.13 30.62
N HIS A 198 -13.26 19.21 29.84
CA HIS A 198 -13.66 20.47 30.43
C HIS A 198 -14.87 20.30 31.33
N LEU A 199 -15.95 19.69 30.81
CA LEU A 199 -17.16 19.49 31.59
C LEU A 199 -16.91 18.62 32.83
N ARG A 200 -15.98 17.65 32.75
CA ARG A 200 -15.65 16.89 33.95
C ARG A 200 -15.00 17.78 35.02
N ILE A 201 -14.09 18.68 34.63
CA ILE A 201 -13.33 19.44 35.62
C ILE A 201 -13.98 20.76 36.00
N PHE A 202 -15.19 21.04 35.51
CA PHE A 202 -15.75 22.38 35.69
C PHE A 202 -15.90 22.75 37.17
N LYS A 203 -16.35 21.81 38.00
CA LYS A 203 -16.48 22.10 39.43
C LYS A 203 -15.14 22.43 40.07
N ASP A 204 -14.08 21.75 39.63
CA ASP A 204 -12.76 22.03 40.18
C ASP A 204 -12.26 23.40 39.74
N LEU A 205 -12.52 23.77 38.47
CA LEU A 205 -12.27 25.13 38.01
C LEU A 205 -13.12 26.13 38.79
N GLN A 206 -14.39 25.80 38.99
CA GLN A 206 -15.21 26.63 39.88
C GLN A 206 -14.58 26.72 41.27
N LYS A 207 -14.21 25.58 41.85
CA LYS A 207 -13.69 25.59 43.21
C LYS A 207 -12.39 26.39 43.29
N MET A 208 -11.55 26.28 42.26
CA MET A 208 -10.31 27.05 42.23
C MET A 208 -10.58 28.55 42.13
N ALA A 209 -11.59 28.94 41.33
CA ALA A 209 -11.88 30.37 41.20
C ALA A 209 -12.45 30.97 42.48
N GLU A 210 -13.15 30.17 43.30
CA GLU A 210 -13.79 30.70 44.50
C GLU A 210 -12.78 30.92 45.63
N VAL A 211 -11.93 29.94 45.92
CA VAL A 211 -10.90 30.12 46.93
C VAL A 211 -9.81 31.06 46.44
N GLY A 212 -9.65 31.21 45.13
CA GLY A 212 -8.60 32.06 44.62
C GLY A 212 -7.39 31.26 44.18
N TYR A 213 -6.73 31.75 43.13
CA TYR A 213 -5.63 31.02 42.49
C TYR A 213 -4.38 31.05 43.36
N ASP A 214 -3.82 29.88 43.61
CA ASP A 214 -2.61 29.70 44.42
C ASP A 214 -1.45 29.42 43.47
N ARG A 215 -0.62 30.45 43.25
CA ARG A 215 0.55 30.36 42.38
C ARG A 215 1.46 29.20 42.73
N ASN A 216 1.47 28.81 44.02
CA ASN A 216 2.23 27.69 44.56
C ASN A 216 1.49 26.36 44.50
N ASN A 217 0.27 26.31 43.96
CA ASN A 217 -0.53 25.10 43.89
C ASN A 217 -0.36 24.49 42.49
N LYS A 218 0.32 23.35 42.43
CA LYS A 218 0.59 22.71 41.15
C LYS A 218 -0.70 22.30 40.45
N GLN A 219 -1.71 21.87 41.20
CA GLN A 219 -2.98 21.50 40.58
C GLN A 219 -3.72 22.72 40.05
N HIS A 220 -3.53 23.88 40.69
CA HIS A 220 -4.11 25.10 40.14
C HIS A 220 -3.49 25.43 38.78
N HIS A 221 -2.18 25.23 38.64
CA HIS A 221 -1.52 25.47 37.35
C HIS A 221 -2.16 24.62 36.26
N ARG A 222 -2.34 23.33 36.53
CA ARG A 222 -2.96 22.44 35.55
C ARG A 222 -4.38 22.89 35.22
N LEU A 223 -5.20 23.11 36.25
CA LEU A 223 -6.56 23.56 36.06
C LEU A 223 -6.61 24.83 35.21
N LEU A 224 -5.78 25.81 35.59
CA LEU A 224 -5.75 27.06 34.85
C LEU A 224 -5.32 26.86 33.41
N LEU A 225 -4.36 25.97 33.18
CA LEU A 225 -3.93 25.67 31.82
C LEU A 225 -5.08 25.13 30.99
N CYS A 226 -5.88 24.22 31.58
CA CYS A 226 -7.02 23.62 30.86
C CYS A 226 -8.06 24.67 30.51
N LEU A 227 -8.33 25.59 31.45
CA LEU A 227 -9.31 26.65 31.22
C LEU A 227 -8.84 27.62 30.15
N LEU A 228 -7.57 28.02 30.20
CA LEU A 228 -7.05 28.90 29.15
C LEU A 228 -7.09 28.22 27.79
N MET A 229 -6.77 26.93 27.73
CA MET A 229 -6.80 26.24 26.46
C MET A 229 -8.24 26.20 25.92
N THR A 230 -9.22 25.91 26.78
CA THR A 230 -10.62 25.91 26.34
C THR A 230 -11.04 27.31 25.89
N SER A 231 -10.54 28.34 26.59
CA SER A 231 -10.83 29.72 26.22
C SER A 231 -10.23 30.08 24.87
N CYS A 232 -9.02 29.64 24.60
CA CYS A 232 -8.48 29.76 23.24
C CYS A 232 -9.35 29.01 22.23
N ASP A 233 -9.78 27.78 22.58
CA ASP A 233 -10.48 26.93 21.62
C ASP A 233 -11.85 27.50 21.23
N LEU A 234 -12.59 28.07 22.18
CA LEU A 234 -13.90 28.67 21.92
C LEU A 234 -13.80 30.19 21.63
N SER A 235 -12.59 30.72 21.45
CA SER A 235 -12.40 32.17 21.39
C SER A 235 -13.10 32.82 20.19
N ASP A 236 -13.49 32.06 19.17
CA ASP A 236 -14.31 32.62 18.09
C ASP A 236 -15.52 33.38 18.62
N GLN A 237 -16.10 32.91 19.73
CA GLN A 237 -17.30 33.53 20.27
C GLN A 237 -17.06 34.84 21.00
N THR A 238 -15.79 35.27 21.19
CA THR A 238 -15.48 36.50 21.91
C THR A 238 -15.36 37.71 20.98
N LYS A 239 -15.50 37.50 19.67
CA LYS A 239 -15.38 38.54 18.66
C LYS A 239 -16.78 39.05 18.32
N GLY A 240 -16.90 39.81 17.23
CA GLY A 240 -18.16 40.43 16.87
C GLY A 240 -19.17 39.41 16.37
N TRP A 241 -20.43 39.84 16.28
CA TRP A 241 -21.50 38.93 15.86
C TRP A 241 -21.20 38.28 14.52
N LYS A 242 -20.69 39.04 13.56
CA LYS A 242 -20.49 38.50 12.21
C LYS A 242 -19.51 37.33 12.22
N THR A 243 -18.41 37.45 12.97
CA THR A 243 -17.49 36.33 13.17
C THR A 243 -18.23 35.10 13.66
N THR A 244 -19.05 35.26 14.72
CA THR A 244 -19.73 34.14 15.32
C THR A 244 -20.79 33.56 14.39
N ARG A 245 -21.44 34.41 13.59
CA ARG A 245 -22.37 33.91 12.60
C ARG A 245 -21.65 33.07 11.55
N LYS A 246 -20.52 33.57 11.04
CA LYS A 246 -19.76 32.79 10.08
C LYS A 246 -19.28 31.48 10.70
N ILE A 247 -18.78 31.57 11.93
CA ILE A 247 -18.27 30.39 12.64
C ILE A 247 -19.39 29.38 12.87
N ALA A 248 -20.60 29.85 13.18
CA ALA A 248 -21.72 28.93 13.33
C ALA A 248 -22.01 28.22 12.03
N GLU A 249 -21.90 28.91 10.90
CA GLU A 249 -22.11 28.28 9.61
C GLU A 249 -21.07 27.20 9.33
N LEU A 250 -19.81 27.47 9.69
CA LEU A 250 -18.72 26.51 9.51
C LEU A 250 -18.93 25.27 10.37
N ILE A 251 -19.31 25.48 11.63
CA ILE A 251 -19.53 24.36 12.53
C ILE A 251 -20.70 23.51 12.05
N TYR A 252 -21.81 24.14 11.71
CA TYR A 252 -22.97 23.34 11.33
C TYR A 252 -22.77 22.70 9.97
N LYS A 253 -22.06 23.37 9.05
CA LYS A 253 -21.65 22.68 7.84
C LYS A 253 -20.84 21.42 8.16
N GLU A 254 -19.93 21.50 9.14
CA GLU A 254 -19.12 20.35 9.52
C GLU A 254 -19.97 19.26 10.15
N PHE A 255 -20.76 19.62 11.16
CA PHE A 255 -21.61 18.65 11.87
C PHE A 255 -22.57 17.95 10.90
N PHE A 256 -23.27 18.73 10.07
CA PHE A 256 -24.28 18.14 9.18
C PHE A 256 -23.64 17.20 8.16
N SER A 257 -22.43 17.50 7.70
CA SER A 257 -21.74 16.52 6.87
C SER A 257 -21.49 15.23 7.65
N GLN A 258 -21.11 15.33 8.92
CA GLN A 258 -20.96 14.11 9.72
C GLN A 258 -22.31 13.41 9.90
N GLY A 259 -23.37 14.16 10.17
CA GLY A 259 -24.66 13.53 10.37
C GLY A 259 -25.14 12.82 9.12
N ASP A 260 -24.84 13.39 7.95
CA ASP A 260 -25.15 12.72 6.69
C ASP A 260 -24.43 11.38 6.60
N LEU A 261 -23.15 11.34 6.99
CA LEU A 261 -22.42 10.08 6.97
C LEU A 261 -23.02 9.09 7.97
N GLU A 262 -23.48 9.57 9.12
CA GLU A 262 -24.02 8.64 10.10
C GLU A 262 -25.34 8.02 9.62
N LYS A 263 -26.15 8.82 8.91
CA LYS A 263 -27.38 8.28 8.34
C LYS A 263 -27.09 7.28 7.23
N ALA A 264 -26.03 7.53 6.45
CA ALA A 264 -25.58 6.56 5.45
C ALA A 264 -24.95 5.31 6.07
N MET A 265 -24.93 5.20 7.39
CA MET A 265 -24.48 4.02 8.12
C MET A 265 -25.59 3.42 8.97
N GLY A 266 -26.78 4.00 8.95
CA GLY A 266 -27.88 3.50 9.75
C GLY A 266 -27.93 3.99 11.18
N ASN A 267 -27.33 5.12 11.48
CA ASN A 267 -27.41 5.67 12.83
C ASN A 267 -28.19 6.97 12.81
N ARG A 268 -29.04 7.15 13.81
CA ARG A 268 -29.71 8.41 14.09
C ARG A 268 -28.67 9.40 14.64
N PRO A 269 -28.33 10.47 13.92
CA PRO A 269 -27.35 11.42 14.44
C PRO A 269 -27.89 12.17 15.66
N MET A 270 -26.96 12.79 16.38
CA MET A 270 -27.32 13.83 17.32
C MET A 270 -28.17 14.88 16.62
N GLU A 271 -29.18 15.39 17.33
CA GLU A 271 -29.96 16.50 16.82
C GLU A 271 -29.06 17.61 16.28
N MET A 272 -27.92 17.84 16.92
CA MET A 272 -27.12 18.97 16.47
C MET A 272 -26.33 18.66 15.21
N MET A 273 -26.28 17.39 14.78
CA MET A 273 -25.57 17.00 13.58
C MET A 273 -26.52 16.53 12.48
N ASP A 274 -27.81 16.62 12.71
CA ASP A 274 -28.81 16.18 11.74
C ASP A 274 -29.51 17.42 11.18
N ARG A 275 -29.27 17.70 9.90
CA ARG A 275 -29.80 18.89 9.25
C ARG A 275 -31.32 18.90 9.12
N GLU A 276 -32.00 17.78 9.40
CA GLU A 276 -33.46 17.78 9.39
C GLU A 276 -34.07 18.02 10.77
N LYS A 277 -33.26 18.03 11.83
CA LYS A 277 -33.76 18.32 13.17
C LYS A 277 -33.10 19.52 13.84
N ALA A 278 -31.87 19.89 13.46
CA ALA A 278 -31.16 20.95 14.17
C ALA A 278 -31.81 22.31 13.95
N TYR A 279 -32.29 22.91 15.04
CA TYR A 279 -32.75 24.28 15.07
C TYR A 279 -31.59 25.15 15.57
N ILE A 280 -30.89 25.77 14.62
CA ILE A 280 -29.59 26.39 14.92
C ILE A 280 -29.65 27.45 16.01
N PRO A 281 -30.64 28.35 16.07
CA PRO A 281 -30.66 29.32 17.18
C PRO A 281 -30.76 28.65 18.55
N GLU A 282 -31.67 27.68 18.66
CA GLU A 282 -31.81 26.89 19.88
C GLU A 282 -30.46 26.34 20.32
N LEU A 283 -29.78 25.63 19.41
CA LEU A 283 -28.53 24.98 19.76
C LEU A 283 -27.46 25.99 20.13
N GLN A 284 -27.35 27.08 19.34
CA GLN A 284 -26.33 28.09 19.63
C GLN A 284 -26.56 28.74 20.97
N ILE A 285 -27.82 29.06 21.29
CA ILE A 285 -28.13 29.65 22.59
C ILE A 285 -27.82 28.66 23.70
N SER A 286 -28.14 27.38 23.48
CA SER A 286 -27.80 26.33 24.46
C SER A 286 -26.28 26.21 24.63
N PHE A 287 -25.53 26.22 23.52
CA PHE A 287 -24.08 26.13 23.60
C PHE A 287 -23.48 27.37 24.27
N MET A 288 -24.03 28.55 23.97
CA MET A 288 -23.48 29.77 24.54
C MET A 288 -23.79 29.87 26.03
N GLU A 289 -25.01 29.52 26.43
CA GLU A 289 -25.41 29.63 27.82
C GLU A 289 -24.81 28.54 28.69
N HIS A 290 -24.80 27.29 28.20
CA HIS A 290 -24.41 26.16 29.02
C HIS A 290 -22.92 25.87 28.97
N ILE A 291 -22.24 26.25 27.90
CA ILE A 291 -20.82 25.96 27.72
C ILE A 291 -20.00 27.23 27.57
N ALA A 292 -20.30 28.03 26.53
CA ALA A 292 -19.44 29.16 26.19
C ALA A 292 -19.43 30.21 27.31
N MET A 293 -20.60 30.71 27.68
CA MET A 293 -20.65 31.77 28.69
C MET A 293 -20.01 31.38 30.02
N PRO A 294 -20.23 30.18 30.56
CA PRO A 294 -19.60 29.85 31.86
C PRO A 294 -18.10 29.78 31.84
N ILE A 295 -17.50 29.38 30.72
CA ILE A 295 -16.05 29.35 30.59
C ILE A 295 -15.49 30.76 30.69
N TYR A 296 -16.13 31.71 30.01
CA TYR A 296 -15.56 33.05 30.04
C TYR A 296 -15.91 33.77 31.34
N LYS A 297 -17.03 33.42 31.97
CA LYS A 297 -17.29 33.94 33.32
C LYS A 297 -16.23 33.46 34.29
N LEU A 298 -15.76 32.21 34.15
CA LEU A 298 -14.68 31.74 35.00
C LEU A 298 -13.39 32.46 34.64
N LEU A 299 -13.13 32.64 33.35
CA LEU A 299 -11.97 33.43 32.94
C LEU A 299 -12.04 34.84 33.54
N GLN A 300 -13.23 35.44 33.53
CA GLN A 300 -13.42 36.76 34.12
C GLN A 300 -13.17 36.74 35.62
N ASP A 301 -13.63 35.70 36.31
CA ASP A 301 -13.46 35.65 37.76
C ASP A 301 -11.99 35.54 38.13
N LEU A 302 -11.19 34.89 37.29
CA LEU A 302 -9.76 34.76 37.58
C LEU A 302 -8.99 35.99 37.14
N PHE A 303 -9.30 36.52 35.96
CA PHE A 303 -8.65 37.72 35.43
C PHE A 303 -9.72 38.77 35.20
N PRO A 304 -9.78 39.84 36.01
CA PRO A 304 -10.81 40.86 35.77
C PRO A 304 -10.58 41.64 34.49
N LYS A 305 -9.35 41.70 33.96
CA LYS A 305 -9.14 42.29 32.65
C LYS A 305 -9.77 41.47 31.53
N ALA A 306 -10.49 40.41 31.86
CA ALA A 306 -11.13 39.56 30.86
C ALA A 306 -12.63 39.74 30.83
N ALA A 307 -13.18 40.68 31.63
CA ALA A 307 -14.61 40.93 31.63
C ALA A 307 -15.13 41.16 30.22
N GLU A 308 -14.41 41.96 29.42
CA GLU A 308 -14.89 42.30 28.10
C GLU A 308 -15.12 41.08 27.23
N LEU A 309 -14.36 40.02 27.46
CA LEU A 309 -14.56 38.79 26.71
C LEU A 309 -15.93 38.18 27.04
N TYR A 310 -16.21 37.98 28.32
CA TYR A 310 -17.49 37.42 28.74
C TYR A 310 -18.65 38.29 28.26
N GLU A 311 -18.52 39.61 28.36
CA GLU A 311 -19.58 40.51 27.92
C GLU A 311 -19.81 40.38 26.43
N ARG A 312 -18.74 40.09 25.67
CA ARG A 312 -18.89 39.77 24.25
C ARG A 312 -19.66 38.48 24.05
N VAL A 313 -19.32 37.43 24.79
CA VAL A 313 -20.01 36.16 24.62
C VAL A 313 -21.49 36.31 24.97
N ALA A 314 -21.80 37.07 26.02
CA ALA A 314 -23.19 37.28 26.41
C ALA A 314 -23.93 38.10 25.37
N SER A 315 -23.29 39.13 24.81
CA SER A 315 -23.91 39.89 23.73
C SER A 315 -24.25 38.99 22.55
N ASN A 316 -23.28 38.17 22.13
CA ASN A 316 -23.51 37.28 20.99
C ASN A 316 -24.61 36.27 21.29
N ARG A 317 -24.67 35.80 22.54
CA ARG A 317 -25.73 34.88 22.93
C ARG A 317 -27.10 35.54 22.78
N GLU A 318 -27.20 36.80 23.16
CA GLU A 318 -28.47 37.48 23.06
C GLU A 318 -28.82 37.85 21.62
N HIS A 319 -27.83 37.99 20.74
CA HIS A 319 -28.17 38.24 19.34
C HIS A 319 -28.74 37.00 18.67
N TRP A 320 -28.40 35.81 19.15
CA TRP A 320 -29.05 34.61 18.63
C TRP A 320 -30.53 34.61 18.94
N THR A 321 -30.90 34.95 20.18
CA THR A 321 -32.31 35.05 20.52
C THR A 321 -33.02 36.12 19.69
N LYS A 322 -32.31 37.21 19.36
CA LYS A 322 -32.93 38.28 18.58
C LYS A 322 -33.22 37.82 17.15
N VAL A 323 -32.28 37.12 16.53
CA VAL A 323 -32.42 36.75 15.12
C VAL A 323 -33.11 35.40 15.00
N SER A 324 -33.62 34.86 16.11
CA SER A 324 -34.19 33.53 16.03
C SER A 324 -35.47 33.51 15.20
N HIS A 325 -36.27 34.58 15.25
CA HIS A 325 -37.49 34.63 14.46
C HIS A 325 -37.19 34.43 12.98
N LYS A 326 -36.04 34.94 12.51
CA LYS A 326 -35.67 34.89 11.10
C LYS A 326 -35.56 33.48 10.56
N PHE A 327 -35.52 32.46 11.40
CA PHE A 327 -35.57 31.08 10.95
C PHE A 327 -36.98 30.60 10.67
N THR A 328 -37.99 31.42 10.97
CA THR A 328 -39.37 31.12 10.66
C THR A 328 -39.73 31.78 9.34
N ILE A 329 -40.22 30.99 8.39
CA ILE A 329 -40.53 31.48 7.05
C ILE A 329 -41.84 32.26 7.13
N ARG A 330 -41.76 33.56 6.87
CA ARG A 330 -42.90 34.46 6.85
C ARG A 330 -43.28 34.74 5.41
N GLY A 331 -44.58 34.79 5.14
CA GLY A 331 -45.00 34.89 3.75
C GLY A 331 -44.56 33.67 2.98
N LEU A 332 -44.13 33.90 1.76
CA LEU A 332 -43.61 32.90 0.84
C LEU A 332 -42.09 32.97 0.79
N PRO A 333 -41.44 31.86 0.44
CA PRO A 333 -40.02 31.94 0.08
C PRO A 333 -39.79 32.93 -1.04
N SER A 334 -38.59 33.51 -1.07
CA SER A 334 -38.31 34.63 -1.95
C SER A 334 -38.49 34.30 -3.43
N ASN A 335 -38.60 33.03 -3.78
CA ASN A 335 -38.93 32.62 -5.13
C ASN A 335 -40.43 32.51 -5.37
N ASN A 336 -41.25 32.89 -4.38
CA ASN A 336 -42.71 32.88 -4.46
C ASN A 336 -43.30 31.50 -4.60
N SER A 337 -42.56 30.44 -4.29
CA SER A 337 -43.04 29.09 -4.53
C SER A 337 -43.14 28.30 -3.23
N LEU A 338 -44.11 27.39 -3.19
CA LEU A 338 -44.23 26.41 -2.12
C LEU A 338 -43.88 25.00 -2.57
N ASP A 339 -43.10 24.87 -3.65
CA ASP A 339 -42.62 23.57 -4.10
C ASP A 339 -41.82 22.84 -3.03
N PHE A 340 -41.12 23.58 -2.17
CA PHE A 340 -40.32 22.95 -1.12
C PHE A 340 -41.17 22.17 -0.12
N LEU A 341 -42.51 22.32 -0.18
CA LEU A 341 -43.38 21.50 0.64
C LEU A 341 -43.56 20.08 0.10
N ASP A 342 -43.07 19.81 -1.11
CA ASP A 342 -43.26 18.51 -1.75
C ASP A 342 -41.94 17.77 -1.88
N ASP B 4 14.97 -1.81 -1.64
CA ASP B 4 14.20 -1.96 -2.88
C ASP B 4 14.75 -3.12 -3.68
N ASP B 5 16.08 -3.22 -3.74
CA ASP B 5 16.72 -4.45 -4.23
C ASP B 5 16.11 -5.68 -3.57
N GLU B 6 15.95 -5.64 -2.24
CA GLU B 6 15.32 -6.74 -1.52
C GLU B 6 13.85 -6.87 -1.87
N TYR B 7 13.16 -5.74 -2.06
CA TYR B 7 11.78 -5.76 -2.53
C TYR B 7 11.66 -6.50 -3.86
N THR B 8 12.48 -6.13 -4.83
CA THR B 8 12.36 -6.69 -6.16
C THR B 8 12.55 -8.21 -6.15
N LYS B 9 13.52 -8.70 -5.40
CA LYS B 9 13.69 -10.14 -5.29
C LYS B 9 12.51 -10.76 -4.55
N LEU B 10 12.01 -10.07 -3.53
CA LEU B 10 10.94 -10.61 -2.72
C LEU B 10 9.64 -10.76 -3.51
N LEU B 11 9.39 -9.92 -4.51
CA LEU B 11 8.16 -10.09 -5.28
C LEU B 11 8.31 -11.06 -6.44
N HIS B 12 9.37 -10.89 -7.24
CA HIS B 12 9.46 -11.57 -8.53
C HIS B 12 10.14 -12.94 -8.46
N ASP B 13 11.00 -13.19 -7.48
CA ASP B 13 11.56 -14.53 -7.30
C ASP B 13 10.53 -15.47 -6.71
N GLY B 14 10.64 -16.76 -7.07
CA GLY B 14 9.76 -17.74 -6.47
C GLY B 14 9.99 -17.84 -4.97
N ILE B 15 8.89 -17.97 -4.22
CA ILE B 15 9.01 -18.16 -2.78
C ILE B 15 9.55 -19.56 -2.51
N GLN B 16 10.74 -19.61 -1.92
CA GLN B 16 11.43 -20.88 -1.69
C GLN B 16 10.56 -21.83 -0.87
N PRO B 17 10.57 -23.13 -1.18
CA PRO B 17 9.97 -24.10 -0.25
C PRO B 17 10.75 -24.13 1.06
N VAL B 18 10.03 -24.39 2.15
CA VAL B 18 10.63 -24.24 3.48
C VAL B 18 11.82 -25.19 3.67
N ALA B 19 11.73 -26.41 3.16
CA ALA B 19 12.85 -27.35 3.32
C ALA B 19 14.04 -27.00 2.44
N ALA B 20 13.86 -26.12 1.47
CA ALA B 20 15.01 -25.60 0.74
C ALA B 20 15.77 -24.52 1.52
N ILE B 21 15.16 -23.92 2.55
CA ILE B 21 15.90 -23.02 3.44
C ILE B 21 16.80 -23.81 4.36
N ASP B 22 16.27 -24.86 4.97
CA ASP B 22 17.07 -25.73 5.81
C ASP B 22 16.32 -27.06 5.88
N SER B 23 17.08 -28.14 5.87
CA SER B 23 16.47 -29.46 5.92
C SER B 23 15.62 -29.64 7.17
N ASN B 24 15.99 -28.94 8.25
CA ASN B 24 15.37 -29.08 9.55
C ASN B 24 14.46 -27.89 9.89
N PHE B 25 14.10 -27.09 8.88
CA PHE B 25 13.45 -25.79 9.12
C PHE B 25 12.15 -25.95 9.89
N ALA B 26 11.46 -27.07 9.77
CA ALA B 26 10.18 -27.24 10.44
C ALA B 26 10.29 -28.05 11.72
N SER B 27 11.49 -28.18 12.26
CA SER B 27 11.72 -28.94 13.47
C SER B 27 11.89 -28.00 14.66
N PHE B 28 11.48 -28.49 15.83
CA PHE B 28 11.67 -27.77 17.08
C PHE B 28 13.14 -27.56 17.43
N THR B 29 14.07 -28.23 16.74
CA THR B 29 15.50 -28.11 17.00
C THR B 29 16.16 -27.06 16.13
N TYR B 30 15.45 -26.59 15.11
CA TYR B 30 15.96 -25.49 14.30
C TYR B 30 16.04 -24.18 15.10
N THR B 31 17.07 -23.39 14.84
CA THR B 31 17.27 -22.11 15.53
C THR B 31 17.12 -20.98 14.52
N PRO B 32 15.96 -20.33 14.44
CA PRO B 32 15.76 -19.28 13.43
C PRO B 32 16.85 -18.21 13.40
N ARG B 33 17.50 -17.92 14.51
CA ARG B 33 18.55 -16.91 14.53
C ARG B 33 19.81 -17.33 13.78
N SER B 34 19.94 -18.61 13.41
CA SER B 34 21.01 -19.06 12.53
C SER B 34 20.86 -18.48 11.13
N LEU B 35 19.62 -18.27 10.68
CA LEU B 35 19.38 -17.78 9.34
C LEU B 35 19.91 -16.36 9.21
N PRO B 36 20.66 -16.04 8.14
CA PRO B 36 21.05 -14.66 7.89
C PRO B 36 19.86 -13.70 7.86
N GLU B 37 20.11 -12.46 8.28
CA GLU B 37 19.04 -11.48 8.39
C GLU B 37 18.47 -11.11 7.04
N ASP B 38 19.33 -11.05 6.01
CA ASP B 38 18.83 -10.73 4.67
C ASP B 38 17.92 -11.81 4.10
N ASP B 39 17.90 -13.00 4.69
CA ASP B 39 17.04 -14.10 4.26
C ASP B 39 15.76 -14.20 5.06
N THR B 40 15.63 -13.46 6.15
CA THR B 40 14.47 -13.70 7.02
C THR B 40 13.17 -13.30 6.35
N SER B 41 13.17 -12.26 5.50
CA SER B 41 11.92 -11.82 4.89
C SER B 41 11.42 -12.85 3.89
N MET B 42 12.32 -13.42 3.08
CA MET B 42 11.90 -14.51 2.21
C MET B 42 11.39 -15.69 3.03
N ALA B 43 11.99 -15.92 4.20
CA ALA B 43 11.57 -17.02 5.08
C ALA B 43 10.18 -16.81 5.63
N ILE B 44 9.84 -15.58 6.00
CA ILE B 44 8.45 -15.28 6.34
C ILE B 44 7.53 -15.69 5.20
N LEU B 45 7.92 -15.36 3.96
CA LEU B 45 7.11 -15.71 2.81
C LEU B 45 7.02 -17.22 2.63
N SER B 46 8.14 -17.93 2.87
CA SER B 46 8.15 -19.39 2.76
C SER B 46 7.17 -20.03 3.73
N MET B 47 7.07 -19.48 4.95
CA MET B 47 6.20 -20.04 5.97
C MET B 47 4.74 -19.75 5.70
N LEU B 48 4.40 -18.51 5.29
CA LEU B 48 3.03 -18.19 4.96
C LEU B 48 2.53 -19.04 3.81
N GLN B 49 3.41 -19.29 2.83
CA GLN B 49 3.06 -20.16 1.71
C GLN B 49 2.88 -21.60 2.16
N ASP B 50 3.77 -22.11 3.01
CA ASP B 50 3.60 -23.49 3.47
C ASP B 50 2.40 -23.64 4.39
N MET B 51 1.99 -22.57 5.06
CA MET B 51 0.78 -22.63 5.86
C MET B 51 -0.48 -22.35 5.05
N ASN B 52 -0.35 -22.20 3.72
CA ASN B 52 -1.43 -21.97 2.77
C ASN B 52 -2.15 -20.64 2.97
N PHE B 53 -1.54 -19.69 3.67
CA PHE B 53 -2.25 -18.46 4.03
C PHE B 53 -2.31 -17.48 2.86
N ILE B 54 -1.28 -17.46 2.02
CA ILE B 54 -1.29 -16.59 0.85
C ILE B 54 -2.51 -16.91 -0.03
N ASN B 55 -2.88 -18.19 -0.12
CA ASN B 55 -3.98 -18.62 -0.97
C ASN B 55 -5.32 -18.49 -0.27
N ASN B 56 -5.46 -19.09 0.91
CA ASN B 56 -6.71 -19.05 1.66
C ASN B 56 -7.28 -17.64 1.75
N TYR B 57 -6.40 -16.65 1.93
CA TYR B 57 -6.81 -15.26 2.10
C TYR B 57 -6.42 -14.40 0.91
N LYS B 58 -6.11 -15.03 -0.23
CA LYS B 58 -5.77 -14.38 -1.49
C LYS B 58 -4.94 -13.11 -1.28
N ILE B 59 -3.83 -13.26 -0.56
CA ILE B 59 -2.99 -12.12 -0.24
C ILE B 59 -2.26 -11.68 -1.50
N ASP B 60 -2.53 -10.46 -1.96
CA ASP B 60 -1.80 -9.92 -3.11
C ASP B 60 -0.31 -9.96 -2.83
N CYS B 61 0.43 -10.64 -3.71
CA CYS B 61 1.85 -10.90 -3.48
C CYS B 61 2.68 -9.63 -3.32
N PRO B 62 2.55 -8.60 -4.16
CA PRO B 62 3.30 -7.37 -3.85
C PRO B 62 2.94 -6.78 -2.50
N THR B 63 1.64 -6.75 -2.15
CA THR B 63 1.24 -6.19 -0.86
C THR B 63 1.87 -6.96 0.30
N LEU B 64 1.91 -8.29 0.21
CA LEU B 64 2.55 -9.08 1.26
C LEU B 64 4.04 -8.75 1.34
N ALA B 65 4.68 -8.53 0.20
CA ALA B 65 6.11 -8.21 0.19
C ALA B 65 6.35 -6.83 0.80
N ARG B 66 5.52 -5.85 0.44
CA ARG B 66 5.55 -4.57 1.11
C ARG B 66 5.30 -4.73 2.60
N PHE B 67 4.32 -5.57 2.97
CA PHE B 67 4.00 -5.73 4.38
C PHE B 67 5.20 -6.26 5.15
N CYS B 68 5.75 -7.39 4.71
CA CYS B 68 6.87 -8.00 5.40
C CYS B 68 8.02 -7.01 5.58
N LEU B 69 8.33 -6.22 4.54
CA LEU B 69 9.51 -5.38 4.61
C LEU B 69 9.29 -4.18 5.53
N MET B 70 8.08 -3.60 5.48
CA MET B 70 7.73 -2.51 6.37
C MET B 70 7.67 -2.97 7.82
N VAL B 71 7.23 -4.21 8.05
CA VAL B 71 7.27 -4.79 9.39
C VAL B 71 8.71 -4.85 9.89
N LYS B 72 9.62 -5.40 9.05
CA LYS B 72 11.03 -5.49 9.44
C LYS B 72 11.60 -4.12 9.75
N LYS B 73 11.29 -3.13 8.90
CA LYS B 73 11.83 -1.78 9.04
C LYS B 73 11.28 -1.07 10.26
N GLY B 74 10.18 -1.54 10.82
CA GLY B 74 9.56 -0.89 11.96
C GLY B 74 10.10 -1.34 13.29
N TYR B 75 11.14 -2.18 13.29
CA TYR B 75 11.88 -2.51 14.51
C TYR B 75 13.15 -1.68 14.56
N ARG B 76 13.50 -1.24 15.74
CA ARG B 76 14.79 -0.58 15.96
C ARG B 76 15.84 -1.67 16.21
N ASP B 77 16.97 -1.32 16.83
CA ASP B 77 18.04 -2.29 17.08
C ASP B 77 18.50 -2.29 18.55
N PRO B 78 17.59 -2.38 19.52
CA PRO B 78 18.04 -2.73 20.86
C PRO B 78 18.67 -4.11 20.81
N PRO B 79 19.48 -4.50 21.79
CA PRO B 79 20.12 -5.82 21.70
C PRO B 79 19.14 -6.97 21.54
N TYR B 80 18.04 -6.99 22.27
CA TYR B 80 17.10 -8.10 22.21
C TYR B 80 15.89 -7.84 21.32
N HIS B 81 15.13 -6.78 21.60
CA HIS B 81 13.80 -6.59 21.01
C HIS B 81 13.92 -5.97 19.61
N ASN B 82 14.49 -6.74 18.72
CA ASN B 82 14.74 -6.29 17.35
C ASN B 82 14.02 -7.22 16.37
N TRP B 83 14.25 -7.01 15.07
CA TRP B 83 13.55 -7.81 14.07
C TRP B 83 13.88 -9.28 14.21
N MET B 84 15.14 -9.60 14.54
CA MET B 84 15.50 -11.00 14.62
C MET B 84 14.74 -11.68 15.75
N HIS B 85 14.36 -10.93 16.78
CA HIS B 85 13.46 -11.46 17.79
C HIS B 85 12.10 -11.80 17.17
N ALA B 86 11.48 -10.83 16.50
CA ALA B 86 10.16 -11.06 15.91
C ALA B 86 10.17 -12.23 14.93
N PHE B 87 11.21 -12.34 14.12
CA PHE B 87 11.28 -13.43 13.16
C PHE B 87 11.40 -14.78 13.85
N SER B 88 12.30 -14.87 14.82
CA SER B 88 12.39 -16.05 15.68
C SER B 88 11.03 -16.39 16.26
N VAL B 89 10.35 -15.38 16.78
CA VAL B 89 9.07 -15.61 17.42
C VAL B 89 8.04 -16.06 16.38
N SER B 90 8.11 -15.48 15.17
CA SER B 90 7.20 -15.87 14.09
C SER B 90 7.50 -17.29 13.60
N HIS B 91 8.77 -17.60 13.42
CA HIS B 91 9.18 -18.97 13.13
C HIS B 91 8.56 -19.98 14.10
N PHE B 92 8.66 -19.71 15.41
CA PHE B 92 8.12 -20.67 16.37
C PHE B 92 6.64 -20.89 16.17
N CYS B 93 5.90 -19.83 15.85
CA CYS B 93 4.48 -19.98 15.60
C CYS B 93 4.25 -20.94 14.44
N TYR B 94 5.05 -20.80 13.37
CA TYR B 94 5.03 -21.75 12.28
C TYR B 94 5.35 -23.17 12.76
N LEU B 95 6.29 -23.29 13.70
CA LEU B 95 6.63 -24.61 14.25
C LEU B 95 5.44 -25.22 14.98
N LEU B 96 4.72 -24.43 15.78
CA LEU B 96 3.55 -24.98 16.46
C LEU B 96 2.50 -25.41 15.43
N TYR B 97 2.38 -24.65 14.34
CA TYR B 97 1.45 -25.02 13.28
C TYR B 97 1.85 -26.36 12.66
N LYS B 98 3.14 -26.52 12.36
CA LYS B 98 3.58 -27.71 11.65
C LYS B 98 3.66 -28.93 12.55
N ASN B 99 3.86 -28.75 13.85
CA ASN B 99 4.11 -29.87 14.74
C ASN B 99 2.92 -30.23 15.62
N LEU B 100 2.03 -29.28 15.93
CA LEU B 100 0.92 -29.54 16.83
C LEU B 100 -0.43 -29.61 16.13
N GLU B 101 -0.46 -29.43 14.81
CA GLU B 101 -1.69 -29.40 14.04
C GLU B 101 -2.70 -28.45 14.68
N LEU B 102 -2.33 -27.17 14.65
CA LEU B 102 -3.17 -26.12 15.22
C LEU B 102 -4.51 -26.01 14.50
N THR B 103 -4.61 -26.45 13.24
CA THR B 103 -5.88 -26.39 12.52
C THR B 103 -6.94 -27.30 13.14
N ASN B 104 -6.54 -28.26 13.98
CA ASN B 104 -7.48 -29.05 14.76
C ASN B 104 -7.89 -28.37 16.07
N TYR B 105 -7.36 -27.19 16.37
CA TYR B 105 -7.68 -26.50 17.62
C TYR B 105 -8.20 -25.09 17.39
N LEU B 106 -7.66 -24.39 16.41
CA LEU B 106 -8.01 -23.01 16.17
C LEU B 106 -8.54 -22.88 14.75
N GLU B 107 -9.46 -21.96 14.58
CA GLU B 107 -9.89 -21.62 13.23
C GLU B 107 -8.70 -21.05 12.46
N ASP B 108 -8.73 -21.26 11.15
CA ASP B 108 -7.64 -20.77 10.32
C ASP B 108 -7.41 -19.27 10.53
N ILE B 109 -8.49 -18.48 10.57
CA ILE B 109 -8.35 -17.03 10.79
C ILE B 109 -7.54 -16.72 12.05
N GLU B 110 -7.70 -17.53 13.10
CA GLU B 110 -7.00 -17.24 14.35
C GLU B 110 -5.53 -17.61 14.25
N ILE B 111 -5.23 -18.72 13.58
CA ILE B 111 -3.83 -19.08 13.34
C ILE B 111 -3.16 -17.99 12.52
N PHE B 112 -3.86 -17.51 11.50
CA PHE B 112 -3.35 -16.40 10.68
C PHE B 112 -3.07 -15.17 11.54
N ALA B 113 -3.99 -14.82 12.44
CA ALA B 113 -3.79 -13.65 13.29
C ALA B 113 -2.62 -13.86 14.24
N LEU B 114 -2.45 -15.08 14.75
CA LEU B 114 -1.32 -15.39 15.61
C LEU B 114 -0.01 -15.09 14.91
N PHE B 115 0.16 -15.63 13.69
CA PHE B 115 1.43 -15.48 12.99
C PHE B 115 1.69 -14.02 12.62
N ILE B 116 0.67 -13.31 12.10
CA ILE B 116 0.86 -11.90 11.81
C ILE B 116 1.18 -11.13 13.08
N SER B 117 0.57 -11.50 14.20
CA SER B 117 0.89 -10.85 15.46
C SER B 117 2.36 -11.06 15.86
N CYS B 118 2.85 -12.29 15.69
CA CYS B 118 4.24 -12.56 16.01
C CYS B 118 5.17 -11.66 15.22
N MET B 119 4.84 -11.41 13.94
CA MET B 119 5.68 -10.53 13.14
C MET B 119 5.70 -9.11 13.71
N CYS B 120 4.58 -8.67 14.30
CA CYS B 120 4.38 -7.27 14.68
C CYS B 120 4.48 -7.03 16.18
N HIS B 121 4.49 -8.07 17.01
CA HIS B 121 4.18 -7.95 18.43
C HIS B 121 5.17 -7.10 19.24
N ASP B 122 6.36 -6.78 18.72
CA ASP B 122 7.25 -5.87 19.44
C ASP B 122 7.60 -4.66 18.58
N LEU B 123 6.77 -4.30 17.60
CA LEU B 123 7.09 -3.23 16.66
C LEU B 123 7.45 -1.92 17.37
N ASP B 124 8.47 -1.26 16.84
CA ASP B 124 8.99 0.02 17.36
C ASP B 124 9.48 -0.08 18.81
N HIS B 125 9.89 -1.26 19.26
CA HIS B 125 10.38 -1.38 20.63
C HIS B 125 11.63 -0.50 20.79
N ARG B 126 11.75 0.17 21.93
CA ARG B 126 12.89 1.07 22.12
C ARG B 126 13.92 0.49 23.10
N GLY B 127 13.76 -0.77 23.50
CA GLY B 127 14.66 -1.34 24.47
C GLY B 127 14.36 -0.98 25.90
N THR B 128 13.13 -0.59 26.22
CA THR B 128 12.73 -0.26 27.57
C THR B 128 11.42 -0.96 27.86
N ASN B 129 11.14 -1.19 29.15
CA ASN B 129 9.94 -1.90 29.56
C ASN B 129 8.77 -0.95 29.79
N ASN B 130 7.61 -1.53 30.14
CA ASN B 130 6.43 -0.72 30.43
C ASN B 130 6.67 0.22 31.60
N SER B 131 7.25 -0.31 32.67
CA SER B 131 7.54 0.50 33.86
C SER B 131 8.29 1.78 33.51
N PHE B 132 9.29 1.70 32.64
CA PHE B 132 10.04 2.88 32.24
C PHE B 132 9.15 3.92 31.59
N GLN B 133 8.25 3.49 30.69
CA GLN B 133 7.34 4.40 30.01
C GLN B 133 6.58 5.25 31.00
N VAL B 134 5.98 4.60 32.00
CA VAL B 134 5.11 5.29 32.94
C VAL B 134 5.91 6.18 33.87
N ALA B 135 7.07 5.71 34.32
CA ALA B 135 7.89 6.48 35.25
C ALA B 135 8.51 7.70 34.58
N SER B 136 8.91 7.56 33.31
CA SER B 136 9.47 8.69 32.57
C SER B 136 8.42 9.54 31.89
N LYS B 137 7.13 9.32 32.15
CA LYS B 137 6.02 10.00 31.47
C LYS B 137 6.30 10.11 29.98
N SER B 138 6.61 8.97 29.38
CA SER B 138 6.90 8.90 27.96
C SER B 138 5.65 9.21 27.14
N VAL B 139 5.88 9.54 25.87
CA VAL B 139 4.78 9.87 24.95
C VAL B 139 3.85 8.68 24.80
N LEU B 140 4.39 7.45 24.85
CA LEU B 140 3.57 6.26 24.71
C LEU B 140 2.69 6.04 25.94
N ALA B 141 3.22 6.32 27.13
CA ALA B 141 2.43 6.23 28.34
C ALA B 141 1.36 7.33 28.42
N ALA B 142 1.67 8.52 27.90
CA ALA B 142 0.69 9.61 27.87
C ALA B 142 -0.53 9.24 27.05
N LEU B 143 -0.32 8.54 25.94
CA LEU B 143 -1.44 8.09 25.14
C LEU B 143 -2.19 6.97 25.84
N TYR B 144 -1.48 5.93 26.32
CA TYR B 144 -2.12 4.79 26.95
C TYR B 144 -2.00 4.90 28.47
N SER B 145 -2.72 5.90 28.98
CA SER B 145 -2.68 6.27 30.39
C SER B 145 -3.33 5.24 31.30
N SER B 146 -4.12 4.31 30.75
CA SER B 146 -4.96 3.44 31.56
C SER B 146 -4.24 2.21 32.13
N GLU B 147 -3.52 1.46 31.31
CA GLU B 147 -3.01 0.19 31.82
C GLU B 147 -1.48 0.14 31.74
N GLY B 148 -0.95 -0.98 32.25
CA GLY B 148 0.49 -1.16 32.23
C GLY B 148 1.02 -1.53 30.86
N SER B 149 0.22 -2.26 30.06
CA SER B 149 0.65 -2.75 28.76
C SER B 149 0.89 -1.62 27.76
N VAL B 150 1.70 -0.65 28.14
CA VAL B 150 1.87 0.56 27.33
C VAL B 150 2.57 0.23 26.02
N MET B 151 3.64 -0.57 26.07
CA MET B 151 4.37 -0.91 24.85
C MET B 151 3.55 -1.82 23.93
N GLU B 152 2.80 -2.77 24.52
CA GLU B 152 2.03 -3.69 23.69
C GLU B 152 0.89 -2.97 22.98
N ARG B 153 0.35 -1.94 23.62
CA ARG B 153 -0.62 -1.08 22.94
C ARG B 153 0.01 -0.34 21.76
N HIS B 154 1.22 0.15 21.95
CA HIS B 154 1.96 0.80 20.87
C HIS B 154 2.33 -0.19 19.76
N HIS B 155 2.78 -1.40 20.14
CA HIS B 155 3.06 -2.43 19.14
C HIS B 155 1.87 -2.68 18.24
N PHE B 156 0.69 -2.89 18.85
CA PHE B 156 -0.55 -2.99 18.07
C PHE B 156 -0.74 -1.77 17.19
N ALA B 157 -0.54 -0.58 17.75
CA ALA B 157 -0.79 0.64 16.99
C ALA B 157 0.14 0.73 15.80
N GLN B 158 1.41 0.29 15.94
CA GLN B 158 2.34 0.30 14.81
C GLN B 158 1.90 -0.68 13.74
N ALA B 159 1.42 -1.87 14.14
CA ALA B 159 0.90 -2.82 13.18
C ALA B 159 -0.28 -2.23 12.40
N ILE B 160 -1.21 -1.60 13.10
CA ILE B 160 -2.37 -1.02 12.42
C ILE B 160 -1.93 0.03 11.41
N ALA B 161 -0.93 0.85 11.77
CA ALA B 161 -0.49 1.90 10.85
C ALA B 161 0.15 1.31 9.61
N ILE B 162 0.94 0.23 9.78
CA ILE B 162 1.51 -0.46 8.63
C ILE B 162 0.41 -0.98 7.72
N LEU B 163 -0.60 -1.61 8.32
CA LEU B 163 -1.74 -2.13 7.56
C LEU B 163 -2.49 -1.03 6.83
N ASN B 164 -2.50 0.19 7.38
CA ASN B 164 -3.17 1.32 6.77
C ASN B 164 -2.23 2.16 5.91
N THR B 165 -1.02 1.68 5.68
CA THR B 165 -0.13 2.28 4.70
C THR B 165 -0.52 1.78 3.32
N HIS B 166 -0.67 2.69 2.37
CA HIS B 166 -1.00 2.29 1.01
C HIS B 166 -0.02 1.21 0.54
N GLY B 167 -0.58 0.09 0.08
CA GLY B 167 0.22 -0.97 -0.49
C GLY B 167 0.60 -2.07 0.48
N CYS B 168 0.20 -1.97 1.75
CA CYS B 168 0.63 -2.88 2.79
C CYS B 168 -0.54 -3.61 3.44
N ASN B 169 -1.78 -3.34 3.01
CA ASN B 169 -2.94 -3.93 3.69
C ASN B 169 -3.11 -5.36 3.22
N ILE B 170 -2.45 -6.30 3.92
CA ILE B 170 -2.58 -7.72 3.57
C ILE B 170 -3.92 -8.32 3.98
N PHE B 171 -4.74 -7.63 4.79
CA PHE B 171 -6.11 -8.02 5.06
C PHE B 171 -7.11 -7.40 4.10
N ASP B 172 -6.66 -6.98 2.93
CA ASP B 172 -7.56 -6.41 1.93
C ASP B 172 -8.65 -7.40 1.52
N HIS B 173 -8.38 -8.71 1.61
CA HIS B 173 -9.34 -9.73 1.18
C HIS B 173 -10.57 -9.80 2.09
N PHE B 174 -10.39 -9.52 3.37
CA PHE B 174 -11.43 -9.78 4.36
C PHE B 174 -12.64 -8.86 4.18
N SER B 175 -13.82 -9.42 4.47
CA SER B 175 -15.03 -8.64 4.67
C SER B 175 -14.78 -7.58 5.76
N ARG B 176 -15.60 -6.53 5.78
CA ARG B 176 -15.45 -5.55 6.86
C ARG B 176 -15.61 -6.20 8.22
N LYS B 177 -16.45 -7.25 8.30
CA LYS B 177 -16.58 -8.00 9.55
C LYS B 177 -15.30 -8.76 9.91
N ASP B 178 -14.76 -9.56 8.98
CA ASP B 178 -13.56 -10.33 9.30
C ASP B 178 -12.34 -9.45 9.47
N TYR B 179 -12.35 -8.28 8.83
CA TYR B 179 -11.30 -7.31 9.04
C TYR B 179 -11.30 -6.83 10.48
N GLN B 180 -12.48 -6.49 11.00
CA GLN B 180 -12.62 -6.15 12.42
C GLN B 180 -12.21 -7.30 13.32
N ARG B 181 -12.71 -8.50 13.05
CA ARG B 181 -12.32 -9.65 13.87
C ARG B 181 -10.80 -9.79 13.90
N MET B 182 -10.16 -9.60 12.75
CA MET B 182 -8.71 -9.76 12.64
C MET B 182 -7.98 -8.67 13.43
N LEU B 183 -8.47 -7.42 13.37
CA LEU B 183 -7.85 -6.37 14.18
C LEU B 183 -8.01 -6.67 15.65
N ASP B 184 -9.18 -7.14 16.07
CA ASP B 184 -9.39 -7.40 17.49
C ASP B 184 -8.57 -8.60 17.96
N LEU B 185 -8.48 -9.66 17.14
CA LEU B 185 -7.59 -10.77 17.46
C LEU B 185 -6.15 -10.28 17.64
N MET B 186 -5.66 -9.43 16.72
CA MET B 186 -4.29 -8.94 16.81
C MET B 186 -4.07 -8.14 18.08
N ARG B 187 -5.04 -7.32 18.48
CA ARG B 187 -4.92 -6.57 19.73
C ARG B 187 -4.80 -7.52 20.91
N ASP B 188 -5.74 -8.46 21.02
CA ASP B 188 -5.73 -9.38 22.15
C ASP B 188 -4.45 -10.22 22.19
N ILE B 189 -3.96 -10.64 21.02
CA ILE B 189 -2.80 -11.52 20.98
C ILE B 189 -1.54 -10.74 21.34
N ILE B 190 -1.37 -9.57 20.71
CA ILE B 190 -0.22 -8.73 21.04
C ILE B 190 -0.26 -8.31 22.50
N LEU B 191 -1.44 -7.98 23.01
CA LEU B 191 -1.57 -7.64 24.43
C LEU B 191 -1.20 -8.80 25.34
N ALA B 192 -1.53 -10.02 24.92
CA ALA B 192 -1.12 -11.22 25.64
C ALA B 192 0.39 -11.29 25.88
N THR B 193 1.22 -10.63 25.04
CA THR B 193 2.68 -10.69 25.23
C THR B 193 3.15 -9.89 26.44
N ASP B 194 2.30 -9.02 26.97
CA ASP B 194 2.58 -8.48 28.30
C ASP B 194 2.65 -9.63 29.29
N LEU B 195 3.86 -9.95 29.78
CA LEU B 195 3.97 -10.97 30.83
C LEU B 195 3.04 -10.69 32.00
N ALA B 196 2.73 -9.42 32.26
CA ALA B 196 1.85 -9.13 33.39
C ALA B 196 0.47 -9.69 33.13
N HIS B 197 0.00 -9.57 31.89
CA HIS B 197 -1.23 -10.21 31.45
C HIS B 197 -1.13 -11.72 31.60
N HIS B 198 -0.02 -12.31 31.15
CA HIS B 198 0.12 -13.75 31.29
C HIS B 198 -0.02 -14.18 32.74
N LEU B 199 0.59 -13.44 33.67
CA LEU B 199 0.42 -13.78 35.07
C LEU B 199 -1.05 -13.75 35.48
N ARG B 200 -1.80 -12.75 35.00
CA ARG B 200 -3.19 -12.63 35.44
C ARG B 200 -4.06 -13.80 34.97
N ILE B 201 -3.77 -14.38 33.81
CA ILE B 201 -4.62 -15.42 33.24
C ILE B 201 -4.08 -16.82 33.52
N PHE B 202 -2.96 -16.93 34.24
CA PHE B 202 -2.25 -18.20 34.37
C PHE B 202 -3.13 -19.29 34.95
N LYS B 203 -3.83 -18.99 36.05
CA LYS B 203 -4.76 -19.95 36.61
C LYS B 203 -5.87 -20.32 35.64
N ASP B 204 -6.37 -19.35 34.85
CA ASP B 204 -7.31 -19.72 33.80
C ASP B 204 -6.65 -20.67 32.80
N LEU B 205 -5.37 -20.43 32.49
CA LEU B 205 -4.64 -21.34 31.63
C LEU B 205 -4.53 -22.73 32.27
N GLN B 206 -4.18 -22.77 33.56
CA GLN B 206 -4.10 -24.05 34.27
C GLN B 206 -5.42 -24.82 34.23
N LYS B 207 -6.54 -24.13 34.50
CA LYS B 207 -7.84 -24.80 34.50
C LYS B 207 -8.12 -25.45 33.14
N MET B 208 -7.83 -24.74 32.06
CA MET B 208 -8.10 -25.28 30.73
C MET B 208 -7.26 -26.52 30.48
N ALA B 209 -5.97 -26.48 30.82
CA ALA B 209 -5.13 -27.65 30.75
C ALA B 209 -5.70 -28.80 31.56
N GLU B 210 -6.24 -28.49 32.74
CA GLU B 210 -6.77 -29.57 33.58
C GLU B 210 -8.03 -30.19 32.98
N VAL B 211 -8.92 -29.36 32.43
CA VAL B 211 -10.18 -29.88 31.91
C VAL B 211 -10.03 -30.37 30.48
N GLY B 212 -8.98 -29.96 29.78
CA GLY B 212 -8.82 -30.38 28.42
C GLY B 212 -9.38 -29.34 27.46
N TYR B 213 -8.60 -28.98 26.45
CA TYR B 213 -9.01 -27.95 25.52
C TYR B 213 -10.32 -28.32 24.84
N ASP B 214 -11.20 -27.32 24.69
CA ASP B 214 -12.51 -27.48 24.08
C ASP B 214 -12.64 -26.49 22.94
N ARG B 215 -12.41 -26.97 21.70
CA ARG B 215 -12.53 -26.12 20.52
C ARG B 215 -13.90 -25.44 20.41
N ASN B 216 -14.90 -25.97 21.08
CA ASN B 216 -16.23 -25.38 21.06
C ASN B 216 -16.44 -24.35 22.15
N ASN B 217 -15.39 -24.03 22.90
CA ASN B 217 -15.43 -23.02 23.96
C ASN B 217 -14.65 -21.80 23.48
N LYS B 218 -15.37 -20.72 23.13
CA LYS B 218 -14.72 -19.51 22.66
C LYS B 218 -13.70 -18.97 23.67
N GLN B 219 -14.00 -19.10 24.97
CA GLN B 219 -13.04 -18.76 26.00
C GLN B 219 -11.74 -19.56 25.85
N HIS B 220 -11.84 -20.85 25.50
CA HIS B 220 -10.62 -21.65 25.33
C HIS B 220 -9.81 -21.19 24.13
N HIS B 221 -10.45 -20.70 23.06
CA HIS B 221 -9.69 -20.14 21.95
C HIS B 221 -8.86 -18.94 22.40
N ARG B 222 -9.48 -18.02 23.13
CA ARG B 222 -8.80 -16.80 23.53
C ARG B 222 -7.58 -17.11 24.39
N LEU B 223 -7.77 -17.93 25.40
CA LEU B 223 -6.68 -18.31 26.29
C LEU B 223 -5.60 -19.06 25.52
N LEU B 224 -6.00 -20.03 24.68
CA LEU B 224 -5.01 -20.79 23.93
C LEU B 224 -4.22 -19.88 23.02
N LEU B 225 -4.90 -18.92 22.39
CA LEU B 225 -4.17 -17.93 21.60
C LEU B 225 -3.16 -17.20 22.47
N CYS B 226 -3.54 -16.89 23.72
CA CYS B 226 -2.60 -16.23 24.63
C CYS B 226 -1.41 -17.12 24.98
N LEU B 227 -1.69 -18.40 25.26
CA LEU B 227 -0.59 -19.30 25.63
C LEU B 227 0.37 -19.46 24.47
N LEU B 228 -0.17 -19.71 23.27
CA LEU B 228 0.66 -19.89 22.08
C LEU B 228 1.53 -18.67 21.85
N MET B 229 0.96 -17.47 21.98
CA MET B 229 1.74 -16.27 21.72
C MET B 229 2.88 -16.15 22.72
N THR B 230 2.58 -16.39 23.99
CA THR B 230 3.61 -16.38 25.02
C THR B 230 4.65 -17.44 24.75
N SER B 231 4.21 -18.62 24.28
CA SER B 231 5.16 -19.70 23.98
C SER B 231 6.12 -19.29 22.88
N CYS B 232 5.62 -18.56 21.87
CA CYS B 232 6.48 -18.05 20.80
C CYS B 232 7.41 -16.94 21.28
N ASP B 233 6.93 -16.06 22.15
CA ASP B 233 7.73 -14.94 22.62
C ASP B 233 8.95 -15.43 23.41
N LEU B 234 8.78 -16.49 24.20
CA LEU B 234 9.86 -17.03 25.02
C LEU B 234 10.57 -18.20 24.35
N SER B 235 10.29 -18.49 23.08
CA SER B 235 10.77 -19.73 22.47
C SER B 235 12.30 -19.78 22.34
N ASP B 236 13.00 -18.66 22.49
CA ASP B 236 14.45 -18.71 22.60
C ASP B 236 14.91 -19.70 23.68
N GLN B 237 14.10 -19.90 24.71
CA GLN B 237 14.46 -20.82 25.79
C GLN B 237 14.17 -22.28 25.47
N THR B 238 13.60 -22.59 24.31
CA THR B 238 13.37 -23.96 23.94
C THR B 238 14.44 -24.49 23.01
N LYS B 239 15.54 -23.77 22.84
CA LYS B 239 16.63 -24.18 21.96
C LYS B 239 17.78 -24.79 22.80
N GLY B 240 18.96 -24.90 22.21
CA GLY B 240 20.11 -25.40 22.95
C GLY B 240 20.71 -24.34 23.85
N TRP B 241 21.72 -24.75 24.62
CA TRP B 241 22.32 -23.86 25.61
C TRP B 241 22.92 -22.62 24.94
N LYS B 242 23.67 -22.79 23.85
CA LYS B 242 24.32 -21.65 23.21
C LYS B 242 23.33 -20.52 22.93
N THR B 243 22.09 -20.86 22.58
CA THR B 243 21.09 -19.86 22.22
C THR B 243 20.64 -19.08 23.44
N THR B 244 20.26 -19.77 24.53
CA THR B 244 19.78 -19.02 25.68
C THR B 244 20.92 -18.26 26.35
N ARG B 245 22.14 -18.78 26.30
CA ARG B 245 23.29 -18.00 26.71
C ARG B 245 23.37 -16.69 25.93
N LYS B 246 23.37 -16.78 24.60
CA LYS B 246 23.47 -15.57 23.81
C LYS B 246 22.28 -14.64 24.08
N ILE B 247 21.07 -15.21 24.13
CA ILE B 247 19.87 -14.41 24.37
C ILE B 247 19.93 -13.77 25.75
N ALA B 248 20.65 -14.39 26.69
CA ALA B 248 20.86 -13.74 27.98
C ALA B 248 21.79 -12.54 27.86
N GLU B 249 22.85 -12.65 27.06
CA GLU B 249 23.70 -11.48 26.83
C GLU B 249 22.88 -10.31 26.32
N LEU B 250 21.95 -10.56 25.38
CA LEU B 250 21.22 -9.47 24.74
C LEU B 250 20.20 -8.87 25.69
N ILE B 251 19.45 -9.73 26.37
CA ILE B 251 18.43 -9.28 27.31
C ILE B 251 19.04 -8.39 28.39
N TYR B 252 20.14 -8.84 29.00
CA TYR B 252 20.71 -8.06 30.10
C TYR B 252 21.46 -6.84 29.63
N LYS B 253 22.09 -6.90 28.45
CA LYS B 253 22.61 -5.70 27.84
C LYS B 253 21.50 -4.66 27.66
N GLU B 254 20.34 -5.09 27.14
CA GLU B 254 19.20 -4.20 26.99
C GLU B 254 18.73 -3.68 28.35
N PHE B 255 18.49 -4.60 29.30
CA PHE B 255 18.05 -4.19 30.62
C PHE B 255 19.00 -3.18 31.24
N PHE B 256 20.30 -3.49 31.21
CA PHE B 256 21.30 -2.64 31.85
C PHE B 256 21.40 -1.29 31.19
N SER B 257 21.15 -1.21 29.88
CA SER B 257 21.09 0.10 29.25
C SER B 257 19.93 0.91 29.82
N GLN B 258 18.77 0.28 30.02
CA GLN B 258 17.64 1.00 30.61
C GLN B 258 18.00 1.46 32.03
N GLY B 259 18.67 0.61 32.80
CA GLY B 259 19.00 0.96 34.17
C GLY B 259 20.00 2.09 34.28
N ASP B 260 20.92 2.20 33.32
CA ASP B 260 21.84 3.33 33.30
C ASP B 260 21.09 4.63 33.06
N LEU B 261 20.17 4.63 32.10
CA LEU B 261 19.39 5.83 31.84
C LEU B 261 18.57 6.22 33.05
N GLU B 262 17.79 5.28 33.59
CA GLU B 262 17.02 5.53 34.80
C GLU B 262 17.89 6.12 35.90
N LYS B 263 19.05 5.50 36.16
CA LYS B 263 19.95 6.02 37.19
C LYS B 263 20.32 7.48 36.91
N ALA B 264 20.65 7.79 35.66
CA ALA B 264 21.00 9.17 35.31
C ALA B 264 19.85 10.13 35.57
N MET B 265 18.62 9.71 35.27
CA MET B 265 17.43 10.52 35.52
C MET B 265 17.10 10.63 37.00
N GLY B 266 17.86 9.97 37.87
CA GLY B 266 17.60 10.02 39.29
C GLY B 266 16.61 9.00 39.80
N ASN B 267 16.13 8.10 38.95
CA ASN B 267 15.17 7.08 39.34
C ASN B 267 15.90 5.81 39.77
N ARG B 268 15.24 5.04 40.63
CA ARG B 268 15.91 3.80 41.03
C ARG B 268 15.46 2.67 40.11
N PRO B 269 16.38 1.96 39.49
CA PRO B 269 15.99 0.88 38.59
C PRO B 269 15.72 -0.40 39.35
N MET B 270 14.87 -1.23 38.77
CA MET B 270 14.78 -2.63 39.23
C MET B 270 16.18 -3.23 39.34
N GLU B 271 16.31 -4.22 40.20
CA GLU B 271 17.61 -4.86 40.38
C GLU B 271 18.06 -5.58 39.11
N MET B 272 17.13 -6.25 38.40
CA MET B 272 17.55 -7.02 37.22
C MET B 272 18.01 -6.13 36.08
N MET B 273 17.82 -4.82 36.20
CA MET B 273 18.24 -3.85 35.20
C MET B 273 19.38 -2.98 35.70
N ASP B 274 19.83 -3.21 36.93
CA ASP B 274 20.93 -2.47 37.54
C ASP B 274 22.19 -3.31 37.42
N ARG B 275 23.10 -2.89 36.53
CA ARG B 275 24.29 -3.69 36.27
C ARG B 275 25.17 -3.87 37.53
N GLU B 276 25.08 -2.95 38.50
CA GLU B 276 25.89 -3.06 39.71
C GLU B 276 25.30 -4.04 40.74
N LYS B 277 24.02 -4.39 40.58
CA LYS B 277 23.29 -5.23 41.54
C LYS B 277 22.90 -6.59 40.98
N ALA B 278 22.65 -6.67 39.68
CA ALA B 278 22.06 -7.86 39.09
C ALA B 278 23.04 -9.04 39.08
N TYR B 279 22.57 -10.19 39.55
CA TYR B 279 23.31 -11.44 39.51
C TYR B 279 22.60 -12.34 38.50
N ILE B 280 23.13 -12.34 37.28
CA ILE B 280 22.46 -12.96 36.13
C ILE B 280 22.00 -14.39 36.39
N PRO B 281 22.84 -15.32 36.89
CA PRO B 281 22.37 -16.72 37.03
C PRO B 281 21.18 -16.86 37.95
N GLU B 282 21.20 -16.17 39.08
CA GLU B 282 20.06 -16.19 39.97
C GLU B 282 18.82 -15.65 39.27
N LEU B 283 18.99 -14.59 38.48
CA LEU B 283 17.86 -14.00 37.75
C LEU B 283 17.36 -14.93 36.65
N GLN B 284 18.28 -15.54 35.88
CA GLN B 284 17.88 -16.47 34.84
C GLN B 284 17.19 -17.67 35.44
N ILE B 285 17.84 -18.31 36.42
CA ILE B 285 17.25 -19.49 37.07
C ILE B 285 15.86 -19.17 37.58
N SER B 286 15.72 -18.02 38.24
CA SER B 286 14.42 -17.55 38.69
C SER B 286 13.43 -17.47 37.53
N PHE B 287 13.79 -16.72 36.49
CA PHE B 287 12.90 -16.56 35.34
C PHE B 287 12.56 -17.91 34.71
N MET B 288 13.58 -18.74 34.44
CA MET B 288 13.35 -20.08 33.90
C MET B 288 12.42 -20.88 34.79
N GLU B 289 12.74 -20.97 36.08
CA GLU B 289 11.96 -21.78 37.01
C GLU B 289 10.53 -21.27 37.13
N HIS B 290 10.35 -19.96 37.29
CA HIS B 290 9.07 -19.43 37.74
C HIS B 290 8.15 -18.98 36.61
N ILE B 291 8.70 -18.65 35.45
CA ILE B 291 7.92 -18.11 34.33
C ILE B 291 8.02 -19.00 33.10
N ALA B 292 9.25 -19.28 32.64
CA ALA B 292 9.41 -20.00 31.38
C ALA B 292 8.94 -21.45 31.49
N MET B 293 9.45 -22.18 32.48
CA MET B 293 9.06 -23.57 32.64
C MET B 293 7.55 -23.75 32.80
N PRO B 294 6.87 -23.03 33.70
CA PRO B 294 5.42 -23.26 33.83
C PRO B 294 4.67 -23.01 32.53
N ILE B 295 5.17 -22.12 31.66
CA ILE B 295 4.52 -21.86 30.38
C ILE B 295 4.55 -23.12 29.50
N TYR B 296 5.73 -23.74 29.35
CA TYR B 296 5.86 -24.92 28.49
C TYR B 296 5.31 -26.17 29.14
N LYS B 297 5.25 -26.18 30.47
CA LYS B 297 4.47 -27.21 31.15
C LYS B 297 3.01 -27.17 30.70
N LEU B 298 2.38 -25.98 30.78
CA LEU B 298 1.02 -25.81 30.30
C LEU B 298 0.87 -26.27 28.85
N LEU B 299 1.81 -25.86 28.00
CA LEU B 299 1.74 -26.25 26.59
C LEU B 299 1.81 -27.76 26.46
N GLN B 300 2.77 -28.39 27.15
CA GLN B 300 2.87 -29.85 27.14
C GLN B 300 1.60 -30.50 27.62
N ASP B 301 1.05 -30.02 28.74
CA ASP B 301 -0.19 -30.60 29.24
C ASP B 301 -1.30 -30.49 28.20
N LEU B 302 -1.31 -29.40 27.43
CA LEU B 302 -2.33 -29.24 26.39
C LEU B 302 -2.01 -30.02 25.14
N PHE B 303 -0.73 -30.09 24.76
CA PHE B 303 -0.30 -30.76 23.52
C PHE B 303 0.85 -31.71 23.86
N PRO B 304 0.59 -33.02 23.97
CA PRO B 304 1.68 -33.97 24.27
C PRO B 304 2.92 -33.83 23.39
N LYS B 305 2.76 -33.62 22.09
CA LYS B 305 3.92 -33.45 21.21
C LYS B 305 4.78 -32.23 21.56
N ALA B 306 4.26 -31.28 22.35
CA ALA B 306 5.07 -30.15 22.80
C ALA B 306 5.97 -30.51 23.97
N ALA B 307 6.09 -31.79 24.33
CA ALA B 307 6.81 -32.17 25.54
C ALA B 307 8.31 -31.93 25.43
N GLU B 308 8.89 -32.06 24.22
CA GLU B 308 10.32 -31.79 24.09
C GLU B 308 10.67 -30.34 24.41
N LEU B 309 9.72 -29.41 24.22
CA LEU B 309 10.00 -28.01 24.50
C LEU B 309 10.16 -27.79 25.99
N TYR B 310 9.22 -28.32 26.78
CA TYR B 310 9.33 -28.23 28.22
C TYR B 310 10.62 -28.88 28.71
N GLU B 311 10.92 -30.08 28.19
CA GLU B 311 12.18 -30.75 28.57
C GLU B 311 13.39 -29.89 28.27
N ARG B 312 13.39 -29.17 27.14
CA ARG B 312 14.57 -28.39 26.83
C ARG B 312 14.68 -27.16 27.72
N VAL B 313 13.55 -26.50 28.01
CA VAL B 313 13.56 -25.34 28.89
C VAL B 313 14.07 -25.73 30.27
N ALA B 314 13.53 -26.82 30.82
CA ALA B 314 14.02 -27.34 32.09
C ALA B 314 15.52 -27.63 32.02
N SER B 315 15.95 -28.30 30.96
CA SER B 315 17.36 -28.56 30.78
C SER B 315 18.18 -27.27 30.75
N ASN B 316 17.64 -26.23 30.11
CA ASN B 316 18.35 -24.96 30.09
C ASN B 316 18.42 -24.35 31.48
N ARG B 317 17.35 -24.48 32.27
CA ARG B 317 17.41 -24.06 33.67
C ARG B 317 18.52 -24.79 34.42
N GLU B 318 18.56 -26.12 34.31
CA GLU B 318 19.63 -26.89 34.95
C GLU B 318 21.01 -26.35 34.57
N HIS B 319 21.19 -26.04 33.28
CA HIS B 319 22.47 -25.55 32.78
C HIS B 319 22.90 -24.26 33.47
N TRP B 320 21.95 -23.34 33.69
CA TRP B 320 22.29 -22.09 34.38
C TRP B 320 22.80 -22.35 35.80
N THR B 321 22.14 -23.25 36.52
CA THR B 321 22.64 -23.60 37.85
C THR B 321 24.05 -24.15 37.77
N LYS B 322 24.33 -24.98 36.76
CA LYS B 322 25.64 -25.60 36.64
C LYS B 322 26.73 -24.57 36.37
N VAL B 323 26.41 -23.49 35.66
CA VAL B 323 27.40 -22.46 35.37
C VAL B 323 27.23 -21.24 36.26
N SER B 324 26.34 -21.31 37.25
CA SER B 324 26.13 -20.18 38.15
C SER B 324 27.42 -19.81 38.88
N HIS B 325 28.17 -20.82 39.31
CA HIS B 325 29.38 -20.59 40.10
C HIS B 325 30.43 -19.78 39.34
N LYS B 326 30.38 -19.77 38.01
CA LYS B 326 31.38 -19.05 37.23
C LYS B 326 31.26 -17.54 37.37
N PHE B 327 30.11 -17.03 37.80
CA PHE B 327 29.99 -15.58 37.97
C PHE B 327 30.64 -15.08 39.24
N THR B 328 31.14 -15.98 40.08
CA THR B 328 32.03 -15.63 41.19
C THR B 328 33.42 -16.08 40.76
N ILE B 329 34.31 -15.11 40.54
CA ILE B 329 35.63 -15.39 39.97
C ILE B 329 36.43 -16.25 40.94
N ARG B 330 36.76 -17.47 40.51
CA ARG B 330 37.71 -18.29 41.24
C ARG B 330 38.99 -18.42 40.44
N GLY B 331 40.12 -18.41 41.14
CA GLY B 331 41.38 -18.30 40.45
C GLY B 331 41.63 -16.85 40.08
N LEU B 332 42.42 -16.66 39.05
CA LEU B 332 42.61 -15.31 38.53
C LEU B 332 41.69 -15.06 37.35
N PRO B 333 41.40 -13.79 37.05
CA PRO B 333 40.83 -13.43 35.74
C PRO B 333 41.62 -14.00 34.58
N SER B 334 41.09 -13.84 33.37
CA SER B 334 41.77 -14.38 32.18
C SER B 334 43.16 -13.77 32.02
N ASN B 335 43.30 -12.48 32.28
CA ASN B 335 44.59 -11.82 32.03
C ASN B 335 45.61 -12.06 33.16
N ASN B 336 45.36 -12.99 34.08
CA ASN B 336 46.25 -13.25 35.21
C ASN B 336 46.54 -11.99 36.01
N SER B 337 45.57 -11.07 36.02
CA SER B 337 45.77 -9.74 36.53
C SER B 337 44.68 -9.39 37.53
N LEU B 338 45.04 -8.62 38.55
CA LEU B 338 44.09 -8.12 39.53
C LEU B 338 43.92 -6.60 39.44
N ASP B 339 44.18 -6.01 38.27
CA ASP B 339 44.03 -4.56 38.14
C ASP B 339 42.59 -4.12 38.38
N PHE B 340 41.61 -4.96 38.05
CA PHE B 340 40.22 -4.71 38.44
C PHE B 340 40.11 -4.77 39.96
N ILE C 15 5.35 -35.35 -44.18
CA ILE C 15 5.65 -35.43 -42.74
C ILE C 15 5.96 -36.86 -42.33
N GLN C 16 7.14 -37.05 -41.76
CA GLN C 16 7.59 -38.38 -41.39
C GLN C 16 6.78 -38.92 -40.20
N PRO C 17 6.63 -40.23 -40.12
CA PRO C 17 6.17 -40.82 -38.86
C PRO C 17 7.22 -40.56 -37.78
N VAL C 18 6.78 -40.65 -36.52
CA VAL C 18 7.73 -40.65 -35.43
C VAL C 18 8.56 -41.95 -35.42
N ALA C 19 8.05 -43.01 -36.06
CA ALA C 19 8.75 -44.29 -36.10
C ALA C 19 9.99 -44.22 -36.97
N ALA C 20 9.98 -43.36 -37.99
CA ALA C 20 11.16 -43.13 -38.82
C ALA C 20 12.02 -41.96 -38.31
N ILE C 21 11.69 -41.40 -37.15
CA ILE C 21 12.63 -40.53 -36.44
C ILE C 21 13.58 -41.36 -35.58
N ASP C 22 13.01 -42.23 -34.74
CA ASP C 22 13.76 -43.13 -33.89
C ASP C 22 12.81 -44.20 -33.41
N SER C 23 13.27 -45.46 -33.40
CA SER C 23 12.44 -46.56 -32.92
C SER C 23 11.88 -46.30 -31.52
N ASN C 24 12.55 -45.46 -30.74
CA ASN C 24 12.27 -45.26 -29.32
C ASN C 24 11.66 -43.87 -29.03
N PHE C 25 11.11 -43.20 -30.05
CA PHE C 25 10.77 -41.78 -29.94
C PHE C 25 9.65 -41.48 -28.95
N ALA C 26 8.90 -42.48 -28.48
CA ALA C 26 7.83 -42.25 -27.52
C ALA C 26 8.12 -42.89 -26.17
N SER C 27 9.37 -43.31 -25.94
CA SER C 27 9.78 -43.81 -24.63
C SER C 27 10.30 -42.66 -23.75
N PHE C 28 9.96 -42.71 -22.46
CA PHE C 28 10.55 -41.81 -21.48
C PHE C 28 12.08 -41.87 -21.50
N THR C 29 12.65 -43.03 -21.85
CA THR C 29 14.09 -43.20 -21.90
C THR C 29 14.74 -42.37 -22.99
N TYR C 30 13.97 -41.94 -23.99
CA TYR C 30 14.52 -41.19 -25.11
C TYR C 30 14.88 -39.77 -24.69
N THR C 31 15.97 -39.25 -25.24
CA THR C 31 16.46 -37.91 -24.88
C THR C 31 16.34 -37.00 -26.09
N PRO C 32 15.31 -36.14 -26.15
CA PRO C 32 15.10 -35.37 -27.38
C PRO C 32 16.27 -34.48 -27.74
N ARG C 33 17.07 -34.03 -26.77
CA ARG C 33 18.24 -33.22 -27.07
C ARG C 33 19.27 -33.96 -27.94
N SER C 34 19.18 -35.29 -28.03
CA SER C 34 20.07 -36.02 -28.94
C SER C 34 19.70 -35.80 -30.39
N LEU C 35 18.47 -35.39 -30.66
CA LEU C 35 18.06 -35.14 -32.03
C LEU C 35 18.77 -33.89 -32.55
N PRO C 36 19.43 -33.96 -33.71
CA PRO C 36 20.04 -32.75 -34.27
C PRO C 36 19.03 -31.63 -34.37
N GLU C 37 19.46 -30.42 -33.99
CA GLU C 37 18.56 -29.28 -33.91
C GLU C 37 17.85 -29.02 -35.24
N ASP C 38 18.46 -29.42 -36.35
CA ASP C 38 17.90 -29.24 -37.69
C ASP C 38 16.77 -30.21 -38.03
N ASP C 39 16.60 -31.27 -37.23
CA ASP C 39 15.46 -32.16 -37.38
C ASP C 39 14.30 -31.80 -36.47
N THR C 40 14.45 -30.78 -35.62
CA THR C 40 13.46 -30.52 -34.58
C THR C 40 12.15 -30.00 -35.14
N SER C 41 12.18 -29.23 -36.23
CA SER C 41 10.92 -28.81 -36.85
C SER C 41 10.13 -30.01 -37.36
N MET C 42 10.76 -30.85 -38.19
CA MET C 42 10.08 -32.06 -38.65
C MET C 42 9.58 -32.91 -37.48
N ALA C 43 10.38 -33.00 -36.40
CA ALA C 43 9.94 -33.73 -35.21
C ALA C 43 8.71 -33.09 -34.58
N ILE C 44 8.61 -31.75 -34.61
CA ILE C 44 7.42 -31.08 -34.08
C ILE C 44 6.18 -31.50 -34.88
N LEU C 45 6.23 -31.33 -36.22
CA LEU C 45 5.12 -31.75 -37.05
C LEU C 45 4.79 -33.22 -36.85
N SER C 46 5.82 -34.06 -36.78
CA SER C 46 5.58 -35.49 -36.63
C SER C 46 4.83 -35.78 -35.33
N MET C 47 5.06 -34.98 -34.29
CA MET C 47 4.37 -35.18 -33.02
C MET C 47 2.95 -34.67 -33.06
N LEU C 48 2.74 -33.53 -33.72
CA LEU C 48 1.39 -33.06 -33.98
C LEU C 48 0.67 -34.01 -34.92
N GLN C 49 1.40 -34.59 -35.87
CA GLN C 49 0.87 -35.62 -36.75
C GLN C 49 0.48 -36.86 -35.97
N ASP C 50 1.40 -37.35 -35.14
CA ASP C 50 1.23 -38.62 -34.44
C ASP C 50 0.03 -38.57 -33.50
N MET C 51 -0.08 -37.50 -32.71
CA MET C 51 -1.27 -37.37 -31.86
C MET C 51 -2.52 -37.13 -32.68
N ASN C 52 -2.38 -36.88 -33.99
CA ASN C 52 -3.47 -36.56 -34.91
C ASN C 52 -4.19 -35.26 -34.53
N PHE C 53 -3.42 -34.23 -34.19
CA PHE C 53 -3.99 -32.90 -33.98
C PHE C 53 -4.25 -32.19 -35.31
N ILE C 54 -3.39 -32.41 -36.30
CA ILE C 54 -3.51 -31.70 -37.57
C ILE C 54 -4.82 -32.09 -38.26
N ASN C 55 -5.06 -33.40 -38.37
CA ASN C 55 -6.33 -33.88 -38.93
C ASN C 55 -7.51 -33.49 -38.06
N ASN C 56 -7.35 -33.61 -36.73
CA ASN C 56 -8.49 -33.41 -35.84
C ASN C 56 -9.03 -31.98 -35.92
N TYR C 57 -8.13 -31.00 -35.88
CA TYR C 57 -8.49 -29.59 -35.95
C TYR C 57 -8.33 -28.99 -37.34
N LYS C 58 -8.04 -29.83 -38.34
CA LYS C 58 -7.94 -29.40 -39.74
C LYS C 58 -6.90 -28.30 -39.92
N ILE C 59 -5.72 -28.52 -39.30
CA ILE C 59 -4.64 -27.53 -39.34
C ILE C 59 -4.05 -27.48 -40.74
N ASP C 60 -4.00 -26.28 -41.32
CA ASP C 60 -3.30 -26.09 -42.57
C ASP C 60 -1.82 -26.34 -42.37
N CYS C 61 -1.27 -27.33 -43.07
CA CYS C 61 0.12 -27.70 -42.81
C CYS C 61 1.12 -26.62 -43.21
N PRO C 62 0.93 -25.93 -44.36
CA PRO C 62 1.83 -24.81 -44.66
C PRO C 62 1.87 -23.74 -43.58
N THR C 63 0.71 -23.40 -42.99
CA THR C 63 0.70 -22.45 -41.88
C THR C 63 1.38 -23.06 -40.65
N LEU C 64 1.15 -24.34 -40.41
CA LEU C 64 1.78 -25.04 -39.29
C LEU C 64 3.30 -25.02 -39.42
N ALA C 65 3.81 -25.28 -40.62
CA ALA C 65 5.26 -25.29 -40.84
C ALA C 65 5.86 -23.92 -40.60
N ARG C 66 5.22 -22.87 -41.14
CA ARG C 66 5.71 -21.51 -40.95
C ARG C 66 5.65 -21.12 -39.47
N PHE C 67 4.61 -21.57 -38.77
CA PHE C 67 4.49 -21.29 -37.34
C PHE C 67 5.63 -21.95 -36.57
N CYS C 68 5.87 -23.24 -36.84
CA CYS C 68 6.96 -23.94 -36.16
C CYS C 68 8.31 -23.29 -36.46
N LEU C 69 8.53 -22.84 -37.69
CA LEU C 69 9.80 -22.19 -37.99
C LEU C 69 9.91 -20.84 -37.28
N MET C 70 8.81 -20.09 -37.20
CA MET C 70 8.82 -18.80 -36.52
C MET C 70 9.08 -18.95 -35.03
N VAL C 71 8.41 -19.92 -34.39
CA VAL C 71 8.65 -20.15 -32.97
C VAL C 71 10.09 -20.55 -32.71
N LYS C 72 10.58 -21.53 -33.48
CA LYS C 72 11.99 -21.93 -33.37
C LYS C 72 12.90 -20.72 -33.52
N LYS C 73 12.65 -19.91 -34.58
CA LYS C 73 13.40 -18.67 -34.81
C LYS C 73 13.26 -17.70 -33.64
N GLY C 74 12.14 -17.73 -32.94
CA GLY C 74 11.88 -16.79 -31.87
C GLY C 74 12.67 -17.03 -30.61
N TYR C 75 13.58 -17.99 -30.60
CA TYR C 75 14.42 -18.30 -29.44
C TYR C 75 15.83 -17.77 -29.65
N ARG C 76 16.40 -17.16 -28.61
CA ARG C 76 17.80 -16.78 -28.64
C ARG C 76 18.65 -17.98 -28.21
N ASP C 77 19.90 -17.75 -27.82
CA ASP C 77 20.81 -18.83 -27.45
C ASP C 77 21.58 -18.49 -26.18
N PRO C 78 20.90 -18.29 -25.05
CA PRO C 78 21.58 -18.44 -23.77
C PRO C 78 21.88 -19.91 -23.55
N PRO C 79 22.70 -20.27 -22.58
CA PRO C 79 23.08 -21.69 -22.46
C PRO C 79 21.90 -22.63 -22.28
N TYR C 80 20.87 -22.24 -21.53
CA TYR C 80 19.79 -23.14 -21.20
C TYR C 80 18.48 -22.81 -21.91
N HIS C 81 17.98 -21.57 -21.81
CA HIS C 81 16.63 -21.21 -22.27
C HIS C 81 16.64 -20.87 -23.77
N ASN C 82 16.93 -21.89 -24.57
CA ASN C 82 17.03 -21.77 -26.02
C ASN C 82 15.93 -22.63 -26.68
N TRP C 83 16.04 -22.80 -27.99
CA TRP C 83 15.03 -23.60 -28.70
C TRP C 83 15.13 -25.09 -28.34
N MET C 84 16.33 -25.60 -28.05
CA MET C 84 16.41 -27.02 -27.73
C MET C 84 15.73 -27.33 -26.40
N HIS C 85 15.70 -26.36 -25.47
CA HIS C 85 14.86 -26.49 -24.29
C HIS C 85 13.39 -26.59 -24.68
N ALA C 86 12.91 -25.62 -25.47
CA ALA C 86 11.50 -25.62 -25.88
C ALA C 86 11.13 -26.91 -26.58
N PHE C 87 11.92 -27.32 -27.58
CA PHE C 87 11.70 -28.58 -28.27
C PHE C 87 11.61 -29.76 -27.30
N SER C 88 12.59 -29.87 -26.41
CA SER C 88 12.62 -30.99 -25.48
C SER C 88 11.48 -30.92 -24.49
N VAL C 89 11.04 -29.72 -24.14
CA VAL C 89 9.85 -29.60 -23.31
C VAL C 89 8.64 -30.11 -24.09
N SER C 90 8.55 -29.75 -25.37
CA SER C 90 7.43 -30.17 -26.18
C SER C 90 7.46 -31.67 -26.42
N HIS C 91 8.66 -32.23 -26.53
CA HIS C 91 8.78 -33.66 -26.71
C HIS C 91 8.24 -34.43 -25.51
N PHE C 92 8.41 -33.88 -24.30
CA PHE C 92 7.92 -34.58 -23.11
C PHE C 92 6.41 -34.46 -22.98
N CYS C 93 5.83 -33.36 -23.44
CA CYS C 93 4.38 -33.29 -23.53
C CYS C 93 3.85 -34.41 -24.43
N TYR C 94 4.48 -34.61 -25.58
CA TYR C 94 4.17 -35.75 -26.44
C TYR C 94 4.31 -37.07 -25.69
N LEU C 95 5.40 -37.22 -24.91
CA LEU C 95 5.59 -38.42 -24.11
C LEU C 95 4.46 -38.61 -23.10
N LEU C 96 3.95 -37.53 -22.50
CA LEU C 96 2.84 -37.67 -21.56
C LEU C 96 1.55 -38.10 -22.26
N TYR C 97 1.39 -37.77 -23.54
CA TYR C 97 0.18 -38.21 -24.27
C TYR C 97 0.28 -39.69 -24.62
N LYS C 98 1.44 -40.09 -25.12
CA LYS C 98 1.64 -41.46 -25.57
C LYS C 98 1.64 -42.45 -24.40
N ASN C 99 2.35 -42.10 -23.32
CA ASN C 99 2.55 -43.06 -22.23
C ASN C 99 1.47 -43.01 -21.16
N LEU C 100 0.86 -41.85 -20.92
CA LEU C 100 -0.05 -41.68 -19.81
C LEU C 100 -1.52 -41.61 -20.21
N GLU C 101 -1.82 -41.49 -21.50
CA GLU C 101 -3.20 -41.41 -21.97
C GLU C 101 -3.88 -40.16 -21.40
N LEU C 102 -3.46 -39.01 -21.91
CA LEU C 102 -4.08 -37.78 -21.46
C LEU C 102 -5.52 -37.67 -21.94
N THR C 103 -5.84 -38.28 -23.09
CA THR C 103 -7.18 -38.22 -23.65
C THR C 103 -8.23 -38.76 -22.70
N ASN C 104 -7.84 -39.50 -21.66
CA ASN C 104 -8.79 -40.00 -20.67
C ASN C 104 -9.03 -39.03 -19.52
N TYR C 105 -8.18 -38.02 -19.36
CA TYR C 105 -8.27 -37.05 -18.28
C TYR C 105 -8.43 -35.60 -18.75
N LEU C 106 -8.06 -35.29 -19.99
CA LEU C 106 -8.13 -33.92 -20.49
C LEU C 106 -8.86 -33.87 -21.83
N GLU C 107 -9.45 -32.71 -22.12
CA GLU C 107 -10.02 -32.43 -23.42
C GLU C 107 -8.94 -32.41 -24.49
N ASP C 108 -9.34 -32.77 -25.72
CA ASP C 108 -8.40 -32.79 -26.82
C ASP C 108 -7.71 -31.45 -27.00
N ILE C 109 -8.42 -30.36 -26.73
CA ILE C 109 -7.91 -29.03 -27.01
C ILE C 109 -7.06 -28.49 -25.86
N GLU C 110 -7.20 -29.06 -24.66
CA GLU C 110 -6.29 -28.75 -23.57
C GLU C 110 -4.95 -29.41 -23.79
N ILE C 111 -4.96 -30.67 -24.24
CA ILE C 111 -3.73 -31.34 -24.65
C ILE C 111 -3.05 -30.58 -25.77
N PHE C 112 -3.83 -30.17 -26.79
CA PHE C 112 -3.25 -29.43 -27.89
C PHE C 112 -2.63 -28.13 -27.41
N ALA C 113 -3.36 -27.40 -26.56
CA ALA C 113 -2.85 -26.12 -26.04
C ALA C 113 -1.64 -26.33 -25.17
N LEU C 114 -1.57 -27.46 -24.45
CA LEU C 114 -0.38 -27.80 -23.69
C LEU C 114 0.84 -27.95 -24.61
N PHE C 115 0.67 -28.67 -25.72
CA PHE C 115 1.82 -28.90 -26.59
C PHE C 115 2.26 -27.60 -27.24
N ILE C 116 1.32 -26.82 -27.76
CA ILE C 116 1.65 -25.54 -28.37
C ILE C 116 2.29 -24.61 -27.35
N SER C 117 1.80 -24.66 -26.11
CA SER C 117 2.36 -23.84 -25.05
C SER C 117 3.82 -24.20 -24.78
N CYS C 118 4.14 -25.50 -24.78
CA CYS C 118 5.52 -25.92 -24.57
C CYS C 118 6.44 -25.33 -25.63
N MET C 119 5.99 -25.35 -26.89
CA MET C 119 6.81 -24.80 -27.97
C MET C 119 7.11 -23.32 -27.76
N CYS C 120 6.18 -22.58 -27.16
CA CYS C 120 6.26 -21.14 -27.07
C CYS C 120 6.69 -20.61 -25.70
N HIS C 121 6.75 -21.46 -24.68
CA HIS C 121 6.72 -20.96 -23.31
C HIS C 121 7.97 -20.20 -22.87
N ASP C 122 9.08 -20.28 -23.62
CA ASP C 122 10.25 -19.46 -23.29
C ASP C 122 10.67 -18.60 -24.47
N LEU C 123 9.72 -18.20 -25.33
CA LEU C 123 10.08 -17.45 -26.51
C LEU C 123 10.79 -16.16 -26.13
N ASP C 124 11.87 -15.86 -26.84
CA ASP C 124 12.67 -14.67 -26.64
C ASP C 124 13.31 -14.59 -25.25
N HIS C 125 13.46 -15.72 -24.55
CA HIS C 125 14.12 -15.68 -23.24
C HIS C 125 15.50 -15.05 -23.40
N ARG C 126 15.92 -14.26 -22.41
CA ARG C 126 17.22 -13.60 -22.48
C ARG C 126 18.24 -14.17 -21.50
N GLY C 127 18.04 -15.40 -21.05
CA GLY C 127 18.99 -15.96 -20.10
C GLY C 127 18.99 -15.32 -18.73
N THR C 128 17.98 -14.52 -18.39
CA THR C 128 17.84 -14.00 -17.03
C THR C 128 16.49 -14.36 -16.45
N ASN C 129 16.38 -14.26 -15.11
CA ASN C 129 15.10 -14.50 -14.44
C ASN C 129 14.27 -13.22 -14.46
N ASN C 130 13.16 -13.24 -13.72
CA ASN C 130 12.24 -12.11 -13.72
C ASN C 130 12.79 -10.93 -12.93
N SER C 131 13.32 -11.19 -11.74
CA SER C 131 13.75 -10.06 -10.91
C SER C 131 14.87 -9.27 -11.57
N PHE C 132 15.66 -9.89 -12.46
CA PHE C 132 16.71 -9.14 -13.13
C PHE C 132 16.13 -8.10 -14.08
N GLN C 133 15.12 -8.50 -14.86
CA GLN C 133 14.39 -7.52 -15.66
C GLN C 133 13.94 -6.34 -14.82
N VAL C 134 13.39 -6.61 -13.64
CA VAL C 134 12.91 -5.52 -12.78
C VAL C 134 14.08 -4.72 -12.24
N ALA C 135 15.10 -5.40 -11.69
CA ALA C 135 16.26 -4.69 -11.17
C ALA C 135 16.96 -3.91 -12.27
N SER C 136 16.97 -4.43 -13.50
CA SER C 136 17.64 -3.72 -14.58
C SER C 136 16.70 -2.77 -15.33
N LYS C 137 15.44 -2.68 -14.90
CA LYS C 137 14.45 -1.82 -15.55
C LYS C 137 14.45 -2.00 -17.07
N SER C 138 14.35 -3.26 -17.52
CA SER C 138 14.21 -3.50 -18.94
C SER C 138 12.83 -3.05 -19.41
N VAL C 139 12.68 -2.92 -20.74
CA VAL C 139 11.37 -2.60 -21.30
C VAL C 139 10.34 -3.64 -20.86
N LEU C 140 10.73 -4.91 -20.78
CA LEU C 140 9.79 -5.94 -20.35
C LEU C 140 9.32 -5.67 -18.93
N ALA C 141 10.24 -5.22 -18.06
CA ALA C 141 9.85 -4.87 -16.70
C ALA C 141 8.90 -3.70 -16.70
N ALA C 142 9.20 -2.68 -17.51
CA ALA C 142 8.25 -1.59 -17.68
C ALA C 142 6.89 -2.12 -18.09
N LEU C 143 6.87 -3.10 -18.98
CA LEU C 143 5.60 -3.60 -19.51
C LEU C 143 4.87 -4.46 -18.48
N TYR C 144 5.59 -5.33 -17.79
CA TYR C 144 4.94 -6.42 -17.10
C TYR C 144 5.18 -6.53 -15.61
N SER C 145 6.06 -5.71 -15.01
CA SER C 145 6.41 -5.97 -13.62
C SER C 145 5.22 -5.77 -12.68
N SER C 146 4.33 -4.81 -12.98
CA SER C 146 3.17 -4.61 -12.12
C SER C 146 2.17 -5.75 -12.22
N GLU C 147 2.38 -6.70 -13.14
CA GLU C 147 1.52 -7.85 -13.26
C GLU C 147 2.16 -9.14 -12.77
N GLY C 148 3.48 -9.15 -12.57
CA GLY C 148 4.22 -10.35 -12.20
C GLY C 148 4.47 -11.28 -13.38
N SER C 149 5.36 -12.24 -13.14
CA SER C 149 5.76 -13.22 -14.15
C SER C 149 6.20 -12.49 -15.41
N VAL C 150 7.26 -11.71 -15.26
CA VAL C 150 7.62 -10.73 -16.28
C VAL C 150 7.95 -11.43 -17.59
N MET C 151 8.84 -12.41 -17.56
CA MET C 151 9.26 -13.08 -18.80
C MET C 151 8.13 -13.91 -19.39
N GLU C 152 7.32 -14.51 -18.53
CA GLU C 152 6.23 -15.38 -18.96
C GLU C 152 5.17 -14.58 -19.69
N ARG C 153 4.87 -13.37 -19.23
CA ARG C 153 3.98 -12.51 -19.99
C ARG C 153 4.61 -12.13 -21.34
N HIS C 154 5.93 -11.92 -21.37
CA HIS C 154 6.56 -11.63 -22.65
C HIS C 154 6.52 -12.85 -23.57
N HIS C 155 6.76 -14.05 -23.05
CA HIS C 155 6.72 -15.24 -23.89
C HIS C 155 5.34 -15.40 -24.52
N PHE C 156 4.29 -15.30 -23.70
CA PHE C 156 2.94 -15.34 -24.25
C PHE C 156 2.77 -14.26 -25.30
N ALA C 157 3.18 -13.02 -25.00
CA ALA C 157 3.02 -11.93 -25.97
C ALA C 157 3.80 -12.21 -27.25
N GLN C 158 4.95 -12.87 -27.16
CA GLN C 158 5.66 -13.28 -28.37
C GLN C 158 4.85 -14.33 -29.15
N ALA C 159 4.24 -15.28 -28.43
CA ALA C 159 3.41 -16.28 -29.09
C ALA C 159 2.22 -15.63 -29.81
N ILE C 160 1.61 -14.64 -29.17
CA ILE C 160 0.53 -13.89 -29.80
C ILE C 160 1.02 -13.21 -31.09
N ALA C 161 2.22 -12.62 -31.05
CA ALA C 161 2.70 -11.85 -32.20
C ALA C 161 3.07 -12.77 -33.35
N ILE C 162 3.58 -13.96 -33.05
CA ILE C 162 3.80 -14.97 -34.07
C ILE C 162 2.47 -15.36 -34.72
N LEU C 163 1.48 -15.70 -33.89
CA LEU C 163 0.15 -16.03 -34.43
C LEU C 163 -0.42 -14.89 -35.24
N ASN C 164 -0.05 -13.65 -34.92
CA ASN C 164 -0.50 -12.47 -35.64
C ASN C 164 0.38 -12.12 -36.84
N THR C 165 1.36 -12.96 -37.18
CA THR C 165 2.14 -12.78 -38.40
C THR C 165 1.43 -13.45 -39.57
N HIS C 166 1.40 -12.76 -40.72
CA HIS C 166 0.75 -13.30 -41.91
C HIS C 166 1.19 -14.73 -42.18
N GLY C 167 0.22 -15.59 -42.51
CA GLY C 167 0.54 -16.97 -42.84
C GLY C 167 0.96 -17.84 -41.68
N CYS C 168 0.80 -17.37 -40.43
CA CYS C 168 1.26 -18.10 -39.26
C CYS C 168 0.17 -18.49 -38.27
N ASN C 169 -1.09 -18.09 -38.47
CA ASN C 169 -2.11 -18.34 -37.45
C ASN C 169 -2.70 -19.73 -37.66
N ILE C 170 -2.20 -20.71 -36.91
CA ILE C 170 -2.64 -22.08 -37.09
C ILE C 170 -4.05 -22.27 -36.52
N PHE C 171 -4.61 -21.24 -35.88
CA PHE C 171 -5.95 -21.33 -35.31
C PHE C 171 -6.96 -20.44 -36.02
N ASP C 172 -6.61 -19.87 -37.18
CA ASP C 172 -7.46 -18.81 -37.71
C ASP C 172 -8.77 -19.35 -38.30
N HIS C 173 -8.87 -20.65 -38.55
CA HIS C 173 -10.10 -21.28 -39.02
C HIS C 173 -10.91 -21.90 -37.90
N PHE C 174 -10.41 -21.84 -36.66
CA PHE C 174 -11.11 -22.45 -35.54
C PHE C 174 -12.45 -21.77 -35.29
N SER C 175 -13.34 -22.50 -34.64
CA SER C 175 -14.54 -21.88 -34.10
C SER C 175 -14.15 -20.78 -33.13
N ARG C 176 -15.03 -19.78 -33.00
CA ARG C 176 -14.85 -18.76 -31.97
C ARG C 176 -14.57 -19.40 -30.61
N LYS C 177 -15.32 -20.45 -30.28
CA LYS C 177 -15.15 -21.13 -29.00
C LYS C 177 -13.75 -21.74 -28.88
N ASP C 178 -13.37 -22.59 -29.84
CA ASP C 178 -12.08 -23.25 -29.79
C ASP C 178 -10.93 -22.26 -29.87
N TYR C 179 -11.13 -21.15 -30.60
CA TYR C 179 -10.05 -20.17 -30.77
C TYR C 179 -9.78 -19.44 -29.46
N GLN C 180 -10.83 -18.91 -28.84
CA GLN C 180 -10.69 -18.24 -27.56
C GLN C 180 -10.18 -19.19 -26.50
N ARG C 181 -10.61 -20.45 -26.57
CA ARG C 181 -10.11 -21.46 -25.65
C ARG C 181 -8.63 -21.68 -25.82
N MET C 182 -8.16 -21.77 -27.07
CA MET C 182 -6.74 -21.87 -27.32
C MET C 182 -5.98 -20.72 -26.68
N LEU C 183 -6.38 -19.49 -26.99
CA LEU C 183 -5.65 -18.33 -26.45
C LEU C 183 -5.64 -18.34 -24.93
N ASP C 184 -6.80 -18.61 -24.31
CA ASP C 184 -6.88 -18.61 -22.84
C ASP C 184 -5.96 -19.67 -22.25
N LEU C 185 -6.04 -20.91 -22.73
CA LEU C 185 -5.19 -21.96 -22.19
C LEU C 185 -3.71 -21.64 -22.42
N MET C 186 -3.36 -21.16 -23.61
CA MET C 186 -1.97 -20.80 -23.88
C MET C 186 -1.48 -19.76 -22.88
N ARG C 187 -2.33 -18.81 -22.51
CA ARG C 187 -1.94 -17.80 -21.54
C ARG C 187 -1.74 -18.44 -20.17
N ASP C 188 -2.68 -19.30 -19.76
CA ASP C 188 -2.63 -19.88 -18.42
C ASP C 188 -1.51 -20.92 -18.30
N ILE C 189 -1.29 -21.69 -19.36
CA ILE C 189 -0.24 -22.70 -19.29
C ILE C 189 1.12 -22.04 -19.30
N ILE C 190 1.29 -20.99 -20.11
CA ILE C 190 2.59 -20.32 -20.17
C ILE C 190 2.84 -19.50 -18.91
N LEU C 191 1.80 -18.90 -18.34
CA LEU C 191 1.95 -18.24 -17.05
C LEU C 191 2.30 -19.24 -15.95
N ALA C 192 1.78 -20.48 -16.04
CA ALA C 192 2.09 -21.53 -15.08
C ALA C 192 3.56 -21.98 -15.07
N THR C 193 4.33 -21.66 -16.12
CA THR C 193 5.74 -22.02 -16.14
C THR C 193 6.59 -21.14 -15.25
N ASP C 194 6.06 -20.04 -14.74
CA ASP C 194 6.76 -19.30 -13.71
C ASP C 194 6.82 -20.18 -12.48
N LEU C 195 8.05 -20.56 -12.09
CA LEU C 195 8.23 -21.38 -10.90
C LEU C 195 7.54 -20.76 -9.69
N ALA C 196 7.51 -19.43 -9.62
CA ALA C 196 6.80 -18.76 -8.54
C ALA C 196 5.32 -19.13 -8.53
N HIS C 197 4.73 -19.36 -9.69
CA HIS C 197 3.34 -19.82 -9.76
C HIS C 197 3.20 -21.24 -9.26
N HIS C 198 4.11 -22.13 -9.68
CA HIS C 198 4.02 -23.53 -9.27
C HIS C 198 4.13 -23.69 -7.76
N LEU C 199 4.97 -22.87 -7.11
CA LEU C 199 5.08 -22.95 -5.65
C LEU C 199 3.86 -22.38 -4.93
N ARG C 200 3.04 -21.57 -5.59
CA ARG C 200 1.83 -21.05 -4.95
C ARG C 200 0.68 -22.06 -5.02
N ILE C 201 0.53 -22.73 -6.16
CA ILE C 201 -0.61 -23.61 -6.36
C ILE C 201 -0.25 -25.02 -5.93
N PHE C 202 0.95 -25.18 -5.34
CA PHE C 202 1.44 -26.52 -5.06
C PHE C 202 0.54 -27.27 -4.08
N LYS C 203 -0.13 -26.56 -3.17
CA LYS C 203 -1.06 -27.21 -2.26
C LYS C 203 -2.39 -27.57 -2.93
N ASP C 204 -2.87 -26.76 -3.87
CA ASP C 204 -4.01 -27.17 -4.68
C ASP C 204 -3.70 -28.44 -5.46
N LEU C 205 -2.48 -28.54 -6.00
CA LEU C 205 -2.07 -29.74 -6.72
C LEU C 205 -2.18 -30.97 -5.84
N GLN C 206 -1.72 -30.86 -4.59
CA GLN C 206 -1.84 -31.98 -3.66
C GLN C 206 -3.30 -32.27 -3.33
N LYS C 207 -4.10 -31.23 -3.10
CA LYS C 207 -5.50 -31.44 -2.79
C LYS C 207 -6.24 -32.11 -3.96
N MET C 208 -5.78 -31.88 -5.19
CA MET C 208 -6.40 -32.56 -6.32
C MET C 208 -6.10 -34.06 -6.28
N ALA C 209 -4.90 -34.44 -5.84
CA ALA C 209 -4.47 -35.84 -5.85
C ALA C 209 -5.10 -36.67 -4.74
N GLU C 210 -5.54 -36.05 -3.65
CA GLU C 210 -6.17 -36.80 -2.57
C GLU C 210 -7.61 -37.12 -2.89
N VAL C 211 -8.41 -36.09 -3.20
CA VAL C 211 -9.81 -36.32 -3.51
C VAL C 211 -9.99 -37.13 -4.78
N GLY C 212 -8.98 -37.11 -5.67
CA GLY C 212 -9.06 -37.79 -6.94
C GLY C 212 -9.38 -36.86 -8.08
N TYR C 213 -8.68 -37.00 -9.20
CA TYR C 213 -8.97 -36.18 -10.36
C TYR C 213 -10.38 -36.50 -10.89
N ASP C 214 -11.27 -35.52 -10.80
CA ASP C 214 -12.61 -35.61 -11.36
C ASP C 214 -12.56 -35.04 -12.78
N ARG C 215 -12.77 -35.91 -13.78
CA ARG C 215 -12.78 -35.46 -15.17
C ARG C 215 -13.84 -34.37 -15.39
N ASN C 216 -14.92 -34.39 -14.61
CA ASN C 216 -16.00 -33.41 -14.75
C ASN C 216 -15.65 -32.06 -14.16
N ASN C 217 -14.56 -31.97 -13.40
CA ASN C 217 -14.21 -30.73 -12.70
C ASN C 217 -13.27 -29.93 -13.60
N LYS C 218 -13.77 -28.83 -14.15
CA LYS C 218 -12.97 -27.98 -15.03
C LYS C 218 -11.78 -27.39 -14.29
N GLN C 219 -11.96 -27.04 -13.01
CA GLN C 219 -10.83 -26.51 -12.27
C GLN C 219 -9.74 -27.56 -12.09
N HIS C 220 -10.13 -28.83 -11.93
CA HIS C 220 -9.13 -29.90 -11.92
C HIS C 220 -8.32 -29.90 -13.21
N HIS C 221 -8.99 -29.76 -14.36
CA HIS C 221 -8.30 -29.64 -15.64
C HIS C 221 -7.25 -28.53 -15.59
N ARG C 222 -7.59 -27.39 -14.96
CA ARG C 222 -6.71 -26.23 -14.93
C ARG C 222 -5.46 -26.51 -14.08
N LEU C 223 -5.68 -27.09 -12.90
CA LEU C 223 -4.57 -27.53 -12.05
C LEU C 223 -3.68 -28.55 -12.76
N LEU C 224 -4.29 -29.56 -13.40
CA LEU C 224 -3.49 -30.60 -14.02
C LEU C 224 -2.65 -30.04 -15.17
N LEU C 225 -3.23 -29.13 -15.96
CA LEU C 225 -2.46 -28.51 -17.02
C LEU C 225 -1.24 -27.77 -16.47
N CYS C 226 -1.40 -27.09 -15.32
CA CYS C 226 -0.24 -26.46 -14.71
C CYS C 226 0.80 -27.51 -14.34
N LEU C 227 0.39 -28.53 -13.59
CA LEU C 227 1.32 -29.58 -13.18
C LEU C 227 1.98 -30.25 -14.38
N LEU C 228 1.20 -30.55 -15.42
CA LEU C 228 1.75 -31.22 -16.59
C LEU C 228 2.80 -30.34 -17.25
N MET C 229 2.46 -29.07 -17.47
CA MET C 229 3.41 -28.08 -18.00
C MET C 229 4.72 -28.07 -17.21
N THR C 230 4.63 -27.96 -15.89
CA THR C 230 5.83 -27.87 -15.06
C THR C 230 6.63 -29.16 -15.17
N SER C 231 5.93 -30.30 -15.26
CA SER C 231 6.61 -31.57 -15.46
C SER C 231 7.34 -31.61 -16.79
N CYS C 232 6.85 -30.88 -17.79
CA CYS C 232 7.55 -30.82 -19.07
C CYS C 232 8.74 -29.87 -18.99
N ASP C 233 8.56 -28.70 -18.37
CA ASP C 233 9.63 -27.73 -18.20
C ASP C 233 10.83 -28.34 -17.48
N LEU C 234 10.60 -29.24 -16.52
CA LEU C 234 11.69 -29.80 -15.72
C LEU C 234 12.12 -31.21 -16.13
N SER C 235 11.60 -31.71 -17.26
CA SER C 235 11.70 -33.12 -17.66
C SER C 235 13.12 -33.55 -18.06
N ASP C 236 14.03 -32.60 -18.27
CA ASP C 236 15.46 -32.89 -18.40
C ASP C 236 15.96 -33.73 -17.23
N GLN C 237 15.37 -33.56 -16.04
CA GLN C 237 15.74 -34.29 -14.84
C GLN C 237 15.23 -35.73 -14.82
N THR C 238 14.32 -36.11 -15.70
CA THR C 238 13.79 -37.47 -15.74
C THR C 238 14.55 -38.37 -16.70
N LYS C 239 15.66 -37.88 -17.25
CA LYS C 239 16.54 -38.58 -18.15
C LYS C 239 17.69 -39.23 -17.36
N GLY C 240 18.76 -39.60 -18.05
CA GLY C 240 19.91 -40.22 -17.40
C GLY C 240 20.82 -39.20 -16.76
N TRP C 241 21.90 -39.70 -16.15
CA TRP C 241 22.80 -38.81 -15.45
C TRP C 241 23.46 -37.83 -16.41
N LYS C 242 23.90 -38.31 -17.57
CA LYS C 242 24.62 -37.45 -18.49
C LYS C 242 23.82 -36.20 -18.86
N THR C 243 22.50 -36.37 -19.00
CA THR C 243 21.64 -35.25 -19.36
C THR C 243 21.53 -34.24 -18.22
N THR C 244 21.30 -34.72 -17.00
CA THR C 244 21.22 -33.83 -15.85
C THR C 244 22.54 -33.08 -15.61
N ARG C 245 23.67 -33.78 -15.76
CA ARG C 245 24.96 -33.13 -15.59
C ARG C 245 25.14 -32.01 -16.60
N LYS C 246 24.92 -32.30 -17.88
CA LYS C 246 25.09 -31.29 -18.91
C LYS C 246 24.10 -30.16 -18.72
N ILE C 247 22.87 -30.47 -18.26
CA ILE C 247 21.85 -29.43 -18.12
C ILE C 247 22.17 -28.52 -16.93
N ALA C 248 22.75 -29.08 -15.84
CA ALA C 248 23.20 -28.25 -14.74
C ALA C 248 24.35 -27.36 -15.17
N GLU C 249 25.21 -27.89 -16.03
CA GLU C 249 26.25 -27.09 -16.65
C GLU C 249 25.65 -25.84 -17.33
N LEU C 250 24.69 -26.06 -18.23
CA LEU C 250 24.06 -24.95 -18.98
C LEU C 250 23.36 -23.97 -18.05
N ILE C 251 22.57 -24.49 -17.11
CA ILE C 251 21.80 -23.64 -16.22
C ILE C 251 22.72 -22.74 -15.40
N TYR C 252 23.79 -23.32 -14.83
CA TYR C 252 24.66 -22.50 -13.98
C TYR C 252 25.51 -21.54 -14.79
N LYS C 253 25.92 -21.91 -16.00
CA LYS C 253 26.49 -20.91 -16.90
C LYS C 253 25.52 -19.75 -17.09
N GLU C 254 24.29 -20.06 -17.47
CA GLU C 254 23.30 -19.02 -17.64
C GLU C 254 23.11 -18.24 -16.34
N PHE C 255 22.98 -18.95 -15.21
CA PHE C 255 22.81 -18.27 -13.93
C PHE C 255 24.02 -17.38 -13.62
N PHE C 256 25.22 -17.93 -13.75
CA PHE C 256 26.39 -17.19 -13.31
C PHE C 256 26.62 -15.96 -14.17
N SER C 257 26.21 -16.00 -15.44
CA SER C 257 26.29 -14.81 -16.28
C SER C 257 25.40 -13.69 -15.74
N GLN C 258 24.13 -13.99 -15.46
CA GLN C 258 23.25 -12.95 -14.91
C GLN C 258 23.80 -12.40 -13.60
N GLY C 259 24.27 -13.28 -12.71
CA GLY C 259 24.83 -12.81 -11.45
C GLY C 259 25.97 -11.84 -11.65
N ASP C 260 26.78 -12.07 -12.70
CA ASP C 260 27.85 -11.14 -13.02
C ASP C 260 27.29 -9.77 -13.39
N LEU C 261 26.15 -9.75 -14.11
CA LEU C 261 25.52 -8.48 -14.44
C LEU C 261 25.00 -7.76 -13.19
N GLU C 262 24.42 -8.51 -12.26
CA GLU C 262 23.96 -7.87 -11.02
C GLU C 262 25.15 -7.33 -10.23
N LYS C 263 26.24 -8.09 -10.18
CA LYS C 263 27.47 -7.58 -9.59
C LYS C 263 27.91 -6.29 -10.26
N ALA C 264 27.86 -6.26 -11.60
CA ALA C 264 28.23 -5.04 -12.31
C ALA C 264 27.25 -3.91 -12.01
N MET C 265 25.99 -4.23 -11.75
CA MET C 265 25.00 -3.24 -11.35
C MET C 265 25.13 -2.79 -9.90
N GLY C 266 26.16 -3.23 -9.18
CA GLY C 266 26.23 -2.90 -7.78
C GLY C 266 25.24 -3.62 -6.89
N ASN C 267 24.58 -4.67 -7.39
CA ASN C 267 23.67 -5.48 -6.61
C ASN C 267 24.29 -6.84 -6.36
N ARG C 268 23.85 -7.50 -5.28
CA ARG C 268 24.37 -8.83 -4.99
C ARG C 268 23.37 -9.88 -5.45
N PRO C 269 23.74 -10.79 -6.35
CA PRO C 269 22.76 -11.72 -6.91
C PRO C 269 22.30 -12.70 -5.85
N MET C 270 21.33 -13.57 -6.18
CA MET C 270 21.09 -14.67 -5.26
C MET C 270 22.31 -15.61 -5.26
N GLU C 271 22.44 -16.38 -4.18
CA GLU C 271 23.63 -17.21 -4.02
C GLU C 271 23.77 -18.23 -5.15
N MET C 272 22.64 -18.73 -5.67
CA MET C 272 22.75 -19.71 -6.75
C MET C 272 23.26 -19.10 -8.05
N MET C 273 23.28 -17.78 -8.18
CA MET C 273 23.79 -17.12 -9.38
C MET C 273 25.11 -16.39 -9.16
N ASP C 274 25.69 -16.45 -7.97
CA ASP C 274 26.98 -15.85 -7.69
C ASP C 274 28.04 -16.95 -7.85
N ARG C 275 28.78 -16.89 -8.96
CA ARG C 275 29.77 -17.92 -9.24
C ARG C 275 30.88 -18.00 -8.18
N GLU C 276 31.08 -16.93 -7.40
CA GLU C 276 32.06 -16.93 -6.31
C GLU C 276 31.49 -17.48 -5.02
N LYS C 277 30.17 -17.67 -4.92
CA LYS C 277 29.53 -18.23 -3.74
C LYS C 277 28.77 -19.52 -3.98
N ALA C 278 28.24 -19.73 -5.19
CA ALA C 278 27.40 -20.88 -5.45
C ALA C 278 28.19 -22.18 -5.32
N TYR C 279 27.66 -23.10 -4.52
CA TYR C 279 28.22 -24.43 -4.35
C TYR C 279 27.30 -25.39 -5.09
N ILE C 280 27.63 -25.67 -6.36
CA ILE C 280 26.68 -26.33 -7.27
C ILE C 280 26.04 -27.58 -6.66
N PRO C 281 26.79 -28.55 -6.10
CA PRO C 281 26.13 -29.79 -5.63
C PRO C 281 25.05 -29.56 -4.58
N GLU C 282 25.22 -28.61 -3.66
CA GLU C 282 24.18 -28.40 -2.68
C GLU C 282 22.98 -27.69 -3.30
N LEU C 283 23.22 -26.83 -4.30
CA LEU C 283 22.13 -26.14 -4.98
C LEU C 283 21.31 -27.11 -5.81
N GLN C 284 21.99 -28.07 -6.47
CA GLN C 284 21.31 -29.09 -7.25
C GLN C 284 20.52 -30.02 -6.34
N ILE C 285 21.19 -30.58 -5.32
CA ILE C 285 20.53 -31.52 -4.42
C ILE C 285 19.26 -30.88 -3.85
N SER C 286 19.38 -29.64 -3.37
CA SER C 286 18.23 -28.93 -2.86
C SER C 286 17.16 -28.78 -3.92
N PHE C 287 17.54 -28.31 -5.11
CA PHE C 287 16.56 -28.16 -6.18
C PHE C 287 15.91 -29.50 -6.53
N MET C 288 16.73 -30.56 -6.66
CA MET C 288 16.22 -31.89 -6.97
C MET C 288 15.29 -32.38 -5.88
N GLU C 289 15.66 -32.18 -4.62
CA GLU C 289 14.96 -32.83 -3.52
C GLU C 289 13.71 -32.06 -3.08
N HIS C 290 13.69 -30.74 -3.29
CA HIS C 290 12.67 -29.90 -2.70
C HIS C 290 11.77 -29.23 -3.74
N ILE C 291 12.16 -29.23 -5.01
CA ILE C 291 11.33 -28.70 -6.08
C ILE C 291 11.04 -29.80 -7.11
N ALA C 292 12.09 -30.38 -7.71
CA ALA C 292 11.89 -31.33 -8.81
C ALA C 292 11.16 -32.58 -8.33
N MET C 293 11.69 -33.26 -7.32
CA MET C 293 11.08 -34.50 -6.85
C MET C 293 9.63 -34.35 -6.39
N PRO C 294 9.24 -33.33 -5.61
CA PRO C 294 7.82 -33.20 -5.26
C PRO C 294 6.90 -33.06 -6.46
N ILE C 295 7.37 -32.43 -7.54
CA ILE C 295 6.57 -32.35 -8.77
C ILE C 295 6.30 -33.75 -9.32
N TYR C 296 7.37 -34.50 -9.58
CA TYR C 296 7.18 -35.83 -10.17
C TYR C 296 6.54 -36.81 -9.20
N LYS C 297 6.63 -36.59 -7.89
CA LYS C 297 5.88 -37.40 -6.95
C LYS C 297 4.38 -37.18 -7.12
N LEU C 298 3.96 -35.91 -7.23
CA LEU C 298 2.58 -35.62 -7.57
C LEU C 298 2.14 -36.35 -8.83
N LEU C 299 2.98 -36.29 -9.88
CA LEU C 299 2.62 -36.87 -11.16
C LEU C 299 2.44 -38.37 -11.04
N GLN C 300 3.32 -39.02 -10.28
CA GLN C 300 3.14 -40.44 -9.97
C GLN C 300 1.84 -40.68 -9.22
N ASP C 301 1.45 -39.74 -8.35
CA ASP C 301 0.25 -39.93 -7.55
C ASP C 301 -1.00 -39.97 -8.42
N LEU C 302 -1.03 -39.19 -9.50
CA LEU C 302 -2.20 -39.12 -10.38
C LEU C 302 -2.11 -40.10 -11.53
N PHE C 303 -0.90 -40.42 -11.97
CA PHE C 303 -0.68 -41.36 -13.07
C PHE C 303 0.31 -42.40 -12.56
N PRO C 304 -0.14 -43.58 -12.15
CA PRO C 304 0.81 -44.61 -11.67
C PRO C 304 1.87 -44.98 -12.71
N LYS C 305 1.57 -44.90 -14.00
CA LYS C 305 2.56 -45.23 -15.00
C LYS C 305 3.70 -44.22 -15.07
N ALA C 306 3.65 -43.15 -14.28
CA ALA C 306 4.71 -42.15 -14.21
C ALA C 306 5.73 -42.43 -13.13
N ALA C 307 5.61 -43.54 -12.39
CA ALA C 307 6.53 -43.84 -11.30
C ALA C 307 7.99 -43.79 -11.76
N GLU C 308 8.26 -44.26 -12.98
CA GLU C 308 9.63 -44.34 -13.44
C GLU C 308 10.25 -42.96 -13.64
N LEU C 309 9.43 -41.95 -13.93
CA LEU C 309 9.94 -40.58 -14.00
C LEU C 309 10.42 -40.13 -12.63
N TYR C 310 9.57 -40.27 -11.61
CA TYR C 310 9.98 -39.97 -10.24
C TYR C 310 11.22 -40.75 -9.83
N GLU C 311 11.26 -42.05 -10.18
CA GLU C 311 12.41 -42.86 -9.82
C GLU C 311 13.69 -42.29 -10.41
N ARG C 312 13.65 -41.91 -11.68
CA ARG C 312 14.86 -41.40 -12.31
C ARG C 312 15.28 -40.06 -11.72
N VAL C 313 14.32 -39.19 -11.39
CA VAL C 313 14.65 -37.92 -10.74
C VAL C 313 15.38 -38.19 -9.43
N ALA C 314 14.77 -38.98 -8.56
CA ALA C 314 15.37 -39.27 -7.25
C ALA C 314 16.72 -39.97 -7.41
N SER C 315 16.84 -40.84 -8.41
CA SER C 315 18.12 -41.48 -8.66
C SER C 315 19.18 -40.47 -9.10
N ASN C 316 18.81 -39.51 -9.94
CA ASN C 316 19.77 -38.48 -10.32
C ASN C 316 20.14 -37.62 -9.13
N ARG C 317 19.17 -37.33 -8.26
CA ARG C 317 19.48 -36.62 -7.03
C ARG C 317 20.47 -37.40 -6.19
N GLU C 318 20.26 -38.71 -6.06
CA GLU C 318 21.20 -39.52 -5.31
C GLU C 318 22.57 -39.53 -5.98
N HIS C 319 22.61 -39.32 -7.30
CA HIS C 319 23.91 -39.27 -7.98
C HIS C 319 24.66 -38.00 -7.63
N TRP C 320 23.97 -36.84 -7.62
CA TRP C 320 24.61 -35.59 -7.22
C TRP C 320 25.30 -35.71 -5.87
N THR C 321 24.64 -36.35 -4.89
CA THR C 321 25.29 -36.54 -3.60
C THR C 321 26.50 -37.47 -3.74
N LYS C 322 26.45 -38.42 -4.67
CA LYS C 322 27.56 -39.35 -4.86
C LYS C 322 28.78 -38.67 -5.47
N VAL C 323 28.57 -37.64 -6.29
CA VAL C 323 29.67 -36.89 -6.90
C VAL C 323 29.91 -35.56 -6.20
N SER C 324 29.21 -35.31 -5.10
CA SER C 324 29.33 -34.02 -4.43
C SER C 324 30.77 -33.80 -3.95
N HIS C 325 31.45 -34.86 -3.51
CA HIS C 325 32.78 -34.72 -2.94
C HIS C 325 33.80 -34.23 -3.97
N LYS C 326 33.53 -34.41 -5.26
CA LYS C 326 34.48 -33.99 -6.28
C LYS C 326 34.61 -32.47 -6.37
N PHE C 327 33.65 -31.72 -5.84
CA PHE C 327 33.77 -30.27 -5.82
C PHE C 327 34.74 -29.75 -4.76
N THR C 328 35.28 -30.60 -3.91
CA THR C 328 36.39 -30.23 -3.03
C THR C 328 37.69 -30.79 -3.61
N ILE C 329 38.70 -29.93 -3.73
CA ILE C 329 39.97 -30.34 -4.33
C ILE C 329 40.74 -31.16 -3.31
N ARG C 330 40.85 -32.46 -3.57
CA ARG C 330 41.74 -33.34 -2.83
C ARG C 330 42.97 -33.66 -3.68
N GLY C 331 44.09 -33.92 -2.99
CA GLY C 331 45.36 -33.96 -3.69
C GLY C 331 45.73 -32.58 -4.24
N LEU C 332 46.47 -32.60 -5.32
CA LEU C 332 46.75 -31.34 -5.97
C LEU C 332 45.77 -31.09 -7.10
N PRO C 333 45.67 -29.86 -7.59
CA PRO C 333 44.92 -29.63 -8.83
C PRO C 333 45.54 -30.40 -9.98
N SER C 334 44.79 -30.53 -11.07
CA SER C 334 45.24 -31.39 -12.17
C SER C 334 46.62 -31.00 -12.67
N ASN C 335 46.96 -29.71 -12.62
CA ASN C 335 48.26 -29.24 -13.08
C ASN C 335 49.39 -29.54 -12.10
N ASN C 336 49.08 -29.98 -10.88
CA ASN C 336 50.05 -30.32 -9.83
C ASN C 336 50.66 -29.09 -9.17
N SER C 337 50.03 -27.93 -9.31
CA SER C 337 50.50 -26.70 -8.69
C SER C 337 49.45 -26.16 -7.73
N LEU C 338 49.93 -25.47 -6.70
CA LEU C 338 49.08 -24.72 -5.79
C LEU C 338 49.07 -23.23 -6.11
N ASP C 339 49.43 -22.87 -7.34
CA ASP C 339 49.46 -21.47 -7.75
C ASP C 339 48.13 -20.78 -7.49
N PHE C 340 47.01 -21.47 -7.71
CA PHE C 340 45.69 -20.88 -7.59
C PHE C 340 45.42 -20.35 -6.19
N LEU C 341 46.37 -20.49 -5.27
CA LEU C 341 46.25 -19.84 -3.97
C LEU C 341 47.24 -18.70 -3.87
N ILE D 15 10.07 27.61 -28.24
CA ILE D 15 9.36 27.67 -26.97
C ILE D 15 8.96 29.12 -26.64
N GLN D 16 7.69 29.44 -26.87
CA GLN D 16 7.15 30.78 -26.68
C GLN D 16 6.57 30.93 -25.28
N PRO D 17 6.45 32.17 -24.80
CA PRO D 17 5.65 32.41 -23.59
C PRO D 17 4.17 32.24 -23.90
N VAL D 18 3.42 31.77 -22.91
CA VAL D 18 2.05 31.32 -23.19
C VAL D 18 1.16 32.47 -23.62
N ALA D 19 1.41 33.68 -23.12
CA ALA D 19 0.62 34.82 -23.56
C ALA D 19 0.82 35.10 -25.05
N ALA D 20 1.95 34.67 -25.62
CA ALA D 20 2.16 34.79 -27.05
C ALA D 20 1.22 33.87 -27.82
N ILE D 21 0.82 32.75 -27.21
CA ILE D 21 -0.15 31.88 -27.86
C ILE D 21 -1.54 32.49 -27.79
N ASP D 22 -1.91 32.99 -26.62
CA ASP D 22 -3.22 33.59 -26.37
C ASP D 22 -3.17 34.30 -25.02
N SER D 23 -3.87 35.43 -24.92
CA SER D 23 -3.91 36.16 -23.65
C SER D 23 -4.56 35.34 -22.54
N ASN D 24 -5.56 34.51 -22.88
CA ASN D 24 -6.27 33.72 -21.88
C ASN D 24 -5.91 32.25 -21.98
N PHE D 25 -4.73 31.94 -22.52
CA PHE D 25 -4.27 30.56 -22.66
C PHE D 25 -4.31 29.80 -21.35
N ALA D 26 -4.03 30.48 -20.23
CA ALA D 26 -4.01 29.86 -18.92
C ALA D 26 -5.33 30.00 -18.17
N SER D 27 -6.42 30.33 -18.87
CA SER D 27 -7.74 30.50 -18.28
C SER D 27 -8.65 29.29 -18.57
N PHE D 28 -9.52 28.98 -17.61
CA PHE D 28 -10.53 27.93 -17.79
C PHE D 28 -11.48 28.22 -18.96
N THR D 29 -11.56 29.48 -19.39
CA THR D 29 -12.43 29.84 -20.50
C THR D 29 -11.83 29.50 -21.86
N TYR D 30 -10.51 29.32 -21.92
CA TYR D 30 -9.85 29.01 -23.17
C TYR D 30 -10.27 27.64 -23.70
N THR D 31 -10.55 27.57 -24.99
CA THR D 31 -10.88 26.31 -25.64
C THR D 31 -9.64 25.85 -26.39
N PRO D 32 -8.86 24.92 -25.87
CA PRO D 32 -7.60 24.55 -26.54
C PRO D 32 -7.81 24.00 -27.94
N ARG D 33 -9.00 23.48 -28.25
CA ARG D 33 -9.26 23.00 -29.60
C ARG D 33 -9.16 24.10 -30.64
N SER D 34 -9.26 25.37 -30.22
CA SER D 34 -9.20 26.47 -31.16
C SER D 34 -7.79 26.70 -31.71
N LEU D 35 -6.78 26.15 -31.08
CA LEU D 35 -5.43 26.34 -31.59
C LEU D 35 -5.24 25.49 -32.85
N PRO D 36 -4.70 26.05 -33.93
CA PRO D 36 -4.37 25.22 -35.10
C PRO D 36 -3.50 24.04 -34.69
N GLU D 37 -3.74 22.89 -35.34
CA GLU D 37 -3.15 21.63 -34.90
C GLU D 37 -1.64 21.60 -35.09
N ASP D 38 -1.12 22.24 -36.13
CA ASP D 38 0.32 22.29 -36.33
C ASP D 38 1.04 23.19 -35.33
N ASP D 39 0.29 23.88 -34.46
CA ASP D 39 0.88 24.66 -33.38
C ASP D 39 0.85 23.95 -32.04
N THR D 40 0.27 22.75 -31.97
CA THR D 40 -0.04 22.16 -30.68
C THR D 40 1.22 21.68 -29.96
N SER D 41 2.26 21.31 -30.70
CA SER D 41 3.49 20.85 -30.07
C SER D 41 4.24 22.02 -29.45
N MET D 42 4.23 23.18 -30.13
CA MET D 42 4.72 24.42 -29.56
C MET D 42 4.01 24.75 -28.24
N ALA D 43 2.69 24.54 -28.19
CA ALA D 43 1.97 24.80 -26.95
C ALA D 43 2.39 23.83 -25.85
N ILE D 44 2.68 22.57 -26.20
CA ILE D 44 3.14 21.60 -25.21
C ILE D 44 4.45 22.04 -24.59
N LEU D 45 5.44 22.33 -25.42
CA LEU D 45 6.69 22.92 -24.93
C LEU D 45 6.43 24.15 -24.09
N SER D 46 5.64 25.10 -24.61
CA SER D 46 5.39 26.34 -23.89
C SER D 46 4.73 26.10 -22.55
N MET D 47 3.89 25.08 -22.44
CA MET D 47 3.21 24.81 -21.18
C MET D 47 4.18 24.19 -20.17
N LEU D 48 4.94 23.18 -20.61
CA LEU D 48 5.99 22.63 -19.77
C LEU D 48 6.98 23.71 -19.34
N GLN D 49 7.26 24.66 -20.23
CA GLN D 49 8.15 25.76 -19.86
C GLN D 49 7.47 26.74 -18.91
N ASP D 50 6.19 27.05 -19.14
CA ASP D 50 5.51 27.99 -18.24
C ASP D 50 5.42 27.42 -16.84
N MET D 51 5.20 26.11 -16.73
CA MET D 51 5.27 25.47 -15.43
C MET D 51 6.70 25.29 -14.94
N ASN D 52 7.69 25.65 -15.78
CA ASN D 52 9.13 25.50 -15.50
C ASN D 52 9.51 24.06 -15.19
N PHE D 53 8.91 23.12 -15.91
CA PHE D 53 9.29 21.72 -15.77
C PHE D 53 10.51 21.36 -16.60
N ILE D 54 10.78 22.08 -17.67
CA ILE D 54 11.95 21.81 -18.50
C ILE D 54 13.23 22.12 -17.73
N ASN D 55 13.31 23.31 -17.13
CA ASN D 55 14.49 23.68 -16.36
C ASN D 55 14.58 22.91 -15.06
N ASN D 56 13.48 22.81 -14.32
CA ASN D 56 13.53 22.18 -13.00
C ASN D 56 13.91 20.69 -13.10
N TYR D 57 13.42 19.99 -14.13
CA TYR D 57 13.76 18.59 -14.31
C TYR D 57 14.92 18.39 -15.26
N LYS D 58 15.56 19.47 -15.70
CA LYS D 58 16.74 19.41 -16.57
C LYS D 58 16.44 18.55 -17.80
N ILE D 59 15.19 18.66 -18.27
CA ILE D 59 14.80 17.93 -19.46
C ILE D 59 15.56 18.51 -20.65
N ASP D 60 16.05 17.61 -21.50
CA ASP D 60 16.78 18.02 -22.69
C ASP D 60 15.81 18.44 -23.78
N CYS D 61 15.86 19.70 -24.18
CA CYS D 61 14.86 20.23 -25.10
C CYS D 61 14.74 19.45 -26.41
N PRO D 62 15.82 19.06 -27.09
CA PRO D 62 15.65 18.26 -28.31
C PRO D 62 14.98 16.92 -28.08
N THR D 63 15.32 16.24 -26.97
CA THR D 63 14.65 14.99 -26.63
C THR D 63 13.18 15.24 -26.33
N LEU D 64 12.89 16.33 -25.62
CA LEU D 64 11.50 16.69 -25.36
C LEU D 64 10.72 16.94 -26.65
N ALA D 65 11.34 17.66 -27.60
CA ALA D 65 10.66 17.97 -28.86
C ALA D 65 10.41 16.71 -29.67
N ARG D 66 11.38 15.80 -29.70
CA ARG D 66 11.21 14.54 -30.40
C ARG D 66 10.11 13.72 -29.76
N PHE D 67 10.12 13.65 -28.42
CA PHE D 67 9.07 12.97 -27.68
C PHE D 67 7.70 13.51 -28.03
N CYS D 68 7.53 14.83 -28.01
CA CYS D 68 6.21 15.42 -28.27
C CYS D 68 5.74 15.14 -29.69
N LEU D 69 6.64 15.27 -30.67
CA LEU D 69 6.28 14.91 -32.04
C LEU D 69 5.91 13.43 -32.15
N MET D 70 6.67 12.57 -31.47
CA MET D 70 6.40 11.13 -31.50
C MET D 70 5.06 10.82 -30.87
N VAL D 71 4.71 11.54 -29.79
CA VAL D 71 3.43 11.30 -29.14
C VAL D 71 2.29 11.77 -30.03
N LYS D 72 2.45 12.93 -30.67
CA LYS D 72 1.45 13.41 -31.61
C LYS D 72 1.24 12.43 -32.77
N LYS D 73 2.34 12.01 -33.40
CA LYS D 73 2.35 10.98 -34.44
C LYS D 73 1.65 9.69 -33.98
N GLY D 74 1.71 9.37 -32.69
CA GLY D 74 1.17 8.11 -32.20
C GLY D 74 -0.34 8.02 -32.20
N TYR D 75 -1.04 9.11 -32.49
CA TYR D 75 -2.49 9.12 -32.49
C TYR D 75 -3.01 8.87 -33.89
N ARG D 76 -4.11 8.11 -33.99
CA ARG D 76 -4.82 7.91 -35.25
C ARG D 76 -5.81 9.06 -35.46
N ASP D 77 -6.75 8.88 -36.40
CA ASP D 77 -7.68 9.95 -36.77
C ASP D 77 -9.15 9.53 -36.66
N PRO D 78 -9.57 8.97 -35.53
CA PRO D 78 -11.01 8.79 -35.32
C PRO D 78 -11.62 10.14 -34.99
N PRO D 79 -12.94 10.26 -35.09
CA PRO D 79 -13.56 11.57 -34.84
C PRO D 79 -13.17 12.21 -33.51
N TYR D 80 -13.12 11.43 -32.43
CA TYR D 80 -12.88 12.00 -31.11
C TYR D 80 -11.51 11.69 -30.53
N HIS D 81 -11.10 10.41 -30.55
CA HIS D 81 -9.92 9.94 -29.79
C HIS D 81 -8.65 10.08 -30.65
N ASN D 82 -8.30 11.35 -30.91
CA ASN D 82 -7.17 11.71 -31.77
C ASN D 82 -6.28 12.67 -31.02
N TRP D 83 -5.28 13.25 -31.70
CA TRP D 83 -4.27 14.05 -31.00
C TRP D 83 -4.88 15.31 -30.40
N MET D 84 -5.84 15.92 -31.08
CA MET D 84 -6.45 17.13 -30.56
C MET D 84 -7.15 16.86 -29.23
N HIS D 85 -7.63 15.63 -29.04
CA HIS D 85 -8.19 15.24 -27.75
C HIS D 85 -7.10 15.15 -26.69
N ALA D 86 -5.98 14.48 -27.00
CA ALA D 86 -4.90 14.37 -26.01
C ALA D 86 -4.28 15.73 -25.74
N PHE D 87 -4.15 16.57 -26.77
CA PHE D 87 -3.64 17.93 -26.56
C PHE D 87 -4.53 18.71 -25.60
N SER D 88 -5.84 18.72 -25.84
CA SER D 88 -6.65 19.59 -24.99
C SER D 88 -6.86 18.97 -23.61
N VAL D 89 -6.80 17.65 -23.50
CA VAL D 89 -6.72 17.02 -22.18
C VAL D 89 -5.43 17.46 -21.49
N SER D 90 -4.35 17.55 -22.25
CA SER D 90 -3.09 18.00 -21.68
C SER D 90 -3.18 19.48 -21.31
N HIS D 91 -3.84 20.27 -22.15
CA HIS D 91 -4.07 21.66 -21.82
C HIS D 91 -4.78 21.81 -20.49
N PHE D 92 -5.85 21.02 -20.28
CA PHE D 92 -6.59 21.16 -19.03
C PHE D 92 -5.74 20.81 -17.81
N CYS D 93 -4.86 19.78 -17.90
CA CYS D 93 -3.92 19.51 -16.81
C CYS D 93 -3.14 20.77 -16.46
N TYR D 94 -2.54 21.41 -17.47
CA TYR D 94 -1.92 22.71 -17.31
C TYR D 94 -2.83 23.71 -16.62
N LEU D 95 -4.08 23.82 -17.06
CA LEU D 95 -4.99 24.78 -16.44
C LEU D 95 -5.21 24.47 -14.97
N LEU D 96 -5.25 23.18 -14.61
CA LEU D 96 -5.39 22.79 -13.21
C LEU D 96 -4.20 23.28 -12.42
N TYR D 97 -2.99 23.15 -12.99
CA TYR D 97 -1.79 23.65 -12.33
C TYR D 97 -1.80 25.16 -12.22
N LYS D 98 -2.25 25.84 -13.27
CA LYS D 98 -2.22 27.30 -13.29
C LYS D 98 -3.27 27.90 -12.38
N ASN D 99 -4.42 27.23 -12.20
CA ASN D 99 -5.54 27.82 -11.48
C ASN D 99 -5.81 27.18 -10.13
N LEU D 100 -5.41 25.94 -9.91
CA LEU D 100 -5.65 25.28 -8.64
C LEU D 100 -4.36 25.14 -7.87
N GLU D 101 -4.48 24.87 -6.57
CA GLU D 101 -3.32 24.68 -5.71
C GLU D 101 -2.89 23.21 -5.72
N LEU D 102 -2.47 22.76 -6.92
CA LEU D 102 -2.01 21.38 -7.06
C LEU D 102 -0.78 21.09 -6.22
N THR D 103 0.17 22.05 -6.16
CA THR D 103 1.42 21.84 -5.41
C THR D 103 1.19 21.87 -3.90
N ASN D 104 0.03 22.36 -3.46
CA ASN D 104 -0.38 22.23 -2.06
C ASN D 104 -0.64 20.76 -1.68
N TYR D 105 -1.08 19.95 -2.64
CA TYR D 105 -1.54 18.59 -2.40
C TYR D 105 -0.72 17.50 -3.11
N LEU D 106 0.02 17.83 -4.15
CA LEU D 106 0.74 16.84 -4.93
C LEU D 106 2.20 17.25 -5.12
N GLU D 107 3.06 16.24 -5.13
CA GLU D 107 4.47 16.44 -5.41
C GLU D 107 4.68 16.81 -6.88
N ASP D 108 5.79 17.52 -7.15
CA ASP D 108 6.01 18.02 -8.51
C ASP D 108 6.13 16.89 -9.51
N ILE D 109 6.77 15.79 -9.13
CA ILE D 109 6.89 14.69 -10.08
C ILE D 109 5.51 14.13 -10.45
N GLU D 110 4.55 14.20 -9.51
CA GLU D 110 3.22 13.68 -9.75
C GLU D 110 2.46 14.53 -10.73
N ILE D 111 2.54 15.85 -10.58
CA ILE D 111 1.96 16.77 -11.55
C ILE D 111 2.56 16.52 -12.91
N PHE D 112 3.89 16.41 -12.96
CA PHE D 112 4.58 16.23 -14.24
C PHE D 112 4.16 14.94 -14.90
N ALA D 113 4.08 13.85 -14.13
CA ALA D 113 3.65 12.56 -14.66
C ALA D 113 2.21 12.60 -15.15
N LEU D 114 1.35 13.38 -14.48
CA LEU D 114 -0.01 13.60 -14.94
C LEU D 114 -0.03 14.28 -16.31
N PHE D 115 0.81 15.30 -16.50
CA PHE D 115 0.82 16.00 -17.78
C PHE D 115 1.32 15.09 -18.89
N ILE D 116 2.44 14.40 -18.66
CA ILE D 116 2.93 13.42 -19.63
C ILE D 116 1.92 12.30 -19.83
N SER D 117 1.25 11.87 -18.76
CA SER D 117 0.22 10.85 -18.93
C SER D 117 -0.92 11.38 -19.79
N CYS D 118 -1.33 12.63 -19.56
CA CYS D 118 -2.37 13.22 -20.40
C CYS D 118 -1.98 13.17 -21.87
N MET D 119 -0.72 13.48 -22.18
CA MET D 119 -0.24 13.48 -23.55
C MET D 119 -0.37 12.11 -24.20
N CYS D 120 -0.12 11.06 -23.44
CA CYS D 120 0.01 9.69 -23.93
C CYS D 120 -1.24 8.84 -23.72
N HIS D 121 -2.26 9.34 -23.04
CA HIS D 121 -3.20 8.41 -22.42
C HIS D 121 -4.11 7.71 -23.43
N ASP D 122 -4.13 8.13 -24.69
CA ASP D 122 -4.99 7.51 -25.71
C ASP D 122 -4.17 7.14 -26.94
N LEU D 123 -2.84 7.07 -26.82
CA LEU D 123 -1.98 6.71 -27.96
C LEU D 123 -2.55 5.51 -28.71
N ASP D 124 -2.63 5.67 -30.04
CA ASP D 124 -3.04 4.61 -30.97
C ASP D 124 -4.49 4.18 -30.78
N HIS D 125 -5.35 5.03 -30.22
CA HIS D 125 -6.75 4.66 -30.03
C HIS D 125 -7.43 4.47 -31.39
N ARG D 126 -8.20 3.39 -31.50
CA ARG D 126 -8.77 2.95 -32.78
C ARG D 126 -10.19 3.44 -32.99
N GLY D 127 -10.76 4.18 -32.05
CA GLY D 127 -12.14 4.60 -32.15
C GLY D 127 -13.13 3.60 -31.61
N THR D 128 -12.67 2.55 -30.95
CA THR D 128 -13.55 1.57 -30.33
C THR D 128 -13.24 1.46 -28.84
N ASN D 129 -14.21 0.95 -28.08
CA ASN D 129 -14.05 0.81 -26.63
C ASN D 129 -13.41 -0.53 -26.33
N ASN D 130 -13.42 -0.91 -25.05
CA ASN D 130 -12.69 -2.10 -24.62
C ASN D 130 -13.43 -3.38 -24.97
N SER D 131 -14.75 -3.38 -24.77
CA SER D 131 -15.60 -4.50 -25.18
C SER D 131 -15.34 -4.89 -26.63
N PHE D 132 -15.24 -3.91 -27.53
CA PHE D 132 -15.12 -4.24 -28.95
C PHE D 132 -13.82 -4.96 -29.25
N GLN D 133 -12.73 -4.58 -28.58
CA GLN D 133 -11.46 -5.29 -28.77
C GLN D 133 -11.60 -6.76 -28.40
N VAL D 134 -12.31 -7.05 -27.32
CA VAL D 134 -12.53 -8.44 -26.90
C VAL D 134 -13.47 -9.14 -27.86
N ALA D 135 -14.57 -8.47 -28.23
CA ALA D 135 -15.55 -9.08 -29.11
C ALA D 135 -14.93 -9.41 -30.46
N SER D 136 -14.15 -8.48 -31.03
CA SER D 136 -13.50 -8.70 -32.31
C SER D 136 -12.25 -9.56 -32.20
N LYS D 137 -11.93 -10.00 -30.98
CA LYS D 137 -10.77 -10.85 -30.75
C LYS D 137 -9.52 -10.24 -31.35
N SER D 138 -9.39 -8.93 -31.21
CA SER D 138 -8.22 -8.22 -31.70
C SER D 138 -6.98 -8.64 -30.92
N VAL D 139 -5.82 -8.35 -31.50
CA VAL D 139 -4.57 -8.72 -30.86
C VAL D 139 -4.40 -7.99 -29.53
N LEU D 140 -5.00 -6.80 -29.39
CA LEU D 140 -4.95 -6.12 -28.10
C LEU D 140 -5.71 -6.91 -27.05
N ALA D 141 -6.83 -7.50 -27.45
CA ALA D 141 -7.59 -8.35 -26.54
C ALA D 141 -6.77 -9.56 -26.13
N ALA D 142 -6.11 -10.20 -27.10
CA ALA D 142 -5.30 -11.38 -26.78
C ALA D 142 -4.17 -11.04 -25.82
N LEU D 143 -3.68 -9.80 -25.85
CA LEU D 143 -2.63 -9.38 -24.93
C LEU D 143 -3.17 -8.94 -23.58
N TYR D 144 -4.36 -8.33 -23.53
CA TYR D 144 -4.76 -7.60 -22.32
C TYR D 144 -6.14 -7.92 -21.75
N SER D 145 -6.98 -8.71 -22.44
CA SER D 145 -8.37 -8.80 -22.00
C SER D 145 -8.50 -9.41 -20.60
N SER D 146 -7.61 -10.34 -20.24
CA SER D 146 -7.73 -10.99 -18.94
C SER D 146 -7.29 -10.11 -17.78
N GLU D 147 -6.52 -9.06 -18.03
CA GLU D 147 -6.17 -8.15 -16.96
C GLU D 147 -7.03 -6.89 -16.94
N GLY D 148 -7.94 -6.73 -17.90
CA GLY D 148 -8.80 -5.57 -17.95
C GLY D 148 -8.15 -4.37 -18.62
N SER D 149 -9.01 -3.43 -18.99
CA SER D 149 -8.63 -2.11 -19.51
C SER D 149 -7.72 -2.23 -20.74
N VAL D 150 -8.25 -2.93 -21.75
CA VAL D 150 -7.46 -3.35 -22.90
C VAL D 150 -6.77 -2.14 -23.56
N MET D 151 -7.55 -1.14 -23.94
CA MET D 151 -6.99 0.00 -24.66
C MET D 151 -6.00 0.74 -23.79
N GLU D 152 -6.32 0.92 -22.50
CA GLU D 152 -5.45 1.69 -21.63
C GLU D 152 -4.14 0.96 -21.41
N ARG D 153 -4.18 -0.36 -21.23
CA ARG D 153 -2.92 -1.11 -21.22
C ARG D 153 -2.15 -0.91 -22.51
N HIS D 154 -2.87 -0.71 -23.62
CA HIS D 154 -2.21 -0.49 -24.90
C HIS D 154 -1.62 0.91 -24.98
N HIS D 155 -2.40 1.91 -24.56
CA HIS D 155 -1.92 3.30 -24.55
C HIS D 155 -0.61 3.39 -23.77
N PHE D 156 -0.58 2.79 -22.58
CA PHE D 156 0.63 2.80 -21.77
C PHE D 156 1.78 2.07 -22.47
N ALA D 157 1.49 0.92 -23.10
CA ALA D 157 2.56 0.18 -23.75
C ALA D 157 3.12 0.96 -24.92
N GLN D 158 2.26 1.72 -25.63
CA GLN D 158 2.74 2.61 -26.68
C GLN D 158 3.58 3.74 -26.10
N ALA D 159 3.19 4.29 -24.95
CA ALA D 159 3.99 5.36 -24.36
C ALA D 159 5.36 4.83 -23.96
N ILE D 160 5.39 3.60 -23.43
CA ILE D 160 6.65 2.91 -23.13
C ILE D 160 7.50 2.75 -24.38
N ALA D 161 6.88 2.36 -25.50
CA ALA D 161 7.64 2.16 -26.75
C ALA D 161 8.24 3.47 -27.25
N ILE D 162 7.52 4.58 -27.10
CA ILE D 162 8.07 5.88 -27.45
C ILE D 162 9.28 6.18 -26.58
N LEU D 163 9.14 6.02 -25.25
CA LEU D 163 10.27 6.25 -24.34
C LEU D 163 11.46 5.39 -24.69
N ASN D 164 11.21 4.19 -25.21
CA ASN D 164 12.27 3.27 -25.62
C ASN D 164 12.82 3.56 -27.01
N THR D 165 12.38 4.64 -27.66
CA THR D 165 12.86 4.99 -28.99
C THR D 165 14.08 5.90 -28.84
N HIS D 166 15.06 5.72 -29.74
CA HIS D 166 16.31 6.44 -29.63
C HIS D 166 16.05 7.94 -29.59
N GLY D 167 16.73 8.62 -28.67
CA GLY D 167 16.59 10.06 -28.55
C GLY D 167 15.23 10.54 -28.09
N CYS D 168 14.44 9.70 -27.43
CA CYS D 168 13.09 10.09 -27.06
C CYS D 168 12.81 9.98 -25.57
N ASN D 169 13.75 9.48 -24.76
CA ASN D 169 13.48 9.25 -23.35
C ASN D 169 13.77 10.54 -22.59
N ILE D 170 12.73 11.36 -22.44
CA ILE D 170 12.88 12.59 -21.68
C ILE D 170 13.22 12.34 -20.22
N PHE D 171 13.18 11.08 -19.76
CA PHE D 171 13.45 10.73 -18.36
C PHE D 171 14.80 10.07 -18.12
N ASP D 172 15.63 9.89 -19.15
CA ASP D 172 16.74 8.95 -19.06
C ASP D 172 17.87 9.45 -18.19
N HIS D 173 17.88 10.74 -17.87
CA HIS D 173 18.79 11.34 -16.91
C HIS D 173 18.23 11.35 -15.49
N PHE D 174 16.96 11.01 -15.29
CA PHE D 174 16.43 10.94 -13.94
C PHE D 174 17.17 9.89 -13.13
N SER D 175 17.25 10.10 -11.83
CA SER D 175 17.71 9.07 -10.92
C SER D 175 16.91 7.79 -11.09
N ARG D 176 17.50 6.64 -10.72
CA ARG D 176 16.81 5.36 -10.78
C ARG D 176 15.46 5.44 -10.08
N LYS D 177 15.44 6.01 -8.87
CA LYS D 177 14.18 6.17 -8.13
C LYS D 177 13.23 7.11 -8.87
N ASP D 178 13.73 8.22 -9.40
CA ASP D 178 12.83 9.16 -10.07
C ASP D 178 12.30 8.58 -11.37
N TYR D 179 13.15 7.85 -12.08
CA TYR D 179 12.74 7.19 -13.31
C TYR D 179 11.67 6.15 -13.04
N GLN D 180 11.90 5.29 -12.02
CA GLN D 180 10.89 4.29 -11.71
C GLN D 180 9.57 4.97 -11.33
N ARG D 181 9.65 6.06 -10.58
CA ARG D 181 8.47 6.79 -10.18
C ARG D 181 7.65 7.22 -11.40
N MET D 182 8.31 7.64 -12.48
CA MET D 182 7.59 8.16 -13.64
C MET D 182 6.86 7.06 -14.40
N LEU D 183 7.43 5.86 -14.46
CA LEU D 183 6.71 4.78 -15.12
C LEU D 183 5.54 4.34 -14.26
N ASP D 184 5.75 4.19 -12.95
CA ASP D 184 4.68 3.76 -12.07
C ASP D 184 3.53 4.75 -12.09
N LEU D 185 3.86 6.04 -12.09
CA LEU D 185 2.84 7.08 -12.12
C LEU D 185 2.09 7.07 -13.46
N MET D 186 2.82 7.05 -14.57
CA MET D 186 2.19 6.97 -15.88
C MET D 186 1.30 5.74 -16.04
N ARG D 187 1.75 4.58 -15.55
CA ARG D 187 0.94 3.38 -15.64
C ARG D 187 -0.34 3.51 -14.83
N ASP D 188 -0.24 3.97 -13.59
CA ASP D 188 -1.45 4.11 -12.77
C ASP D 188 -2.41 5.12 -13.37
N ILE D 189 -1.88 6.20 -13.94
CA ILE D 189 -2.72 7.32 -14.37
C ILE D 189 -3.36 7.01 -15.72
N ILE D 190 -2.60 6.41 -16.62
CA ILE D 190 -3.18 5.99 -17.90
C ILE D 190 -4.24 4.93 -17.67
N LEU D 191 -3.96 3.93 -16.82
CA LEU D 191 -4.95 2.90 -16.61
C LEU D 191 -6.22 3.44 -15.96
N ALA D 192 -6.09 4.49 -15.14
CA ALA D 192 -7.26 5.12 -14.53
C ALA D 192 -8.18 5.81 -15.52
N THR D 193 -7.74 5.99 -16.77
CA THR D 193 -8.58 6.62 -17.77
C THR D 193 -9.70 5.71 -18.27
N ASP D 194 -9.64 4.41 -17.99
CA ASP D 194 -10.79 3.52 -18.17
C ASP D 194 -11.95 3.96 -17.27
N LEU D 195 -13.07 4.40 -17.86
CA LEU D 195 -14.17 4.82 -17.00
C LEU D 195 -14.66 3.70 -16.10
N ALA D 196 -14.49 2.44 -16.53
CA ALA D 196 -14.79 1.32 -15.64
C ALA D 196 -13.96 1.37 -14.36
N HIS D 197 -12.73 1.86 -14.46
CA HIS D 197 -11.90 2.05 -13.27
C HIS D 197 -12.46 3.17 -12.40
N HIS D 198 -12.71 4.34 -13.01
CA HIS D 198 -13.25 5.46 -12.25
C HIS D 198 -14.54 5.09 -11.52
N LEU D 199 -15.43 4.32 -12.16
CA LEU D 199 -16.64 3.92 -11.47
C LEU D 199 -16.34 2.97 -10.30
N ARG D 200 -15.36 2.08 -10.47
CA ARG D 200 -14.96 1.19 -9.37
C ARG D 200 -14.43 1.98 -8.18
N ILE D 201 -13.61 2.99 -8.43
CA ILE D 201 -12.90 3.70 -7.37
C ILE D 201 -13.66 4.91 -6.87
N PHE D 202 -14.89 5.08 -7.32
CA PHE D 202 -15.63 6.30 -7.01
C PHE D 202 -15.98 6.39 -5.53
N LYS D 203 -16.38 5.26 -4.91
CA LYS D 203 -16.62 5.29 -3.47
C LYS D 203 -15.35 5.66 -2.70
N ASP D 204 -14.19 5.24 -3.19
CA ASP D 204 -12.94 5.61 -2.53
C ASP D 204 -12.64 7.10 -2.68
N LEU D 205 -12.99 7.69 -3.83
CA LEU D 205 -12.82 9.12 -4.01
C LEU D 205 -13.79 9.90 -3.13
N GLN D 206 -15.07 9.46 -3.07
CA GLN D 206 -16.01 10.11 -2.15
C GLN D 206 -15.47 10.06 -0.74
N LYS D 207 -15.05 8.87 -0.30
CA LYS D 207 -14.53 8.70 1.05
C LYS D 207 -13.38 9.66 1.29
N MET D 208 -12.50 9.81 0.31
CA MET D 208 -11.37 10.73 0.44
C MET D 208 -11.86 12.16 0.64
N ALA D 209 -12.84 12.58 -0.17
CA ALA D 209 -13.37 13.93 0.00
C ALA D 209 -14.10 14.08 1.32
N GLU D 210 -14.65 13.00 1.87
CA GLU D 210 -15.37 13.10 3.15
C GLU D 210 -14.40 13.32 4.31
N VAL D 211 -13.38 12.46 4.43
CA VAL D 211 -12.41 12.65 5.51
C VAL D 211 -11.53 13.89 5.30
N GLY D 212 -11.44 14.39 4.08
CA GLY D 212 -10.50 15.44 3.75
C GLY D 212 -9.20 14.88 3.24
N TYR D 213 -8.64 15.54 2.23
CA TYR D 213 -7.37 15.12 1.64
C TYR D 213 -6.25 15.14 2.67
N ASP D 214 -5.50 14.04 2.75
CA ASP D 214 -4.36 13.91 3.64
C ASP D 214 -3.09 13.95 2.77
N ARG D 215 -2.37 15.08 2.82
CA ARG D 215 -1.16 15.22 2.03
C ARG D 215 -0.12 14.13 2.35
N ASN D 216 -0.20 13.52 3.53
CA ASN D 216 0.74 12.48 3.93
C ASN D 216 0.20 11.08 3.67
N ASN D 217 -0.95 10.95 3.02
CA ASN D 217 -1.52 9.65 2.68
C ASN D 217 -1.20 9.38 1.22
N LYS D 218 -0.38 8.36 0.95
CA LYS D 218 0.00 8.06 -0.43
C LYS D 218 -1.18 7.55 -1.25
N GLN D 219 -2.17 6.97 -0.58
CA GLN D 219 -3.37 6.52 -1.28
C GLN D 219 -4.19 7.71 -1.76
N HIS D 220 -4.27 8.76 -0.94
CA HIS D 220 -4.94 9.99 -1.38
C HIS D 220 -4.22 10.61 -2.58
N HIS D 221 -2.87 10.60 -2.58
CA HIS D 221 -2.17 11.11 -3.76
C HIS D 221 -2.62 10.39 -5.03
N ARG D 222 -2.58 9.05 -5.02
CA ARG D 222 -2.94 8.35 -6.24
C ARG D 222 -4.45 8.49 -6.53
N LEU D 223 -5.30 8.47 -5.49
CA LEU D 223 -6.71 8.76 -5.70
C LEU D 223 -6.90 10.11 -6.38
N LEU D 224 -6.24 11.17 -5.85
CA LEU D 224 -6.36 12.51 -6.42
C LEU D 224 -5.80 12.59 -7.83
N LEU D 225 -4.71 11.85 -8.09
CA LEU D 225 -4.21 11.73 -9.45
C LEU D 225 -5.24 11.11 -10.39
N CYS D 226 -5.94 10.06 -9.93
CA CYS D 226 -6.97 9.44 -10.77
C CYS D 226 -8.06 10.43 -11.09
N LEU D 227 -8.59 11.11 -10.06
CA LEU D 227 -9.61 12.14 -10.21
C LEU D 227 -9.16 13.24 -11.15
N LEU D 228 -7.93 13.72 -11.00
CA LEU D 228 -7.47 14.77 -11.88
C LEU D 228 -7.37 14.26 -13.31
N MET D 229 -6.85 13.04 -13.48
CA MET D 229 -6.78 12.46 -14.82
C MET D 229 -8.16 12.36 -15.46
N THR D 230 -9.15 11.87 -14.72
CA THR D 230 -10.50 11.81 -15.28
C THR D 230 -11.04 13.22 -15.52
N SER D 231 -10.72 14.16 -14.62
CA SER D 231 -11.14 15.54 -14.80
C SER D 231 -10.56 16.14 -16.08
N CYS D 232 -9.33 15.76 -16.42
CA CYS D 232 -8.75 16.25 -17.68
C CYS D 232 -9.37 15.55 -18.89
N ASP D 233 -9.61 14.23 -18.79
CA ASP D 233 -10.15 13.45 -19.91
C ASP D 233 -11.51 14.00 -20.34
N LEU D 234 -12.29 14.51 -19.40
CA LEU D 234 -13.66 14.91 -19.67
C LEU D 234 -13.80 16.43 -19.78
N SER D 235 -12.68 17.16 -19.74
CA SER D 235 -12.71 18.60 -19.60
C SER D 235 -13.33 19.34 -20.79
N ASP D 236 -13.57 18.67 -21.93
CA ASP D 236 -14.38 19.31 -22.98
C ASP D 236 -15.71 19.79 -22.43
N GLN D 237 -16.24 19.12 -21.39
CA GLN D 237 -17.54 19.46 -20.85
C GLN D 237 -17.52 20.64 -19.90
N THR D 238 -16.36 21.22 -19.59
CA THR D 238 -16.27 22.42 -18.79
C THR D 238 -16.10 23.67 -19.64
N LYS D 239 -16.29 23.55 -20.95
CA LYS D 239 -16.22 24.68 -21.84
C LYS D 239 -17.65 25.16 -22.14
N GLY D 240 -17.81 26.03 -23.12
CA GLY D 240 -19.13 26.55 -23.45
C GLY D 240 -19.99 25.53 -24.18
N TRP D 241 -21.27 25.87 -24.35
CA TRP D 241 -22.20 24.96 -25.00
C TRP D 241 -21.69 24.45 -26.34
N LYS D 242 -21.16 25.34 -27.17
CA LYS D 242 -20.84 24.97 -28.54
C LYS D 242 -19.67 24.01 -28.63
N THR D 243 -18.72 24.09 -27.70
CA THR D 243 -17.65 23.10 -27.68
C THR D 243 -18.21 21.72 -27.40
N THR D 244 -19.07 21.63 -26.38
CA THR D 244 -19.58 20.32 -25.96
C THR D 244 -20.60 19.77 -26.96
N ARG D 245 -21.36 20.67 -27.60
CA ARG D 245 -22.20 20.26 -28.71
C ARG D 245 -21.36 19.62 -29.80
N LYS D 246 -20.26 20.28 -30.16
CA LYS D 246 -19.37 19.75 -31.19
C LYS D 246 -18.73 18.44 -30.73
N ILE D 247 -18.38 18.36 -29.45
CA ILE D 247 -17.76 17.15 -28.92
C ILE D 247 -18.72 15.97 -29.00
N ALA D 248 -19.99 16.17 -28.59
CA ALA D 248 -20.97 15.10 -28.73
C ALA D 248 -21.08 14.61 -30.15
N GLU D 249 -20.96 15.52 -31.12
CA GLU D 249 -20.97 15.14 -32.52
C GLU D 249 -19.85 14.16 -32.82
N LEU D 250 -18.63 14.52 -32.44
CA LEU D 250 -17.47 13.65 -32.65
C LEU D 250 -17.60 12.35 -31.88
N ILE D 251 -18.09 12.43 -30.65
CA ILE D 251 -18.16 11.23 -29.82
C ILE D 251 -19.20 10.27 -30.38
N TYR D 252 -20.38 10.77 -30.73
CA TYR D 252 -21.40 9.84 -31.20
C TYR D 252 -21.10 9.35 -32.60
N LYS D 253 -20.47 10.19 -33.43
CA LYS D 253 -19.99 9.71 -34.71
C LYS D 253 -19.08 8.49 -34.51
N GLU D 254 -18.14 8.58 -33.56
CA GLU D 254 -17.23 7.48 -33.27
C GLU D 254 -17.97 6.27 -32.69
N PHE D 255 -18.84 6.49 -31.68
CA PHE D 255 -19.69 5.42 -31.15
C PHE D 255 -20.51 4.74 -32.25
N PHE D 256 -21.23 5.53 -33.05
CA PHE D 256 -22.12 4.93 -34.04
C PHE D 256 -21.33 4.15 -35.09
N SER D 257 -20.07 4.53 -35.31
CA SER D 257 -19.24 3.74 -36.21
C SER D 257 -18.93 2.37 -35.61
N GLN D 258 -18.64 2.32 -34.30
CA GLN D 258 -18.43 1.02 -33.65
C GLN D 258 -19.71 0.18 -33.70
N GLY D 259 -20.86 0.80 -33.42
CA GLY D 259 -22.12 0.07 -33.48
C GLY D 259 -22.39 -0.54 -34.84
N ASP D 260 -22.13 0.22 -35.91
CA ASP D 260 -22.32 -0.32 -37.25
C ASP D 260 -21.48 -1.58 -37.45
N LEU D 261 -20.23 -1.54 -36.99
CA LEU D 261 -19.33 -2.69 -37.16
C LEU D 261 -19.80 -3.88 -36.33
N GLU D 262 -20.17 -3.63 -35.08
CA GLU D 262 -20.70 -4.68 -34.22
C GLU D 262 -21.91 -5.35 -34.86
N LYS D 263 -22.81 -4.57 -35.46
CA LYS D 263 -23.95 -5.15 -36.15
C LYS D 263 -23.50 -6.02 -37.32
N ALA D 264 -22.59 -5.49 -38.14
CA ALA D 264 -22.08 -6.26 -39.28
C ALA D 264 -21.43 -7.55 -38.81
N MET D 265 -20.88 -7.58 -37.59
CA MET D 265 -20.38 -8.78 -36.95
C MET D 265 -21.48 -9.62 -36.33
N GLY D 266 -22.74 -9.22 -36.43
CA GLY D 266 -23.82 -9.94 -35.82
C GLY D 266 -23.97 -9.77 -34.33
N ASN D 267 -23.17 -8.90 -33.71
CA ASN D 267 -23.32 -8.61 -32.28
C ASN D 267 -24.35 -7.51 -32.05
N ARG D 268 -24.78 -7.38 -30.79
CA ARG D 268 -25.74 -6.36 -30.40
C ARG D 268 -24.99 -5.23 -29.71
N PRO D 269 -24.86 -4.05 -30.33
CA PRO D 269 -24.14 -2.96 -29.68
C PRO D 269 -24.92 -2.40 -28.51
N MET D 270 -24.19 -1.85 -27.55
CA MET D 270 -24.81 -1.12 -26.45
C MET D 270 -25.68 0.00 -27.02
N GLU D 271 -26.61 0.51 -26.21
CA GLU D 271 -27.58 1.49 -26.69
C GLU D 271 -26.90 2.71 -27.29
N MET D 272 -25.99 3.33 -26.52
CA MET D 272 -25.42 4.60 -26.92
C MET D 272 -24.53 4.53 -28.17
N MET D 273 -24.26 3.33 -28.68
CA MET D 273 -23.50 3.15 -29.91
C MET D 273 -24.37 2.64 -31.06
N ASP D 274 -25.68 2.57 -30.85
CA ASP D 274 -26.63 2.04 -31.82
C ASP D 274 -27.40 3.23 -32.37
N ARG D 275 -27.02 3.65 -33.58
CA ARG D 275 -27.57 4.85 -34.18
C ARG D 275 -29.08 4.78 -34.40
N GLU D 276 -29.70 3.60 -34.22
CA GLU D 276 -31.14 3.42 -34.32
C GLU D 276 -31.85 3.41 -32.98
N LYS D 277 -31.10 3.45 -31.85
CA LYS D 277 -31.67 3.34 -30.52
C LYS D 277 -31.19 4.47 -29.62
N ALA D 278 -29.96 4.95 -29.85
CA ALA D 278 -29.36 5.99 -29.00
C ALA D 278 -30.14 7.30 -29.13
N TYR D 279 -30.73 7.74 -28.03
CA TYR D 279 -31.46 9.01 -27.98
C TYR D 279 -30.49 10.01 -27.37
N ILE D 280 -29.75 10.70 -28.25
CA ILE D 280 -28.62 11.53 -27.83
C ILE D 280 -28.93 12.46 -26.65
N PRO D 281 -30.04 13.22 -26.64
CA PRO D 281 -30.25 14.14 -25.51
C PRO D 281 -30.31 13.42 -24.17
N GLU D 282 -31.07 12.32 -24.07
CA GLU D 282 -31.17 11.68 -22.77
C GLU D 282 -29.84 11.05 -22.37
N LEU D 283 -29.01 10.64 -23.35
CA LEU D 283 -27.73 10.02 -23.04
C LEU D 283 -26.73 11.05 -22.54
N GLN D 284 -26.59 12.18 -23.25
CA GLN D 284 -25.76 13.29 -22.76
C GLN D 284 -26.17 13.73 -21.37
N ILE D 285 -27.46 14.03 -21.19
CA ILE D 285 -27.99 14.44 -19.89
C ILE D 285 -27.66 13.40 -18.83
N SER D 286 -27.81 12.12 -19.17
CA SER D 286 -27.44 11.08 -18.20
C SER D 286 -25.94 11.07 -17.93
N PHE D 287 -25.13 11.16 -18.98
CA PHE D 287 -23.69 11.18 -18.81
C PHE D 287 -23.25 12.39 -17.99
N MET D 288 -23.87 13.54 -18.26
CA MET D 288 -23.52 14.79 -17.58
C MET D 288 -23.94 14.77 -16.13
N GLU D 289 -25.15 14.29 -15.85
CA GLU D 289 -25.68 14.30 -14.50
C GLU D 289 -25.03 13.24 -13.62
N HIS D 290 -24.77 12.05 -14.16
CA HIS D 290 -24.44 10.91 -13.31
C HIS D 290 -23.00 10.46 -13.44
N ILE D 291 -22.24 11.02 -14.37
CA ILE D 291 -20.82 10.70 -14.46
C ILE D 291 -19.95 11.95 -14.35
N ALA D 292 -20.21 12.97 -15.18
CA ALA D 292 -19.30 14.10 -15.24
C ALA D 292 -19.49 15.05 -14.06
N MET D 293 -20.73 15.43 -13.78
CA MET D 293 -20.96 16.33 -12.65
C MET D 293 -20.46 15.73 -11.34
N PRO D 294 -20.71 14.45 -11.01
CA PRO D 294 -20.11 13.89 -9.79
C PRO D 294 -18.60 13.98 -9.76
N ILE D 295 -17.94 13.90 -10.91
CA ILE D 295 -16.49 14.05 -10.96
C ILE D 295 -16.09 15.49 -10.61
N TYR D 296 -16.73 16.48 -11.24
CA TYR D 296 -16.35 17.86 -10.97
C TYR D 296 -16.94 18.35 -9.66
N LYS D 297 -17.94 17.64 -9.12
CA LYS D 297 -18.33 17.88 -7.74
C LYS D 297 -17.21 17.48 -6.79
N LEU D 298 -16.63 16.29 -7.01
CA LEU D 298 -15.45 15.88 -6.27
C LEU D 298 -14.30 16.88 -6.44
N LEU D 299 -14.09 17.35 -7.68
CA LEU D 299 -13.01 18.29 -7.90
C LEU D 299 -13.23 19.56 -7.09
N GLN D 300 -14.47 20.04 -7.07
CA GLN D 300 -14.80 21.24 -6.33
C GLN D 300 -14.67 21.04 -4.83
N ASP D 301 -15.05 19.85 -4.33
CA ASP D 301 -14.87 19.55 -2.91
C ASP D 301 -13.42 19.73 -2.50
N LEU D 302 -12.50 19.14 -3.26
CA LEU D 302 -11.10 19.15 -2.89
C LEU D 302 -10.47 20.52 -3.14
N PHE D 303 -10.90 21.20 -4.21
CA PHE D 303 -10.32 22.48 -4.60
C PHE D 303 -11.45 23.48 -4.78
N PRO D 304 -11.68 24.36 -3.80
CA PRO D 304 -12.76 25.35 -3.94
C PRO D 304 -12.67 26.22 -5.20
N LYS D 305 -11.48 26.48 -5.73
CA LYS D 305 -11.36 27.24 -6.96
C LYS D 305 -11.83 26.47 -8.19
N ALA D 306 -12.17 25.19 -8.05
CA ALA D 306 -12.69 24.40 -9.17
C ALA D 306 -14.21 24.49 -9.28
N ALA D 307 -14.85 25.33 -8.46
CA ALA D 307 -16.30 25.42 -8.46
C ALA D 307 -16.85 25.86 -9.81
N GLU D 308 -16.17 26.79 -10.48
CA GLU D 308 -16.69 27.25 -11.76
C GLU D 308 -16.73 26.13 -12.81
N LEU D 309 -15.88 25.11 -12.65
CA LEU D 309 -15.90 23.98 -13.58
C LEU D 309 -17.13 23.12 -13.35
N TYR D 310 -17.43 22.80 -12.09
CA TYR D 310 -18.67 22.10 -11.80
C TYR D 310 -19.86 22.89 -12.34
N GLU D 311 -19.87 24.20 -12.13
CA GLU D 311 -21.00 25.02 -12.55
C GLU D 311 -21.17 25.03 -14.07
N ARG D 312 -20.06 25.06 -14.82
CA ARG D 312 -20.19 25.03 -16.27
C ARG D 312 -20.69 23.67 -16.78
N VAL D 313 -20.21 22.57 -16.19
CA VAL D 313 -20.72 21.26 -16.56
C VAL D 313 -22.21 21.17 -16.23
N ALA D 314 -22.63 21.76 -15.11
CA ALA D 314 -24.05 21.81 -14.79
C ALA D 314 -24.80 22.69 -15.79
N SER D 315 -24.21 23.84 -16.16
CA SER D 315 -24.84 24.69 -17.16
C SER D 315 -25.04 23.95 -18.48
N ASN D 316 -24.01 23.22 -18.92
CA ASN D 316 -24.08 22.45 -20.17
C ASN D 316 -25.09 21.31 -20.08
N ARG D 317 -25.25 20.71 -18.90
CA ARG D 317 -26.31 19.73 -18.69
C ARG D 317 -27.68 20.37 -18.87
N GLU D 318 -27.88 21.57 -18.32
CA GLU D 318 -29.14 22.29 -18.52
C GLU D 318 -29.39 22.52 -20.00
N HIS D 319 -28.36 22.94 -20.74
CA HIS D 319 -28.57 23.27 -22.14
C HIS D 319 -29.01 22.06 -22.94
N TRP D 320 -28.66 20.85 -22.50
CA TRP D 320 -29.16 19.65 -23.16
C TRP D 320 -30.64 19.43 -22.88
N THR D 321 -31.09 19.63 -21.64
CA THR D 321 -32.52 19.57 -21.38
C THR D 321 -33.27 20.61 -22.20
N LYS D 322 -32.69 21.81 -22.36
CA LYS D 322 -33.38 22.89 -23.04
C LYS D 322 -33.56 22.61 -24.53
N VAL D 323 -32.55 22.04 -25.18
CA VAL D 323 -32.61 21.77 -26.61
C VAL D 323 -33.06 20.35 -26.89
N SER D 324 -33.53 19.62 -25.87
CA SER D 324 -33.93 18.23 -26.03
C SER D 324 -35.10 18.10 -27.01
N HIS D 325 -36.11 18.96 -26.88
CA HIS D 325 -37.29 18.90 -27.73
C HIS D 325 -36.96 18.96 -29.23
N LYS D 326 -35.81 19.50 -29.59
CA LYS D 326 -35.49 19.65 -31.02
C LYS D 326 -35.20 18.32 -31.68
N PHE D 327 -34.96 17.25 -30.92
CA PHE D 327 -34.77 15.93 -31.50
C PHE D 327 -36.08 15.26 -31.87
N THR D 328 -37.22 15.93 -31.63
CA THR D 328 -38.53 15.46 -32.05
C THR D 328 -38.94 16.26 -33.29
N ILE D 329 -39.16 15.57 -34.41
CA ILE D 329 -39.54 16.26 -35.63
C ILE D 329 -41.00 16.67 -35.47
N ARG D 330 -41.21 17.93 -35.14
CA ARG D 330 -42.54 18.54 -35.20
C ARG D 330 -42.71 19.13 -36.60
N GLY D 331 -43.92 19.05 -37.12
CA GLY D 331 -44.14 19.45 -38.50
C GLY D 331 -43.43 18.49 -39.44
N LEU D 332 -42.91 19.03 -40.53
CA LEU D 332 -42.05 18.33 -41.46
C LEU D 332 -40.59 18.71 -41.22
N PRO D 333 -39.64 17.94 -41.79
CA PRO D 333 -38.24 18.38 -41.79
C PRO D 333 -38.03 19.66 -42.59
N SER D 334 -36.77 20.07 -42.73
CA SER D 334 -36.47 21.30 -43.45
C SER D 334 -36.72 21.15 -44.94
N ASN D 335 -36.39 20.00 -45.51
CA ASN D 335 -36.63 19.79 -46.93
C ASN D 335 -38.11 19.58 -47.27
N ASN D 336 -38.99 19.54 -46.27
CA ASN D 336 -40.44 19.46 -46.47
C ASN D 336 -40.86 18.14 -47.12
N SER D 337 -40.15 17.05 -46.84
CA SER D 337 -40.56 15.75 -47.38
C SER D 337 -40.40 14.68 -46.32
N LEU D 338 -41.16 13.59 -46.51
CA LEU D 338 -41.15 12.48 -45.58
C LEU D 338 -40.36 11.28 -46.09
N ASP D 339 -39.44 11.51 -47.05
CA ASP D 339 -38.67 10.42 -47.64
C ASP D 339 -37.83 9.67 -46.60
N PHE D 340 -37.40 10.36 -45.54
CA PHE D 340 -36.55 9.74 -44.53
C PHE D 340 -37.29 8.61 -43.80
N LEU D 341 -38.56 8.37 -44.16
CA LEU D 341 -39.34 7.29 -43.56
C LEU D 341 -39.22 5.96 -44.31
N ASP D 342 -38.75 5.99 -45.55
CA ASP D 342 -38.63 4.75 -46.34
C ASP D 342 -37.23 4.15 -46.18
#